data_9GRB
#
_entry.id   9GRB
#
_cell.length_a   180.75
_cell.length_b   109.801
_cell.length_c   135.435
_cell.angle_alpha   90
_cell.angle_beta   92.886
_cell.angle_gamma   90
#
_symmetry.space_group_name_H-M   'C 1 2 1'
#
loop_
_entity.id
_entity.type
_entity.pdbx_description
1 polymer 'Carboxylic ester hydrolase'
2 branched alpha-L-fucopyranose-(1-6)-2-acetamido-2-deoxy-beta-D-glucopyranose
3 non-polymer 2-acetamido-2-deoxy-beta-D-glucopyranose
4 water water
#
_entity_poly.entity_id   1
_entity_poly.type   'polypeptide(L)'
_entity_poly.pdbx_seq_one_letter_code
;SPEASPIRNTHTGQVRGSLVHVKDTKAGVHTFLGIPFAKPPVGPLRFAPPEAPEPWSGVRDGTAHPAMCLQNLGVMKEIK
LKLPPVSTSEDCLYLNIYTPAHAHEGSNLPVMVWIHGGGLVAGMASMYDGSLLAAIEDLVVVTIQYRLGVLGFFSTGDQH
ARGNWGFLDQVAALRWIQQNIAHFGGKPDRVTIFGESAGGTSVSSHVVSPMSKGLFHGAIMESGVALLPYLITDTSEMVS
TTVAKLSGCEAMDSEALVRCLRGKSEAEILAINKLVQMIPAVVDGEFFPRHPKELLASEDFHPVPSIIGVNNDEFGWTIP
VVMGSAQTIKEITRENLQAVLKNTTAQLMLPPECSDLLMEEYMGDTEDAQTLQIQFTEMMEDFMFVIPALQVAYFQRSHA
SVYFYEFQHQIASLKDVRPTHVKADHADEIPFVFGYFFWDMKLDFTEGEKLLSRRMMKYWANFARHGNPNSEGLPYWPVM
DHDEQYLQLDTQPAVGRALKSRRLQFWTKTLSQKIQELRASQD
;
_entity_poly.pdbx_strand_id   D,A,B,C
#
loop_
_chem_comp.id
_chem_comp.type
_chem_comp.name
_chem_comp.formula
FUC L-saccharide, alpha linking alpha-L-fucopyranose 'C6 H12 O5'
NAG D-saccharide, beta linking 2-acetamido-2-deoxy-beta-D-glucopyranose 'C8 H15 N O6'
#
# COMPACT_ATOMS: atom_id res chain seq x y z
N SER A 1 1.42 40.18 54.61
CA SER A 1 0.86 41.45 54.10
C SER A 1 0.01 41.22 52.84
N PRO A 2 -1.33 41.04 52.99
CA PRO A 2 -2.20 40.98 51.82
C PRO A 2 -2.43 42.36 51.19
N GLU A 3 -2.72 42.37 49.89
CA GLU A 3 -3.03 43.61 49.18
C GLU A 3 -4.35 44.20 49.68
N ALA A 4 -4.39 45.51 49.96
CA ALA A 4 -5.63 46.27 50.00
C ALA A 4 -5.95 46.65 48.56
N SER A 5 -7.21 46.93 48.26
CA SER A 5 -7.66 47.18 46.89
C SER A 5 -7.16 46.12 45.90
N PRO A 6 -7.43 44.81 46.10
CA PRO A 6 -7.05 43.80 45.14
C PRO A 6 -7.76 43.95 43.79
N ILE A 7 -7.02 43.66 42.71
CA ILE A 7 -7.63 43.57 41.39
C ILE A 7 -7.68 42.11 40.93
N ARG A 8 -8.82 41.73 40.36
CA ARG A 8 -9.01 40.39 39.83
C ARG A 8 -9.60 40.47 38.43
N ASN A 9 -9.33 39.43 37.62
CA ASN A 9 -9.81 39.34 36.26
C ASN A 9 -11.18 38.67 36.21
N THR A 10 -12.04 39.16 35.32
CA THR A 10 -13.21 38.43 34.84
C THR A 10 -13.16 38.40 33.31
N HIS A 11 -14.03 37.57 32.71
CA HIS A 11 -14.13 37.47 31.27
C HIS A 11 -14.47 38.84 30.64
N THR A 12 -15.19 39.69 31.39
CA THR A 12 -15.69 41.00 30.96
C THR A 12 -14.77 42.15 31.36
N GLY A 13 -13.69 41.84 32.10
CA GLY A 13 -12.73 42.87 32.49
C GLY A 13 -12.37 42.79 33.98
N GLN A 14 -11.52 43.73 34.41
CA GLN A 14 -10.96 43.72 35.74
C GLN A 14 -11.90 44.39 36.73
N VAL A 15 -11.88 43.88 37.98
CA VAL A 15 -12.65 44.43 39.07
C VAL A 15 -11.75 44.64 40.29
N ARG A 16 -11.98 45.74 41.00
CA ARG A 16 -11.22 46.09 42.19
C ARG A 16 -12.08 45.89 43.43
N GLY A 17 -11.54 45.16 44.41
CA GLY A 17 -12.26 44.85 45.64
C GLY A 17 -11.64 45.53 46.85
N SER A 18 -12.00 45.04 48.05
CA SER A 18 -11.54 45.59 49.32
C SER A 18 -10.96 44.48 50.20
N LEU A 19 -10.05 44.86 51.08
CA LEU A 19 -9.56 44.01 52.16
C LEU A 19 -10.38 44.33 53.41
N VAL A 20 -10.95 43.29 54.02
CA VAL A 20 -11.58 43.39 55.33
C VAL A 20 -11.04 42.32 56.29
N HIS A 21 -11.39 42.43 57.58
CA HIS A 21 -10.89 41.54 58.62
C HIS A 21 -12.07 41.15 59.49
N VAL A 22 -12.03 39.96 60.13
CA VAL A 22 -13.14 39.50 60.97
C VAL A 22 -12.64 38.98 62.32
N LYS A 23 -13.53 38.86 63.31
CA LYS A 23 -13.17 38.36 64.64
C LYS A 23 -12.76 36.88 64.59
N ASP A 24 -11.94 36.46 65.57
CA ASP A 24 -11.62 35.06 65.79
C ASP A 24 -10.65 34.51 64.73
N THR A 25 -10.04 35.37 63.90
CA THR A 25 -9.07 34.86 62.94
C THR A 25 -8.07 35.94 62.58
N LYS A 26 -6.82 35.53 62.34
CA LYS A 26 -5.77 36.37 61.76
C LYS A 26 -6.10 36.73 60.29
N ALA A 27 -6.88 35.88 59.61
CA ALA A 27 -6.95 35.82 58.16
C ALA A 27 -7.79 36.96 57.61
N GLY A 28 -7.27 37.66 56.59
CA GLY A 28 -8.05 38.69 55.89
C GLY A 28 -9.02 38.10 54.86
N VAL A 29 -9.93 38.94 54.39
CA VAL A 29 -10.91 38.58 53.40
C VAL A 29 -10.89 39.65 52.32
N HIS A 30 -10.92 39.20 51.07
CA HIS A 30 -11.13 40.09 49.94
C HIS A 30 -12.58 40.00 49.51
N THR A 31 -13.21 41.16 49.26
CA THR A 31 -14.59 41.25 48.81
C THR A 31 -14.64 41.94 47.45
N PHE A 32 -15.50 41.42 46.59
CA PHE A 32 -15.74 41.96 45.27
C PHE A 32 -17.26 42.02 45.11
N LEU A 33 -17.81 43.24 45.13
CA LEU A 33 -19.25 43.43 45.20
C LEU A 33 -19.82 43.93 43.87
N GLY A 34 -21.05 43.52 43.53
CA GLY A 34 -21.81 44.07 42.43
C GLY A 34 -21.23 43.68 41.07
N ILE A 35 -20.70 42.46 40.95
CA ILE A 35 -20.20 41.97 39.68
C ILE A 35 -21.37 41.49 38.83
N PRO A 36 -21.54 42.00 37.59
CA PRO A 36 -22.65 41.59 36.74
C PRO A 36 -22.38 40.21 36.12
N PHE A 37 -23.40 39.35 36.17
CA PHE A 37 -23.26 38.00 35.60
C PHE A 37 -24.18 37.83 34.39
N ALA A 38 -25.02 38.84 34.10
CA ALA A 38 -25.92 38.88 32.97
C ALA A 38 -26.16 40.33 32.57
N LYS A 39 -26.68 40.57 31.37
CA LYS A 39 -27.09 41.92 31.00
C LYS A 39 -28.29 42.30 31.84
N PRO A 40 -28.48 43.60 32.16
CA PRO A 40 -29.72 44.09 32.73
C PRO A 40 -30.94 43.55 31.97
N PRO A 41 -31.86 42.80 32.63
CA PRO A 41 -33.03 42.23 31.97
C PRO A 41 -34.14 43.25 31.71
N VAL A 42 -33.81 44.28 30.91
CA VAL A 42 -34.66 45.45 30.71
C VAL A 42 -35.12 45.55 29.25
N GLY A 43 -36.19 46.31 29.01
CA GLY A 43 -36.75 46.48 27.68
C GLY A 43 -37.24 45.15 27.10
N PRO A 44 -36.71 44.73 25.92
CA PRO A 44 -37.06 43.42 25.35
C PRO A 44 -36.51 42.24 26.15
N LEU A 45 -35.54 42.50 27.04
CA LEU A 45 -34.98 41.45 27.90
C LEU A 45 -35.85 41.16 29.14
N ARG A 46 -36.92 41.94 29.37
CA ARG A 46 -37.88 41.57 30.40
C ARG A 46 -38.69 40.35 29.94
N PHE A 47 -38.91 39.38 30.84
CA PHE A 47 -39.55 38.09 30.54
C PHE A 47 -38.82 37.32 29.44
N ALA A 48 -37.49 37.41 29.46
CA ALA A 48 -36.66 36.69 28.50
C ALA A 48 -35.49 36.06 29.25
N PRO A 49 -34.86 34.99 28.70
CA PRO A 49 -33.71 34.38 29.35
C PRO A 49 -32.59 35.39 29.56
N PRO A 50 -31.71 35.21 30.57
CA PRO A 50 -30.60 36.12 30.76
C PRO A 50 -29.58 36.01 29.63
N GLU A 51 -28.93 37.13 29.30
CA GLU A 51 -27.92 37.19 28.27
C GLU A 51 -26.56 37.56 28.86
N ALA A 52 -25.48 37.30 28.12
CA ALA A 52 -24.12 37.49 28.62
C ALA A 52 -23.87 38.95 28.97
N PRO A 53 -23.16 39.25 30.09
CA PRO A 53 -22.83 40.62 30.46
C PRO A 53 -21.90 41.29 29.47
N GLU A 54 -22.01 42.62 29.38
CA GLU A 54 -21.19 43.42 28.47
C GLU A 54 -19.80 43.63 29.06
N PRO A 55 -18.73 43.61 28.24
CA PRO A 55 -17.39 43.96 28.75
C PRO A 55 -17.29 45.45 29.07
N TRP A 56 -16.26 45.80 29.85
CA TRP A 56 -15.98 47.19 30.19
C TRP A 56 -14.49 47.46 30.02
N SER A 57 -14.16 48.75 29.83
CA SER A 57 -12.78 49.19 29.83
C SER A 57 -12.35 49.59 31.24
N GLY A 58 -11.06 49.37 31.53
CA GLY A 58 -10.49 49.76 32.81
C GLY A 58 -11.02 48.89 33.96
N VAL A 59 -10.85 49.42 35.18
CA VAL A 59 -11.07 48.61 36.37
C VAL A 59 -12.43 48.97 36.97
N ARG A 60 -13.34 47.99 37.04
CA ARG A 60 -14.65 48.22 37.59
C ARG A 60 -14.55 48.30 39.12
N ASP A 61 -15.30 49.25 39.71
CA ASP A 61 -15.37 49.40 41.16
C ASP A 61 -16.22 48.28 41.75
N GLY A 62 -15.60 47.44 42.60
CA GLY A 62 -16.31 46.35 43.25
C GLY A 62 -16.40 46.53 44.76
N THR A 63 -16.61 47.78 45.20
CA THR A 63 -16.62 48.11 46.62
C THR A 63 -18.01 48.55 47.08
N ALA A 64 -19.00 48.52 46.19
CA ALA A 64 -20.37 48.86 46.56
C ALA A 64 -21.31 47.69 46.28
N HIS A 65 -22.27 47.50 47.18
CA HIS A 65 -23.31 46.52 46.99
C HIS A 65 -24.21 46.91 45.82
N PRO A 66 -24.75 45.92 45.05
CA PRO A 66 -25.67 46.22 43.97
C PRO A 66 -27.08 46.51 44.45
N ALA A 67 -27.90 47.12 43.61
CA ALA A 67 -29.33 47.22 43.87
C ALA A 67 -29.94 45.83 44.06
N MET A 68 -30.96 45.74 44.92
CA MET A 68 -31.78 44.53 45.00
C MET A 68 -32.78 44.52 43.84
N CYS A 69 -33.18 43.33 43.38
CA CYS A 69 -34.21 43.24 42.33
C CYS A 69 -35.51 43.91 42.77
N LEU A 70 -36.35 44.31 41.80
CA LEU A 70 -37.63 44.94 42.09
C LEU A 70 -38.41 44.10 43.08
N GLN A 71 -38.77 44.77 44.18
CA GLN A 71 -39.62 44.16 45.20
C GLN A 71 -40.37 45.27 45.93
N ASN A 72 -41.56 44.93 46.40
CA ASN A 72 -42.34 45.79 47.25
C ASN A 72 -41.67 45.87 48.62
N LEU A 73 -41.11 47.05 48.93
CA LEU A 73 -40.41 47.26 50.19
C LEU A 73 -41.43 47.47 51.30
N GLY A 74 -41.56 46.46 52.17
CA GLY A 74 -42.32 46.63 53.41
C GLY A 74 -42.87 45.31 53.93
N GLU A 78 -42.44 45.60 63.60
CA GLU A 78 -42.72 44.19 63.22
C GLU A 78 -41.58 43.28 63.68
N ILE A 79 -41.04 42.50 62.72
CA ILE A 79 -39.74 41.87 62.82
C ILE A 79 -38.79 42.62 61.88
N LYS A 80 -37.80 43.30 62.47
CA LYS A 80 -36.96 44.24 61.75
C LYS A 80 -35.57 43.65 61.47
N LEU A 81 -35.09 43.83 60.23
CA LEU A 81 -33.80 43.32 59.78
C LEU A 81 -32.82 44.46 59.50
N LYS A 82 -31.52 44.15 59.67
CA LYS A 82 -30.46 45.05 59.24
C LYS A 82 -30.33 44.97 57.72
N LEU A 83 -31.15 45.76 57.02
CA LEU A 83 -31.10 45.85 55.58
C LEU A 83 -29.94 46.78 55.19
N PRO A 84 -29.11 46.42 54.18
CA PRO A 84 -28.10 47.34 53.66
C PRO A 84 -28.70 48.50 52.87
N PRO A 85 -28.05 49.69 52.84
CA PRO A 85 -28.58 50.83 52.10
C PRO A 85 -28.39 50.72 50.59
N VAL A 86 -29.25 49.92 49.95
CA VAL A 86 -29.23 49.71 48.51
C VAL A 86 -30.59 50.11 47.93
N SER A 87 -30.57 50.52 46.67
CA SER A 87 -31.81 50.81 45.95
C SER A 87 -32.45 49.51 45.44
N THR A 88 -33.69 49.63 44.97
CA THR A 88 -34.35 48.53 44.28
C THR A 88 -34.39 48.89 42.79
N SER A 89 -34.14 47.90 41.92
CA SER A 89 -34.10 48.17 40.49
C SER A 89 -34.39 46.91 39.67
N GLU A 90 -34.84 47.05 38.42
CA GLU A 90 -34.94 45.94 37.49
C GLU A 90 -33.53 45.46 37.08
N ASP A 91 -32.58 46.39 37.08
CA ASP A 91 -31.17 46.12 36.85
C ASP A 91 -30.53 45.58 38.13
N CYS A 92 -30.49 44.24 38.27
CA CYS A 92 -30.15 43.65 39.56
C CYS A 92 -29.39 42.31 39.45
N LEU A 93 -28.99 41.91 38.24
CA LEU A 93 -28.34 40.63 38.03
C LEU A 93 -26.85 40.74 38.35
N TYR A 94 -26.56 40.83 39.66
CA TYR A 94 -25.20 40.96 40.17
C TYR A 94 -24.93 39.87 41.21
N LEU A 95 -23.65 39.62 41.47
CA LEU A 95 -23.22 38.73 42.53
C LEU A 95 -22.07 39.36 43.33
N ASN A 96 -21.90 38.88 44.56
CA ASN A 96 -20.85 39.32 45.45
C ASN A 96 -19.96 38.13 45.83
N ILE A 97 -18.65 38.38 45.94
CA ILE A 97 -17.66 37.34 46.16
C ILE A 97 -16.83 37.70 47.39
N TYR A 98 -16.69 36.72 48.30
CA TYR A 98 -15.84 36.80 49.50
C TYR A 98 -14.79 35.71 49.38
N THR A 99 -13.50 36.07 49.42
CA THR A 99 -12.42 35.09 49.36
C THR A 99 -11.43 35.35 50.49
N PRO A 100 -10.67 34.32 50.95
CA PRO A 100 -9.54 34.58 51.82
C PRO A 100 -8.59 35.49 51.09
N ALA A 101 -7.91 36.36 51.84
CA ALA A 101 -7.02 37.36 51.27
C ALA A 101 -5.83 36.72 50.58
N HIS A 102 -5.45 35.51 51.02
CA HIS A 102 -4.32 34.77 50.47
C HIS A 102 -4.70 34.11 49.14
N ALA A 103 -6.00 34.06 48.81
CA ALA A 103 -6.47 33.41 47.60
C ALA A 103 -6.11 34.28 46.38
N HIS A 104 -5.66 33.58 45.34
CA HIS A 104 -5.28 34.15 44.06
C HIS A 104 -5.65 33.12 42.98
N GLU A 105 -5.43 33.47 41.71
CA GLU A 105 -5.58 32.55 40.60
C GLU A 105 -4.91 31.20 40.90
N GLY A 106 -5.72 30.13 40.94
CA GLY A 106 -5.19 28.78 41.08
C GLY A 106 -5.22 28.25 42.52
N SER A 107 -5.75 29.02 43.49
CA SER A 107 -5.74 28.57 44.88
C SER A 107 -6.57 27.30 45.07
N ASN A 108 -7.58 27.08 44.23
CA ASN A 108 -8.40 25.88 44.21
C ASN A 108 -9.11 25.66 45.55
N LEU A 109 -9.71 26.72 46.09
CA LEU A 109 -10.53 26.60 47.28
C LEU A 109 -11.93 26.14 46.88
N PRO A 110 -12.65 25.40 47.76
CA PRO A 110 -14.07 25.16 47.52
C PRO A 110 -14.85 26.47 47.43
N VAL A 111 -15.96 26.42 46.69
CA VAL A 111 -16.83 27.58 46.44
C VAL A 111 -18.21 27.24 47.00
N MET A 112 -18.76 28.15 47.82
CA MET A 112 -20.12 27.98 48.33
C MET A 112 -20.96 29.13 47.79
N VAL A 113 -22.08 28.79 47.17
CA VAL A 113 -22.90 29.76 46.46
C VAL A 113 -24.24 29.86 47.18
N TRP A 114 -24.47 31.00 47.80
CA TRP A 114 -25.67 31.23 48.58
C TRP A 114 -26.79 31.79 47.71
N ILE A 115 -27.95 31.14 47.80
CA ILE A 115 -29.15 31.62 47.15
C ILE A 115 -30.13 32.05 48.23
N HIS A 116 -30.45 33.35 48.28
CA HIS A 116 -31.30 33.89 49.35
C HIS A 116 -32.75 33.45 49.17
N GLY A 117 -33.48 33.43 50.29
CA GLY A 117 -34.92 33.25 50.30
C GLY A 117 -35.67 34.58 50.26
N GLY A 118 -36.97 34.56 50.60
CA GLY A 118 -37.84 35.71 50.37
C GLY A 118 -39.02 35.37 49.45
N GLY A 119 -39.45 34.11 49.41
CA GLY A 119 -40.68 33.67 48.76
C GLY A 119 -40.71 33.85 47.24
N LEU A 120 -39.53 33.99 46.60
CA LEU A 120 -39.38 34.30 45.18
C LEU A 120 -39.99 35.66 44.83
N VAL A 121 -40.20 36.52 45.84
CA VAL A 121 -40.77 37.85 45.66
C VAL A 121 -39.89 38.92 46.33
N ALA A 122 -38.96 38.53 47.20
CA ALA A 122 -38.22 39.48 48.01
C ALA A 122 -36.81 38.96 48.29
N GLY A 123 -35.95 39.81 48.85
CA GLY A 123 -34.63 39.41 49.25
C GLY A 123 -33.54 40.04 48.40
N MET A 124 -32.29 39.84 48.82
CA MET A 124 -31.13 40.40 48.17
C MET A 124 -29.87 39.67 48.65
N ALA A 125 -28.79 39.76 47.87
CA ALA A 125 -27.53 39.09 48.19
C ALA A 125 -26.80 39.82 49.32
N SER A 126 -26.96 41.14 49.36
CA SER A 126 -26.15 42.02 50.18
C SER A 126 -26.44 41.92 51.69
N MET A 127 -27.56 41.29 52.09
CA MET A 127 -27.79 40.99 53.50
C MET A 127 -26.82 39.95 54.04
N TYR A 128 -26.28 39.10 53.15
CA TYR A 128 -25.47 37.96 53.54
C TYR A 128 -23.99 38.26 53.30
N ASP A 129 -23.26 38.51 54.39
CA ASP A 129 -21.83 38.76 54.32
C ASP A 129 -21.09 37.45 54.54
N GLY A 130 -20.41 36.97 53.49
CA GLY A 130 -19.74 35.69 53.51
C GLY A 130 -18.33 35.76 54.13
N SER A 131 -17.92 36.93 54.64
CA SER A 131 -16.55 37.13 55.10
C SER A 131 -16.13 36.13 56.17
N LEU A 132 -16.96 35.93 57.20
CA LEU A 132 -16.59 35.11 58.33
C LEU A 132 -16.46 33.65 57.88
N LEU A 133 -17.47 33.16 57.14
CA LEU A 133 -17.46 31.83 56.59
C LEU A 133 -16.23 31.61 55.71
N ALA A 134 -15.94 32.55 54.81
CA ALA A 134 -14.77 32.52 53.95
C ALA A 134 -13.46 32.43 54.75
N ALA A 135 -13.28 33.27 55.76
CA ALA A 135 -12.02 33.35 56.49
C ALA A 135 -11.83 32.16 57.43
N ILE A 136 -12.88 31.76 58.15
CA ILE A 136 -12.75 30.76 59.18
C ILE A 136 -12.58 29.38 58.54
N GLU A 137 -13.30 29.12 57.44
CA GLU A 137 -13.30 27.77 56.87
C GLU A 137 -12.54 27.70 55.54
N ASP A 138 -11.87 28.79 55.16
CA ASP A 138 -10.92 28.81 54.06
C ASP A 138 -11.60 28.44 52.72
N LEU A 139 -12.61 29.22 52.34
CA LEU A 139 -13.34 28.93 51.12
C LEU A 139 -13.89 30.21 50.49
N VAL A 140 -14.29 30.11 49.22
CA VAL A 140 -14.81 31.25 48.48
C VAL A 140 -16.34 31.22 48.62
N VAL A 141 -16.92 32.34 49.03
CA VAL A 141 -18.36 32.42 49.21
C VAL A 141 -18.89 33.42 48.19
N VAL A 142 -19.90 32.97 47.41
CA VAL A 142 -20.56 33.80 46.43
C VAL A 142 -22.02 33.97 46.84
N THR A 143 -22.53 35.20 46.83
CA THR A 143 -23.96 35.43 47.01
C THR A 143 -24.54 35.98 45.72
N ILE A 144 -25.66 35.41 45.27
CA ILE A 144 -26.20 35.74 43.95
C ILE A 144 -27.57 36.42 44.08
N GLN A 145 -27.94 37.17 43.03
CA GLN A 145 -29.28 37.72 42.90
C GLN A 145 -29.96 37.10 41.69
N TYR A 146 -31.28 37.24 41.64
CA TYR A 146 -32.11 36.68 40.58
C TYR A 146 -33.45 37.42 40.60
N ARG A 147 -34.14 37.48 39.46
CA ARG A 147 -35.39 38.22 39.34
C ARG A 147 -36.46 37.64 40.25
N LEU A 148 -37.32 38.54 40.76
CA LEU A 148 -38.34 38.23 41.74
C LEU A 148 -39.71 38.64 41.22
N GLY A 149 -40.76 38.01 41.79
CA GLY A 149 -42.13 38.44 41.56
C GLY A 149 -42.55 38.31 40.10
N VAL A 150 -43.24 39.33 39.60
CA VAL A 150 -43.76 39.33 38.23
C VAL A 150 -42.59 39.19 37.24
N LEU A 151 -41.54 40.01 37.43
CA LEU A 151 -40.37 39.99 36.58
C LEU A 151 -39.65 38.64 36.60
N GLY A 152 -39.72 37.93 37.74
CA GLY A 152 -39.02 36.67 37.92
C GLY A 152 -39.80 35.45 37.40
N PHE A 153 -41.15 35.49 37.44
CA PHE A 153 -41.92 34.26 37.37
C PHE A 153 -43.20 34.39 36.52
N PHE A 154 -43.40 35.53 35.87
CA PHE A 154 -44.57 35.65 35.01
C PHE A 154 -44.52 34.63 33.87
N SER A 155 -45.65 33.98 33.59
CA SER A 155 -45.72 32.93 32.59
C SER A 155 -47.06 33.00 31.85
N THR A 156 -47.02 32.83 30.52
CA THR A 156 -48.22 32.67 29.70
C THR A 156 -48.55 31.20 29.47
N GLY A 157 -47.68 30.27 29.92
CA GLY A 157 -47.85 28.84 29.67
C GLY A 157 -47.55 28.45 28.22
N ASP A 158 -46.81 29.29 27.48
CA ASP A 158 -46.51 29.05 26.07
C ASP A 158 -45.20 29.76 25.70
N GLN A 159 -44.87 29.80 24.40
CA GLN A 159 -43.58 30.29 23.95
C GLN A 159 -43.35 31.78 24.25
N HIS A 160 -44.40 32.59 24.43
CA HIS A 160 -44.23 34.03 24.56
C HIS A 160 -43.60 34.41 25.91
N ALA A 161 -43.91 33.65 26.96
CA ALA A 161 -43.30 33.79 28.28
C ALA A 161 -43.36 32.45 28.99
N ARG A 162 -42.35 31.59 28.76
CA ARG A 162 -42.36 30.23 29.28
C ARG A 162 -42.40 30.26 30.81
N GLY A 163 -41.58 31.12 31.42
CA GLY A 163 -41.55 31.31 32.85
C GLY A 163 -40.16 31.10 33.43
N ASN A 164 -40.09 31.17 34.77
CA ASN A 164 -38.96 30.79 35.58
C ASN A 164 -37.73 31.65 35.29
N TRP A 165 -37.92 32.93 34.91
CA TRP A 165 -36.83 33.87 34.68
C TRP A 165 -35.84 33.90 35.84
N GLY A 166 -36.35 33.95 37.08
CA GLY A 166 -35.52 33.95 38.27
C GLY A 166 -34.64 32.71 38.40
N PHE A 167 -35.16 31.53 38.01
CA PHE A 167 -34.36 30.32 38.06
C PHE A 167 -33.30 30.32 36.95
N LEU A 168 -33.65 30.83 35.75
CA LEU A 168 -32.71 30.98 34.65
C LEU A 168 -31.57 31.93 35.04
N ASP A 169 -31.86 32.98 35.81
CA ASP A 169 -30.85 33.89 36.34
C ASP A 169 -29.88 33.16 37.26
N GLN A 170 -30.41 32.28 38.12
CA GLN A 170 -29.56 31.48 39.00
C GLN A 170 -28.63 30.58 38.19
N VAL A 171 -29.15 29.99 37.09
CA VAL A 171 -28.34 29.22 36.15
C VAL A 171 -27.24 30.07 35.54
N ALA A 172 -27.57 31.29 35.12
CA ALA A 172 -26.59 32.21 34.52
C ALA A 172 -25.47 32.56 35.50
N ALA A 173 -25.83 32.76 36.77
CA ALA A 173 -24.85 33.06 37.81
C ALA A 173 -23.92 31.87 38.03
N LEU A 174 -24.48 30.64 38.01
CA LEU A 174 -23.67 29.44 38.15
C LEU A 174 -22.76 29.25 36.93
N ARG A 175 -23.25 29.56 35.73
CA ARG A 175 -22.42 29.50 34.53
C ARG A 175 -21.26 30.50 34.64
N TRP A 176 -21.56 31.71 35.11
CA TRP A 176 -20.53 32.71 35.36
C TRP A 176 -19.47 32.22 36.35
N ILE A 177 -19.91 31.57 37.45
CA ILE A 177 -18.99 31.02 38.45
C ILE A 177 -18.08 29.98 37.81
N GLN A 178 -18.59 29.07 36.98
CA GLN A 178 -17.77 28.11 36.24
C GLN A 178 -16.70 28.84 35.43
N GLN A 179 -17.08 29.91 34.73
CA GLN A 179 -16.18 30.60 33.83
C GLN A 179 -15.18 31.50 34.56
N ASN A 180 -15.49 31.98 35.77
CA ASN A 180 -14.72 33.07 36.36
C ASN A 180 -14.11 32.78 37.74
N ILE A 181 -14.63 31.80 38.49
CA ILE A 181 -14.30 31.74 39.91
C ILE A 181 -12.83 31.38 40.15
N ALA A 182 -12.19 30.73 39.16
CA ALA A 182 -10.78 30.40 39.29
C ALA A 182 -9.93 31.67 39.42
N HIS A 183 -10.37 32.78 38.83
CA HIS A 183 -9.63 34.03 38.89
C HIS A 183 -9.65 34.62 40.31
N PHE A 184 -10.58 34.14 41.16
CA PHE A 184 -10.70 34.58 42.53
C PHE A 184 -10.17 33.52 43.50
N GLY A 185 -9.64 32.40 42.99
CA GLY A 185 -9.05 31.36 43.82
C GLY A 185 -10.00 30.19 44.12
N GLY A 186 -11.15 30.15 43.44
CA GLY A 186 -12.11 29.06 43.59
C GLY A 186 -11.80 27.91 42.64
N LYS A 187 -12.23 26.70 43.03
CA LYS A 187 -12.16 25.53 42.16
C LYS A 187 -13.55 25.34 41.53
N PRO A 188 -13.70 25.53 40.20
CA PRO A 188 -15.00 25.34 39.55
C PRO A 188 -15.59 23.93 39.67
N ASP A 189 -14.74 22.92 39.93
CA ASP A 189 -15.17 21.54 40.16
C ASP A 189 -15.55 21.25 41.62
N ARG A 190 -15.55 22.27 42.49
CA ARG A 190 -15.92 22.09 43.90
C ARG A 190 -16.87 23.23 44.28
N VAL A 191 -18.00 23.31 43.57
CA VAL A 191 -19.02 24.30 43.89
C VAL A 191 -20.15 23.62 44.66
N THR A 192 -20.51 24.15 45.84
CA THR A 192 -21.71 23.74 46.56
C THR A 192 -22.71 24.89 46.56
N ILE A 193 -23.95 24.61 46.15
CA ILE A 193 -25.01 25.59 46.31
C ILE A 193 -25.72 25.39 47.65
N PHE A 194 -26.06 26.50 48.31
CA PHE A 194 -26.76 26.45 49.58
C PHE A 194 -27.76 27.59 49.68
N GLY A 195 -28.82 27.40 50.45
CA GLY A 195 -29.83 28.41 50.54
C GLY A 195 -30.92 28.02 51.53
N GLU A 196 -31.69 29.03 51.94
CA GLU A 196 -32.66 28.87 53.01
C GLU A 196 -34.04 29.25 52.49
N SER A 197 -35.04 28.47 52.91
CA SER A 197 -36.43 28.74 52.56
C SER A 197 -36.62 28.70 51.03
N ALA A 198 -37.10 29.76 50.38
CA ALA A 198 -37.19 29.77 48.92
C ALA A 198 -35.82 29.61 48.25
N GLY A 199 -34.75 29.98 48.97
CA GLY A 199 -33.39 29.67 48.56
C GLY A 199 -33.10 28.18 48.58
N GLY A 200 -33.67 27.46 49.57
CA GLY A 200 -33.62 26.00 49.62
C GLY A 200 -34.47 25.35 48.52
N THR A 201 -35.66 25.91 48.27
CA THR A 201 -36.47 25.50 47.14
C THR A 201 -35.66 25.66 45.83
N SER A 202 -34.94 26.79 45.71
CA SER A 202 -34.09 27.06 44.56
C SER A 202 -33.01 26.00 44.42
N VAL A 203 -32.27 25.73 45.50
CA VAL A 203 -31.23 24.72 45.51
C VAL A 203 -31.80 23.38 45.07
N SER A 204 -32.92 22.98 45.70
CA SER A 204 -33.61 21.74 45.43
C SER A 204 -34.06 21.64 43.96
N SER A 205 -34.43 22.79 43.38
CA SER A 205 -34.80 22.92 41.98
C SER A 205 -33.61 22.69 41.06
N HIS A 206 -32.43 23.25 41.39
CA HIS A 206 -31.22 22.96 40.65
C HIS A 206 -30.83 21.48 40.71
N VAL A 207 -31.04 20.84 41.86
CA VAL A 207 -30.69 19.45 42.07
C VAL A 207 -31.42 18.55 41.08
N VAL A 208 -32.65 18.90 40.68
CA VAL A 208 -33.47 18.07 39.79
C VAL A 208 -33.42 18.55 38.34
N SER A 209 -32.98 19.80 38.11
CA SER A 209 -33.05 20.40 36.78
C SER A 209 -31.93 19.90 35.88
N PRO A 210 -32.24 19.39 34.66
CA PRO A 210 -31.20 19.08 33.68
C PRO A 210 -30.37 20.28 33.21
N MET A 211 -30.92 21.49 33.25
CA MET A 211 -30.19 22.68 32.82
C MET A 211 -29.04 23.02 33.76
N SER A 212 -29.06 22.52 35.01
CA SER A 212 -28.06 22.91 35.99
C SER A 212 -26.98 21.85 36.17
N LYS A 213 -27.09 20.70 35.49
CA LYS A 213 -26.15 19.61 35.66
C LYS A 213 -24.73 20.10 35.31
N GLY A 214 -23.78 19.78 36.19
CA GLY A 214 -22.38 20.12 35.98
C GLY A 214 -22.02 21.50 36.53
N LEU A 215 -23.00 22.29 37.01
CA LEU A 215 -22.74 23.64 37.50
C LEU A 215 -22.47 23.64 39.01
N PHE A 216 -22.64 22.48 39.68
CA PHE A 216 -22.46 22.38 41.13
C PHE A 216 -22.31 20.91 41.46
N HIS A 217 -21.74 20.60 42.64
CA HIS A 217 -21.25 19.26 42.95
C HIS A 217 -21.78 18.79 44.30
N GLY A 218 -22.50 19.68 45.00
CA GLY A 218 -23.11 19.41 46.29
C GLY A 218 -24.15 20.48 46.57
N ALA A 219 -25.13 20.16 47.42
CA ALA A 219 -26.28 21.03 47.65
C ALA A 219 -26.65 21.02 49.14
N ILE A 220 -27.02 22.18 49.69
CA ILE A 220 -27.51 22.26 51.05
C ILE A 220 -28.86 22.98 51.04
N MET A 221 -29.90 22.32 51.56
CA MET A 221 -31.26 22.84 51.51
C MET A 221 -31.74 23.09 52.95
N GLU A 222 -31.78 24.36 53.36
CA GLU A 222 -32.13 24.71 54.73
C GLU A 222 -33.58 25.18 54.78
N SER A 223 -34.47 24.42 55.43
CA SER A 223 -35.88 24.82 55.62
C SER A 223 -36.56 25.15 54.29
N GLY A 224 -36.27 24.40 53.23
CA GLY A 224 -36.93 24.65 51.95
C GLY A 224 -36.48 23.64 50.91
N VAL A 225 -37.43 23.05 50.17
CA VAL A 225 -37.16 22.14 49.09
C VAL A 225 -38.15 22.37 47.95
N ALA A 226 -38.00 21.64 46.83
CA ALA A 226 -38.79 21.87 45.64
C ALA A 226 -40.26 21.52 45.84
N LEU A 227 -40.57 20.73 46.88
CA LEU A 227 -41.94 20.38 47.21
C LEU A 227 -42.61 21.38 48.16
N LEU A 228 -41.93 22.50 48.53
CA LEU A 228 -42.50 23.54 49.39
C LEU A 228 -43.83 24.02 48.79
N PRO A 229 -44.99 23.75 49.44
CA PRO A 229 -46.29 23.93 48.80
C PRO A 229 -46.48 25.25 48.08
N TYR A 230 -46.63 25.11 46.74
CA TYR A 230 -47.14 26.09 45.78
C TYR A 230 -46.12 27.16 45.39
N LEU A 231 -44.83 26.99 45.74
CA LEU A 231 -43.78 27.77 45.07
C LEU A 231 -43.62 27.29 43.63
N ILE A 232 -43.84 26.00 43.36
CA ILE A 232 -43.77 25.45 42.03
C ILE A 232 -45.07 24.71 41.73
N THR A 233 -45.67 25.01 40.57
CA THR A 233 -46.94 24.42 40.15
C THR A 233 -46.81 23.91 38.71
N ASP A 234 -47.85 23.25 38.19
CA ASP A 234 -47.88 22.85 36.78
C ASP A 234 -47.97 24.09 35.89
N THR A 235 -49.08 24.83 36.07
CA THR A 235 -49.39 26.04 35.30
C THR A 235 -49.88 27.14 36.25
N SER A 236 -49.89 28.37 35.75
CA SER A 236 -50.32 29.50 36.53
C SER A 236 -51.29 30.38 35.73
N GLU A 237 -52.30 29.71 35.16
CA GLU A 237 -53.29 30.35 34.30
C GLU A 237 -54.12 31.39 35.06
N MET A 238 -54.46 31.10 36.33
CA MET A 238 -55.22 32.01 37.16
C MET A 238 -54.42 33.27 37.48
N VAL A 239 -53.14 33.08 37.80
CA VAL A 239 -52.24 34.17 38.12
C VAL A 239 -51.95 35.02 36.88
N SER A 240 -51.75 34.38 35.73
CA SER A 240 -51.59 35.04 34.44
C SER A 240 -52.80 35.94 34.13
N THR A 241 -54.01 35.39 34.29
CA THR A 241 -55.26 36.12 34.11
C THR A 241 -55.34 37.30 35.07
N THR A 242 -54.96 37.10 36.34
CA THR A 242 -54.96 38.14 37.36
C THR A 242 -54.02 39.27 36.97
N VAL A 243 -52.79 38.96 36.56
CA VAL A 243 -51.81 39.96 36.14
C VAL A 243 -52.35 40.75 34.94
N ALA A 244 -53.00 40.07 33.99
CA ALA A 244 -53.58 40.69 32.81
C ALA A 244 -54.66 41.71 33.20
N LYS A 245 -55.53 41.34 34.16
CA LYS A 245 -56.59 42.22 34.65
C LYS A 245 -56.00 43.41 35.42
N LEU A 246 -55.08 43.14 36.36
CA LEU A 246 -54.47 44.17 37.19
C LEU A 246 -53.66 45.20 36.38
N SER A 247 -53.28 44.83 35.16
CA SER A 247 -52.40 45.64 34.32
C SER A 247 -53.20 46.44 33.29
N GLY A 248 -54.39 45.94 32.93
CA GLY A 248 -55.22 46.58 31.93
C GLY A 248 -54.92 46.06 30.52
N CYS A 249 -53.79 45.37 30.36
CA CYS A 249 -53.46 44.67 29.13
C CYS A 249 -54.65 43.82 28.69
N GLU A 250 -55.09 42.94 29.59
CA GLU A 250 -56.41 42.31 29.51
C GLU A 250 -56.70 41.75 28.13
N ALA A 251 -55.67 41.22 27.45
CA ALA A 251 -55.87 40.37 26.28
C ALA A 251 -55.85 38.92 26.74
N MET A 252 -56.43 38.04 25.90
CA MET A 252 -56.26 36.60 26.04
C MET A 252 -55.38 36.05 24.91
N ASP A 253 -54.63 36.95 24.25
CA ASP A 253 -53.51 36.55 23.41
C ASP A 253 -52.21 36.75 24.20
N SER A 254 -51.42 35.67 24.26
CA SER A 254 -50.17 35.65 24.99
C SER A 254 -49.17 36.68 24.46
N GLU A 255 -49.04 36.74 23.12
CA GLU A 255 -48.07 37.63 22.52
C GLU A 255 -48.39 39.07 22.93
N ALA A 256 -49.67 39.45 22.83
CA ALA A 256 -50.15 40.79 23.17
C ALA A 256 -49.89 41.12 24.64
N LEU A 257 -50.25 40.17 25.53
CA LEU A 257 -50.06 40.31 26.96
C LEU A 257 -48.61 40.65 27.29
N VAL A 258 -47.67 39.88 26.73
CA VAL A 258 -46.25 40.07 26.97
C VAL A 258 -45.78 41.42 26.42
N ARG A 259 -46.25 41.77 25.22
CA ARG A 259 -45.93 43.04 24.56
C ARG A 259 -46.32 44.21 25.48
N CYS A 260 -47.52 44.09 26.08
CA CYS A 260 -48.09 45.13 26.91
C CYS A 260 -47.33 45.25 28.23
N LEU A 261 -47.08 44.10 28.88
CA LEU A 261 -46.36 44.08 30.15
C LEU A 261 -44.94 44.61 30.01
N ARG A 262 -44.31 44.41 28.84
CA ARG A 262 -42.98 44.95 28.57
C ARG A 262 -43.01 46.48 28.47
N GLY A 263 -44.19 47.08 28.29
CA GLY A 263 -44.33 48.53 28.19
C GLY A 263 -44.39 49.22 29.55
N LYS A 264 -44.77 48.50 30.61
CA LYS A 264 -44.95 49.05 31.94
C LYS A 264 -43.62 49.52 32.55
N SER A 265 -43.68 50.65 33.27
CA SER A 265 -42.57 51.19 34.04
C SER A 265 -42.30 50.35 35.29
N GLU A 266 -41.13 50.53 35.93
CA GLU A 266 -40.81 49.86 37.19
C GLU A 266 -41.93 50.07 38.22
N ALA A 267 -42.46 51.30 38.27
CA ALA A 267 -43.51 51.69 39.23
C ALA A 267 -44.80 50.92 38.97
N GLU A 268 -45.18 50.80 37.69
CA GLU A 268 -46.38 50.05 37.33
C GLU A 268 -46.19 48.58 37.69
N ILE A 269 -44.99 48.04 37.48
CA ILE A 269 -44.72 46.65 37.82
C ILE A 269 -44.88 46.44 39.33
N LEU A 270 -44.28 47.34 40.14
CA LEU A 270 -44.38 47.26 41.60
C LEU A 270 -45.84 47.24 42.06
N ALA A 271 -46.66 48.10 41.45
CA ALA A 271 -48.07 48.20 41.78
C ALA A 271 -48.79 46.88 41.51
N ILE A 272 -48.51 46.25 40.36
CA ILE A 272 -49.07 44.96 39.99
C ILE A 272 -48.59 43.90 40.97
N ASN A 273 -47.29 43.93 41.29
CA ASN A 273 -46.62 42.93 42.10
C ASN A 273 -47.23 42.87 43.51
N LYS A 274 -47.57 44.06 44.04
CA LYS A 274 -48.13 44.21 45.38
C LYS A 274 -49.48 43.49 45.48
N LEU A 275 -50.29 43.55 44.42
CA LEU A 275 -51.66 43.05 44.46
C LEU A 275 -51.74 41.56 44.11
N VAL A 276 -50.64 40.96 43.65
CA VAL A 276 -50.64 39.54 43.32
C VAL A 276 -49.46 38.90 44.05
N GLN A 277 -49.54 38.89 45.38
CA GLN A 277 -48.38 38.71 46.25
C GLN A 277 -47.46 37.56 45.80
N MET A 278 -48.01 36.39 45.46
CA MET A 278 -47.21 35.20 45.21
C MET A 278 -47.47 34.63 43.80
N ILE A 279 -46.46 34.72 42.93
CA ILE A 279 -46.48 34.16 41.59
C ILE A 279 -45.55 32.95 41.58
N PRO A 280 -46.05 31.75 41.26
CA PRO A 280 -45.24 30.53 41.33
C PRO A 280 -44.37 30.29 40.09
N ALA A 281 -43.33 29.49 40.30
CA ALA A 281 -42.60 28.81 39.24
C ALA A 281 -43.53 27.77 38.60
N VAL A 282 -43.27 27.49 37.31
CA VAL A 282 -44.13 26.61 36.54
C VAL A 282 -43.29 25.50 35.92
N VAL A 283 -43.95 24.48 35.36
CA VAL A 283 -43.25 23.51 34.53
C VAL A 283 -43.09 24.13 33.15
N ASP A 284 -41.97 24.81 32.95
CA ASP A 284 -41.72 25.67 31.80
C ASP A 284 -41.19 24.89 30.58
N GLY A 285 -40.80 23.63 30.77
CA GLY A 285 -40.26 22.79 29.70
C GLY A 285 -38.73 22.79 29.64
N GLU A 286 -38.07 23.92 29.94
CA GLU A 286 -36.63 24.03 29.85
C GLU A 286 -35.97 23.71 31.19
N PHE A 287 -36.22 24.56 32.18
CA PHE A 287 -35.62 24.41 33.50
C PHE A 287 -36.25 23.23 34.22
N PHE A 288 -37.59 23.11 34.13
CA PHE A 288 -38.27 21.89 34.54
C PHE A 288 -38.97 21.25 33.34
N PRO A 289 -38.48 20.10 32.82
CA PRO A 289 -39.20 19.33 31.80
C PRO A 289 -40.49 18.68 32.30
N ARG A 290 -40.52 18.36 33.60
CA ARG A 290 -41.64 17.75 34.31
C ARG A 290 -41.70 18.41 35.69
N HIS A 291 -42.81 18.23 36.43
CA HIS A 291 -42.85 18.76 37.79
C HIS A 291 -41.73 18.12 38.63
N PRO A 292 -41.06 18.88 39.53
CA PRO A 292 -40.07 18.30 40.44
C PRO A 292 -40.46 16.98 41.10
N LYS A 293 -41.75 16.79 41.42
CA LYS A 293 -42.24 15.56 42.03
C LYS A 293 -41.95 14.35 41.14
N GLU A 294 -42.15 14.53 39.83
CA GLU A 294 -41.85 13.46 38.87
C GLU A 294 -40.35 13.29 38.68
N LEU A 295 -39.59 14.39 38.63
CA LEU A 295 -38.14 14.34 38.51
C LEU A 295 -37.51 13.60 39.69
N LEU A 296 -38.00 13.86 40.91
CA LEU A 296 -37.50 13.25 42.13
C LEU A 296 -37.76 11.73 42.15
N ALA A 297 -38.92 11.29 41.64
CA ALA A 297 -39.31 9.89 41.70
C ALA A 297 -38.70 9.05 40.58
N SER A 298 -38.10 9.69 39.58
CA SER A 298 -37.52 9.03 38.42
C SER A 298 -36.41 8.06 38.81
N GLU A 299 -36.25 6.99 38.02
CA GLU A 299 -35.13 6.07 38.18
C GLU A 299 -33.82 6.68 37.64
N ASP A 300 -33.94 7.62 36.68
CA ASP A 300 -32.79 8.29 36.09
C ASP A 300 -32.39 9.56 36.83
N PHE A 301 -32.90 9.74 38.07
CA PHE A 301 -32.51 10.89 38.88
C PHE A 301 -31.13 10.64 39.49
N HIS A 302 -30.18 11.58 39.27
CA HIS A 302 -28.81 11.44 39.76
C HIS A 302 -28.40 12.67 40.56
N PRO A 303 -28.93 12.87 41.79
CA PRO A 303 -28.60 14.03 42.58
C PRO A 303 -27.14 14.05 43.04
N VAL A 304 -26.62 15.28 43.22
CA VAL A 304 -25.38 15.46 43.94
C VAL A 304 -25.58 15.07 45.40
N PRO A 305 -24.49 14.83 46.17
CA PRO A 305 -24.61 14.72 47.62
C PRO A 305 -25.29 15.97 48.19
N SER A 306 -26.06 15.80 49.26
CA SER A 306 -26.89 16.86 49.80
C SER A 306 -26.90 16.86 51.32
N ILE A 307 -26.96 18.05 51.90
CA ILE A 307 -27.47 18.26 53.24
C ILE A 307 -28.90 18.78 53.09
N ILE A 308 -29.84 18.19 53.84
CA ILE A 308 -31.21 18.69 53.89
C ILE A 308 -31.60 18.87 55.35
N GLY A 309 -32.32 19.93 55.69
CA GLY A 309 -32.78 20.00 57.06
C GLY A 309 -33.86 21.03 57.31
N VAL A 310 -34.38 21.01 58.56
CA VAL A 310 -35.46 21.88 59.00
C VAL A 310 -35.19 22.33 60.43
N ASN A 311 -35.91 23.36 60.86
CA ASN A 311 -35.91 23.80 62.24
C ASN A 311 -37.06 23.14 62.99
N ASN A 312 -36.93 22.98 64.32
CA ASN A 312 -37.96 22.29 65.09
C ASN A 312 -39.22 23.13 65.31
N ASP A 313 -39.22 24.40 64.86
CA ASP A 313 -40.39 25.24 65.09
C ASP A 313 -40.64 26.22 63.92
N GLU A 314 -40.69 25.71 62.69
CA GLU A 314 -40.71 26.54 61.49
C GLU A 314 -41.89 27.52 61.46
N PHE A 315 -43.01 27.16 62.10
CA PHE A 315 -44.18 28.01 62.05
C PHE A 315 -44.45 28.58 63.45
N GLY A 316 -43.39 28.71 64.25
CA GLY A 316 -43.50 29.12 65.64
C GLY A 316 -43.87 30.59 65.83
N TRP A 317 -43.37 31.47 64.96
CA TRP A 317 -43.43 32.89 65.22
C TRP A 317 -43.36 33.73 63.94
N THR A 318 -42.17 33.82 63.32
CA THR A 318 -41.92 34.71 62.19
C THR A 318 -42.97 34.56 61.08
N ILE A 319 -43.23 33.33 60.62
CA ILE A 319 -44.11 33.13 59.49
C ILE A 319 -45.54 33.56 59.80
N PRO A 320 -46.24 33.05 60.85
CA PRO A 320 -47.59 33.53 61.15
C PRO A 320 -47.69 35.03 61.47
N VAL A 321 -46.63 35.63 62.02
CA VAL A 321 -46.61 37.06 62.22
C VAL A 321 -46.58 37.80 60.88
N VAL A 322 -45.67 37.43 59.97
CA VAL A 322 -45.56 38.07 58.68
C VAL A 322 -46.79 37.81 57.82
N MET A 323 -47.32 36.58 57.78
CA MET A 323 -48.54 36.29 57.05
C MET A 323 -49.78 36.94 57.67
N GLY A 324 -49.65 37.50 58.89
CA GLY A 324 -50.78 38.11 59.59
C GLY A 324 -51.75 37.10 60.21
N SER A 325 -51.39 35.80 60.24
CA SER A 325 -52.28 34.76 60.73
C SER A 325 -52.07 34.45 62.22
N ALA A 326 -51.08 35.11 62.86
CA ALA A 326 -50.85 34.91 64.29
C ALA A 326 -52.13 35.16 65.11
N GLN A 327 -52.82 36.27 64.84
CA GLN A 327 -54.04 36.62 65.56
C GLN A 327 -55.13 35.57 65.36
N THR A 328 -55.37 35.18 64.09
CA THR A 328 -56.37 34.18 63.76
C THR A 328 -56.14 32.90 64.55
N ILE A 329 -54.87 32.49 64.70
CA ILE A 329 -54.52 31.25 65.38
C ILE A 329 -54.88 31.35 66.87
N LYS A 330 -54.60 32.49 67.53
CA LYS A 330 -54.92 32.67 68.94
C LYS A 330 -56.44 32.60 69.21
N GLU A 331 -57.26 32.68 68.17
CA GLU A 331 -58.71 32.64 68.32
C GLU A 331 -59.28 31.22 68.18
N ILE A 332 -58.44 30.22 67.92
CA ILE A 332 -58.91 28.85 67.75
C ILE A 332 -59.36 28.28 69.10
N THR A 333 -60.53 27.63 69.13
CA THR A 333 -61.08 26.92 70.28
C THR A 333 -61.72 25.62 69.77
N ARG A 334 -62.13 24.71 70.67
CA ARG A 334 -62.79 23.49 70.25
C ARG A 334 -64.09 23.78 69.50
N GLU A 335 -64.77 24.86 69.88
CA GLU A 335 -66.03 25.27 69.28
C GLU A 335 -65.86 25.63 67.80
N ASN A 336 -64.76 26.29 67.43
CA ASN A 336 -64.61 26.78 66.07
C ASN A 336 -63.62 25.94 65.25
N LEU A 337 -63.05 24.89 65.84
CA LEU A 337 -61.98 24.12 65.20
C LEU A 337 -62.40 23.57 63.83
N GLN A 338 -63.57 22.92 63.75
CA GLN A 338 -64.07 22.37 62.50
C GLN A 338 -64.12 23.44 61.40
N ALA A 339 -64.70 24.60 61.74
CA ALA A 339 -64.84 25.72 60.80
C ALA A 339 -63.46 26.25 60.36
N VAL A 340 -62.53 26.36 61.31
CA VAL A 340 -61.19 26.85 61.04
C VAL A 340 -60.45 25.88 60.13
N LEU A 341 -60.58 24.58 60.39
CA LEU A 341 -59.93 23.58 59.56
C LEU A 341 -60.52 23.58 58.16
N LYS A 342 -61.86 23.65 58.03
CA LYS A 342 -62.50 23.75 56.72
C LYS A 342 -61.94 24.94 55.95
N ASN A 343 -61.83 26.10 56.61
CA ASN A 343 -61.31 27.31 55.99
C ASN A 343 -59.86 27.09 55.59
N THR A 344 -59.09 26.41 56.46
CA THR A 344 -57.68 26.26 56.22
C THR A 344 -57.45 25.31 55.04
N THR A 345 -58.17 24.18 55.03
CA THR A 345 -58.13 23.19 53.96
C THR A 345 -58.26 23.86 52.60
N ALA A 346 -59.30 24.71 52.46
CA ALA A 346 -59.54 25.48 51.25
C ALA A 346 -58.32 26.34 50.91
N GLN A 347 -57.78 27.10 51.87
CA GLN A 347 -56.64 27.97 51.63
C GLN A 347 -55.37 27.18 51.28
N LEU A 348 -55.22 25.96 51.81
CA LEU A 348 -54.12 25.07 51.48
C LEU A 348 -54.36 24.34 50.16
N MET A 349 -55.52 24.59 49.51
CA MET A 349 -55.92 23.96 48.25
C MET A 349 -56.01 22.44 48.39
N LEU A 350 -56.59 21.98 49.50
CA LEU A 350 -56.84 20.57 49.71
C LEU A 350 -58.35 20.32 49.64
N PRO A 351 -58.78 19.09 49.26
CA PRO A 351 -60.21 18.75 49.25
C PRO A 351 -60.85 18.94 50.62
N PRO A 352 -62.08 19.52 50.71
CA PRO A 352 -62.75 19.77 51.97
C PRO A 352 -62.82 18.57 52.92
N GLU A 353 -62.78 17.35 52.35
CA GLU A 353 -62.89 16.11 53.12
C GLU A 353 -61.65 15.87 53.99
N CYS A 354 -60.53 16.53 53.65
CA CYS A 354 -59.29 16.39 54.40
C CYS A 354 -59.38 16.95 55.82
N SER A 355 -60.31 17.89 56.05
CA SER A 355 -60.34 18.63 57.30
C SER A 355 -60.53 17.70 58.50
N ASP A 356 -61.40 16.70 58.34
CA ASP A 356 -61.69 15.79 59.44
C ASP A 356 -60.53 14.85 59.71
N LEU A 357 -59.77 14.49 58.66
CA LEU A 357 -58.61 13.62 58.83
C LEU A 357 -57.51 14.38 59.55
N LEU A 358 -57.31 15.64 59.14
CA LEU A 358 -56.32 16.51 59.76
C LEU A 358 -56.65 16.72 61.24
N MET A 359 -57.94 16.94 61.55
CA MET A 359 -58.38 17.10 62.92
C MET A 359 -58.10 15.86 63.75
N GLU A 360 -58.48 14.67 63.26
CA GLU A 360 -58.24 13.44 64.01
C GLU A 360 -56.74 13.19 64.20
N GLU A 361 -55.92 13.50 63.21
CA GLU A 361 -54.49 13.26 63.31
C GLU A 361 -53.82 14.25 64.27
N TYR A 362 -54.07 15.55 64.10
CA TYR A 362 -53.32 16.58 64.79
C TYR A 362 -53.94 16.93 66.15
N MET A 363 -55.27 16.87 66.28
CA MET A 363 -55.91 17.34 67.50
C MET A 363 -56.56 16.20 68.29
N GLY A 364 -57.07 15.18 67.60
CA GLY A 364 -57.74 14.09 68.29
C GLY A 364 -58.90 14.64 69.12
N ASP A 365 -58.93 14.25 70.40
CA ASP A 365 -59.98 14.65 71.32
C ASP A 365 -59.58 15.82 72.22
N THR A 366 -58.47 16.50 71.92
CA THR A 366 -57.99 17.68 72.64
C THR A 366 -59.09 18.74 72.75
N GLU A 367 -59.28 19.32 73.95
CA GLU A 367 -60.26 20.37 74.18
C GLU A 367 -59.58 21.70 74.50
N ASP A 368 -58.38 21.66 75.08
CA ASP A 368 -57.66 22.85 75.51
C ASP A 368 -57.31 23.75 74.32
N ALA A 369 -57.77 25.00 74.35
CA ALA A 369 -57.61 25.93 73.23
C ALA A 369 -56.14 26.16 72.86
N GLN A 370 -55.26 26.41 73.85
CA GLN A 370 -53.86 26.64 73.56
C GLN A 370 -53.21 25.41 72.92
N THR A 371 -53.57 24.20 73.39
CA THR A 371 -53.03 22.97 72.83
C THR A 371 -53.47 22.83 71.37
N LEU A 372 -54.76 23.09 71.09
CA LEU A 372 -55.26 23.09 69.72
C LEU A 372 -54.43 24.00 68.80
N GLN A 373 -54.09 25.19 69.31
CA GLN A 373 -53.30 26.14 68.53
C GLN A 373 -51.90 25.62 68.24
N ILE A 374 -51.28 24.95 69.22
CA ILE A 374 -49.97 24.38 69.01
C ILE A 374 -50.05 23.22 68.01
N GLN A 375 -51.07 22.36 68.14
CA GLN A 375 -51.31 21.30 67.17
C GLN A 375 -51.51 21.86 65.75
N PHE A 376 -52.25 22.99 65.64
CA PHE A 376 -52.47 23.66 64.38
C PHE A 376 -51.15 24.10 63.76
N THR A 377 -50.27 24.71 64.57
CA THR A 377 -48.94 25.14 64.13
C THR A 377 -48.12 23.94 63.67
N GLU A 378 -48.23 22.81 64.39
CA GLU A 378 -47.53 21.59 64.00
C GLU A 378 -47.95 21.13 62.60
N MET A 379 -49.26 21.12 62.35
CA MET A 379 -49.81 20.75 61.05
C MET A 379 -49.24 21.63 59.93
N MET A 380 -49.14 22.95 60.17
CA MET A 380 -48.56 23.87 59.21
C MET A 380 -47.07 23.64 58.99
N GLU A 381 -46.29 23.40 60.07
CA GLU A 381 -44.85 23.12 59.92
C GLU A 381 -44.64 21.90 59.02
N ASP A 382 -45.46 20.85 59.28
CA ASP A 382 -45.35 19.58 58.60
C ASP A 382 -45.69 19.73 57.13
N PHE A 383 -46.80 20.42 56.83
CA PHE A 383 -47.21 20.65 55.47
C PHE A 383 -46.18 21.47 54.69
N MET A 384 -45.65 22.57 55.25
CA MET A 384 -44.79 23.46 54.50
C MET A 384 -43.33 23.02 54.44
N PHE A 385 -42.81 22.39 55.51
CA PHE A 385 -41.37 22.23 55.62
C PHE A 385 -40.94 20.79 55.88
N VAL A 386 -41.51 20.18 56.93
CA VAL A 386 -40.95 18.94 57.45
C VAL A 386 -41.25 17.78 56.49
N ILE A 387 -42.52 17.62 56.09
CA ILE A 387 -42.87 16.52 55.22
C ILE A 387 -42.19 16.71 53.86
N PRO A 388 -42.27 17.90 53.19
CA PRO A 388 -41.49 18.13 51.99
C PRO A 388 -40.02 17.74 52.10
N ALA A 389 -39.34 18.17 53.19
CA ALA A 389 -37.93 17.84 53.36
C ALA A 389 -37.70 16.34 53.44
N LEU A 390 -38.53 15.63 54.22
CA LEU A 390 -38.40 14.19 54.39
C LEU A 390 -38.67 13.43 53.09
N GLN A 391 -39.61 13.92 52.28
CA GLN A 391 -39.89 13.32 50.98
C GLN A 391 -38.70 13.50 50.03
N VAL A 392 -38.15 14.71 49.94
CA VAL A 392 -37.02 14.96 49.06
C VAL A 392 -35.79 14.15 49.51
N ALA A 393 -35.60 14.04 50.84
CA ALA A 393 -34.52 13.23 51.41
C ALA A 393 -34.67 11.77 51.01
N TYR A 394 -35.90 11.23 51.12
CA TYR A 394 -36.20 9.85 50.76
C TYR A 394 -35.86 9.58 49.29
N PHE A 395 -36.23 10.50 48.38
CA PHE A 395 -36.00 10.31 46.96
C PHE A 395 -34.52 10.46 46.61
N GLN A 396 -33.78 11.32 47.31
CA GLN A 396 -32.37 11.54 46.99
C GLN A 396 -31.46 10.44 47.55
N ARG A 397 -31.76 9.93 48.75
CA ARG A 397 -30.81 9.19 49.56
C ARG A 397 -30.48 7.80 49.03
N SER A 398 -31.29 7.27 48.12
CA SER A 398 -30.96 5.99 47.49
C SER A 398 -29.96 6.15 46.33
N HIS A 399 -29.74 7.39 45.87
CA HIS A 399 -28.88 7.65 44.73
C HIS A 399 -27.56 8.31 45.14
N ALA A 400 -27.58 9.05 46.22
CA ALA A 400 -26.42 9.83 46.67
C ALA A 400 -26.54 10.06 48.18
N SER A 401 -25.43 10.42 48.81
CA SER A 401 -25.44 10.77 50.22
C SER A 401 -26.42 11.90 50.52
N VAL A 402 -27.28 11.67 51.52
CA VAL A 402 -28.06 12.71 52.15
C VAL A 402 -27.65 12.78 53.62
N TYR A 403 -27.31 13.98 54.09
CA TYR A 403 -27.11 14.23 55.50
C TYR A 403 -28.26 15.11 55.99
N PHE A 404 -29.04 14.59 56.94
CA PHE A 404 -30.27 15.27 57.33
C PHE A 404 -30.08 15.89 58.72
N TYR A 405 -30.62 17.10 58.93
CA TYR A 405 -30.56 17.74 60.24
C TYR A 405 -31.93 18.27 60.68
N GLU A 406 -32.15 18.25 62.00
CA GLU A 406 -33.15 19.11 62.62
C GLU A 406 -32.40 20.07 63.55
N PHE A 407 -32.54 21.38 63.27
CA PHE A 407 -31.94 22.38 64.12
C PHE A 407 -32.91 22.77 65.23
N GLN A 408 -32.42 22.78 66.47
CA GLN A 408 -33.31 22.77 67.63
C GLN A 408 -33.01 23.91 68.59
N HIS A 409 -31.95 24.65 68.32
CA HIS A 409 -31.41 25.63 69.25
C HIS A 409 -32.35 26.83 69.43
N GLN A 410 -32.66 27.12 70.70
CA GLN A 410 -33.43 28.28 71.06
C GLN A 410 -32.43 29.39 71.43
N ILE A 411 -32.37 30.45 70.60
CA ILE A 411 -31.42 31.54 70.79
C ILE A 411 -31.68 32.26 72.13
N ALA A 412 -30.62 32.40 72.92
CA ALA A 412 -30.70 32.86 74.31
C ALA A 412 -31.19 34.31 74.39
N SER A 413 -30.57 35.20 73.61
CA SER A 413 -30.86 36.62 73.60
C SER A 413 -32.29 36.98 73.14
N LEU A 414 -33.01 36.02 72.54
CA LEU A 414 -34.38 36.28 72.08
C LEU A 414 -35.43 35.88 73.14
N LYS A 415 -35.01 35.34 74.27
CA LYS A 415 -35.96 34.79 75.24
C LYS A 415 -36.94 35.86 75.75
N ASP A 416 -36.46 37.11 75.85
CA ASP A 416 -37.27 38.23 76.31
C ASP A 416 -37.85 39.04 75.14
N VAL A 417 -37.67 38.55 73.90
CA VAL A 417 -38.07 39.27 72.70
C VAL A 417 -39.33 38.66 72.08
N ARG A 418 -39.63 37.37 72.38
CA ARG A 418 -40.68 36.64 71.68
C ARG A 418 -41.24 35.57 72.62
N PRO A 419 -42.42 34.97 72.30
CA PRO A 419 -43.02 33.97 73.19
C PRO A 419 -42.06 32.85 73.59
N THR A 420 -42.12 32.46 74.85
CA THR A 420 -41.17 31.53 75.45
C THR A 420 -41.31 30.11 74.90
N HIS A 421 -42.48 29.75 74.36
CA HIS A 421 -42.69 28.40 73.81
C HIS A 421 -42.02 28.21 72.44
N VAL A 422 -41.61 29.32 71.78
CA VAL A 422 -40.97 29.27 70.48
C VAL A 422 -39.55 28.70 70.64
N LYS A 423 -39.25 27.64 69.90
CA LYS A 423 -37.94 27.00 69.88
C LYS A 423 -37.10 27.58 68.75
N ALA A 424 -36.64 26.73 67.82
CA ALA A 424 -35.91 27.24 66.66
C ALA A 424 -36.92 27.63 65.59
N ASP A 425 -37.12 28.95 65.46
CA ASP A 425 -38.04 29.51 64.50
C ASP A 425 -37.45 29.37 63.08
N HIS A 426 -38.30 29.59 62.08
CA HIS A 426 -37.82 29.79 60.72
C HIS A 426 -36.67 30.79 60.69
N ALA A 427 -35.62 30.46 59.90
CA ALA A 427 -34.40 31.22 59.69
C ALA A 427 -33.46 31.29 60.91
N ASP A 428 -33.77 30.62 62.04
CA ASP A 428 -32.92 30.76 63.22
C ASP A 428 -31.53 30.10 63.06
N GLU A 429 -31.34 29.24 62.05
CA GLU A 429 -30.05 28.62 61.82
C GLU A 429 -29.10 29.51 60.98
N ILE A 430 -29.63 30.49 60.23
CA ILE A 430 -28.82 31.34 59.37
C ILE A 430 -27.70 32.03 60.15
N PRO A 431 -27.94 32.65 61.34
CA PRO A 431 -26.87 33.25 62.12
C PRO A 431 -25.72 32.29 62.43
N PHE A 432 -26.02 30.99 62.57
CA PHE A 432 -25.00 30.03 62.95
C PHE A 432 -24.10 29.70 61.75
N VAL A 433 -24.70 29.66 60.56
CA VAL A 433 -24.00 29.43 59.30
C VAL A 433 -23.14 30.64 58.92
N PHE A 434 -23.69 31.86 59.04
CA PHE A 434 -23.00 33.08 58.62
C PHE A 434 -22.11 33.67 59.72
N GLY A 435 -22.44 33.40 60.99
CA GLY A 435 -21.67 33.84 62.14
C GLY A 435 -22.05 35.22 62.69
N TYR A 436 -23.26 35.72 62.39
CA TYR A 436 -23.74 36.97 62.97
C TYR A 436 -25.27 37.02 62.91
N PHE A 437 -25.89 37.91 63.71
CA PHE A 437 -27.34 38.06 63.74
C PHE A 437 -27.83 39.09 62.72
N PHE A 438 -29.02 38.82 62.16
CA PHE A 438 -29.59 39.59 61.05
C PHE A 438 -30.57 40.65 61.52
N TRP A 439 -31.04 40.55 62.77
CA TRP A 439 -32.06 41.46 63.30
C TRP A 439 -31.48 42.83 63.65
N ASP A 440 -32.33 43.85 63.52
CA ASP A 440 -31.98 45.21 63.88
C ASP A 440 -32.14 45.41 65.39
N MET A 441 -31.26 44.74 66.15
CA MET A 441 -31.14 44.89 67.59
C MET A 441 -29.84 44.25 68.08
N LYS A 442 -29.32 44.76 69.20
CA LYS A 442 -28.00 44.34 69.67
C LYS A 442 -28.17 43.02 70.43
N LEU A 443 -27.64 41.95 69.84
CA LEU A 443 -27.74 40.59 70.32
C LEU A 443 -26.36 39.95 70.26
N ASP A 444 -26.02 39.15 71.28
CA ASP A 444 -24.72 38.50 71.41
C ASP A 444 -24.89 36.98 71.44
N PHE A 445 -23.87 36.26 70.95
CA PHE A 445 -23.81 34.81 71.10
C PHE A 445 -23.32 34.43 72.50
N THR A 446 -24.00 33.46 73.13
CA THR A 446 -23.42 32.75 74.27
C THR A 446 -22.20 31.95 73.82
N GLU A 447 -21.39 31.49 74.79
CA GLU A 447 -20.24 30.64 74.51
C GLU A 447 -20.64 29.36 73.76
N GLY A 448 -21.75 28.75 74.21
CA GLY A 448 -22.34 27.58 73.59
C GLY A 448 -22.74 27.85 72.14
N GLU A 449 -23.22 29.08 71.87
CA GLU A 449 -23.70 29.46 70.55
C GLU A 449 -22.53 29.70 69.60
N LYS A 450 -21.43 30.28 70.09
CA LYS A 450 -20.20 30.42 69.32
C LYS A 450 -19.71 29.03 68.89
N LEU A 451 -19.70 28.06 69.81
CA LEU A 451 -19.32 26.70 69.48
C LEU A 451 -20.29 26.10 68.46
N LEU A 452 -21.61 26.31 68.64
CA LEU A 452 -22.58 25.79 67.69
C LEU A 452 -22.32 26.36 66.28
N SER A 453 -22.07 27.67 66.20
CA SER A 453 -21.79 28.33 64.94
C SER A 453 -20.51 27.78 64.32
N ARG A 454 -19.45 27.62 65.12
CA ARG A 454 -18.17 27.09 64.63
C ARG A 454 -18.35 25.67 64.10
N ARG A 455 -19.16 24.86 64.80
CA ARG A 455 -19.47 23.49 64.38
C ARG A 455 -20.21 23.49 63.05
N MET A 456 -21.27 24.29 62.93
CA MET A 456 -22.07 24.35 61.71
C MET A 456 -21.25 24.89 60.53
N MET A 457 -20.45 25.92 60.76
CA MET A 457 -19.54 26.40 59.72
C MET A 457 -18.61 25.28 59.24
N LYS A 458 -18.08 24.49 60.19
CA LYS A 458 -17.18 23.40 59.85
C LYS A 458 -17.92 22.25 59.13
N TYR A 459 -19.11 21.87 59.59
CA TYR A 459 -19.92 20.88 58.90
C TYR A 459 -20.17 21.30 57.46
N TRP A 460 -20.61 22.55 57.25
CA TRP A 460 -20.94 23.06 55.93
C TRP A 460 -19.69 23.07 55.04
N ALA A 461 -18.56 23.52 55.58
CA ALA A 461 -17.33 23.61 54.82
C ALA A 461 -16.72 22.24 54.53
N ASN A 462 -16.76 21.31 55.50
CA ASN A 462 -16.35 19.93 55.27
C ASN A 462 -17.16 19.36 54.10
N PHE A 463 -18.47 19.63 54.11
CA PHE A 463 -19.34 19.17 53.05
C PHE A 463 -18.98 19.83 51.71
N ALA A 464 -18.65 21.13 51.74
CA ALA A 464 -18.16 21.83 50.57
C ALA A 464 -16.85 21.21 50.05
N ARG A 465 -16.00 20.69 50.93
CA ARG A 465 -14.70 20.11 50.57
C ARG A 465 -14.86 18.69 50.02
N HIS A 466 -15.70 17.87 50.66
CA HIS A 466 -15.61 16.42 50.48
C HIS A 466 -16.96 15.75 50.19
N GLY A 467 -18.09 16.50 50.17
CA GLY A 467 -19.41 15.90 50.07
C GLY A 467 -19.81 15.10 51.31
N ASN A 468 -19.15 15.39 52.43
CA ASN A 468 -19.36 14.70 53.69
C ASN A 468 -19.07 15.71 54.80
N PRO A 469 -20.00 16.00 55.73
CA PRO A 469 -19.78 17.01 56.75
C PRO A 469 -18.82 16.62 57.89
N ASN A 470 -18.41 15.35 57.97
CA ASN A 470 -17.71 14.85 59.15
C ASN A 470 -16.21 15.19 59.13
N SER A 471 -15.64 15.45 60.31
CA SER A 471 -14.20 15.54 60.53
C SER A 471 -13.90 15.23 62.01
N GLU A 472 -12.64 14.83 62.26
CA GLU A 472 -12.17 14.62 63.61
C GLU A 472 -12.43 15.89 64.44
N GLY A 473 -13.03 15.72 65.61
CA GLY A 473 -13.32 16.88 66.43
C GLY A 473 -14.80 17.23 66.45
N LEU A 474 -15.52 16.94 65.37
CA LEU A 474 -16.93 17.27 65.30
C LEU A 474 -17.74 16.05 65.69
N PRO A 475 -18.90 16.21 66.38
CA PRO A 475 -19.82 15.09 66.58
C PRO A 475 -20.21 14.42 65.28
N TYR A 476 -20.24 13.09 65.29
CA TYR A 476 -20.57 12.27 64.14
C TYR A 476 -21.96 12.60 63.61
N TRP A 477 -22.02 12.85 62.30
CA TRP A 477 -23.25 13.05 61.59
C TRP A 477 -23.41 11.89 60.61
N PRO A 478 -24.26 10.88 60.91
CA PRO A 478 -24.43 9.74 60.01
C PRO A 478 -25.16 10.11 58.72
N VAL A 479 -24.82 9.43 57.63
CA VAL A 479 -25.59 9.55 56.40
C VAL A 479 -27.00 9.00 56.62
N MET A 480 -27.98 9.58 55.93
CA MET A 480 -29.35 9.09 55.98
C MET A 480 -29.48 7.91 55.02
N ASP A 481 -29.87 6.75 55.54
CA ASP A 481 -30.05 5.55 54.74
C ASP A 481 -31.38 4.91 55.16
N HIS A 482 -31.49 3.58 55.06
CA HIS A 482 -32.68 2.87 55.49
C HIS A 482 -32.96 3.06 56.99
N ASP A 483 -31.95 3.42 57.78
CA ASP A 483 -32.12 3.62 59.22
C ASP A 483 -32.67 5.01 59.54
N GLU A 484 -32.69 5.93 58.56
CA GLU A 484 -33.41 7.20 58.65
C GLU A 484 -32.83 8.11 59.73
N GLN A 485 -31.51 8.03 59.90
CA GLN A 485 -30.84 8.81 60.94
C GLN A 485 -30.66 10.26 60.49
N TYR A 486 -30.68 11.15 61.49
CA TYR A 486 -30.44 12.57 61.25
C TYR A 486 -29.70 13.16 62.45
N LEU A 487 -29.10 14.34 62.25
CA LEU A 487 -28.40 15.01 63.34
C LEU A 487 -29.32 16.06 63.97
N GLN A 488 -29.44 16.03 65.30
CA GLN A 488 -30.12 17.07 66.05
C GLN A 488 -29.08 18.13 66.40
N LEU A 489 -29.19 19.29 65.76
CA LEU A 489 -28.24 20.38 65.94
C LEU A 489 -28.68 21.26 67.10
N ASP A 490 -27.83 21.27 68.12
CA ASP A 490 -28.00 22.13 69.28
C ASP A 490 -26.63 22.24 69.94
N THR A 491 -26.57 22.85 71.12
CA THR A 491 -25.36 23.00 71.93
C THR A 491 -24.68 21.64 72.16
N GLN A 492 -25.44 20.59 72.51
CA GLN A 492 -24.91 19.23 72.41
C GLN A 492 -25.58 18.48 71.26
N PRO A 493 -24.95 18.34 70.07
CA PRO A 493 -25.53 17.57 68.98
C PRO A 493 -25.73 16.11 69.36
N ALA A 494 -26.76 15.49 68.78
CA ALA A 494 -27.11 14.11 69.07
C ALA A 494 -27.75 13.51 67.81
N VAL A 495 -27.54 12.22 67.58
CA VAL A 495 -28.20 11.54 66.48
C VAL A 495 -29.63 11.22 66.89
N GLY A 496 -30.58 11.40 65.96
CA GLY A 496 -31.93 10.86 66.10
C GLY A 496 -32.24 10.02 64.87
N ARG A 497 -33.45 9.48 64.84
CA ARG A 497 -33.86 8.63 63.74
C ARG A 497 -35.36 8.80 63.52
N ALA A 498 -35.79 8.67 62.26
CA ALA A 498 -37.20 8.62 61.89
C ALA A 498 -37.92 9.86 62.39
N LEU A 499 -37.40 11.04 62.03
CA LEU A 499 -38.04 12.32 62.32
C LEU A 499 -39.51 12.28 61.92
N LYS A 500 -40.42 12.57 62.88
CA LYS A 500 -41.84 12.77 62.59
C LYS A 500 -42.45 11.58 61.84
N SER A 501 -42.03 10.37 62.22
CA SER A 501 -42.45 9.14 61.57
C SER A 501 -43.97 9.03 61.41
N ARG A 502 -44.71 9.27 62.49
CA ARG A 502 -46.16 9.22 62.47
C ARG A 502 -46.76 10.23 61.48
N ARG A 503 -46.27 11.48 61.50
CA ARG A 503 -46.83 12.49 60.62
C ARG A 503 -46.51 12.17 59.16
N LEU A 504 -45.30 11.66 58.90
CA LEU A 504 -44.88 11.30 57.56
C LEU A 504 -45.80 10.23 56.97
N GLN A 505 -46.10 9.20 57.77
CA GLN A 505 -47.06 8.16 57.37
C GLN A 505 -48.45 8.74 57.12
N PHE A 506 -48.88 9.68 57.95
CA PHE A 506 -50.19 10.26 57.80
C PHE A 506 -50.31 10.98 56.45
N TRP A 507 -49.34 11.85 56.14
CA TRP A 507 -49.39 12.65 54.92
C TRP A 507 -49.21 11.80 53.65
N THR A 508 -48.35 10.78 53.72
CA THR A 508 -48.00 10.02 52.53
C THR A 508 -48.90 8.79 52.35
N LYS A 509 -49.61 8.36 53.38
CA LYS A 509 -50.70 7.40 53.25
C LYS A 509 -52.08 8.08 53.30
N THR A 510 -52.65 8.26 54.49
CA THR A 510 -54.05 8.65 54.68
C THR A 510 -54.42 9.89 53.88
N LEU A 511 -53.61 10.94 54.01
CA LEU A 511 -54.05 12.23 53.50
C LEU A 511 -53.91 12.25 51.98
N SER A 512 -52.74 11.77 51.48
CA SER A 512 -52.54 11.69 50.05
C SER A 512 -53.51 10.71 49.37
N GLN A 513 -53.94 9.64 50.03
CA GLN A 513 -54.99 8.77 49.52
C GLN A 513 -56.26 9.57 49.20
N LYS A 514 -56.67 10.44 50.13
CA LYS A 514 -57.84 11.25 49.89
C LYS A 514 -57.62 12.34 48.83
N ILE A 515 -56.41 12.91 48.76
CA ILE A 515 -56.07 13.85 47.70
C ILE A 515 -56.17 13.18 46.32
N GLN A 516 -55.59 11.97 46.20
CA GLN A 516 -55.56 11.19 44.97
C GLN A 516 -56.97 10.78 44.54
N GLU A 517 -57.76 10.28 45.49
CA GLU A 517 -59.14 9.79 45.32
C GLU A 517 -60.05 10.89 44.76
N LEU A 518 -59.94 12.10 45.32
CA LEU A 518 -60.81 13.19 44.91
C LEU A 518 -60.32 13.85 43.63
N ARG A 519 -59.05 13.64 43.22
CA ARG A 519 -58.51 14.02 41.92
C ARG A 519 -58.92 13.02 40.83
N ALA A 520 -58.97 11.73 41.18
CA ALA A 520 -59.44 10.69 40.28
C ALA A 520 -60.94 10.85 39.94
N SER A 521 -61.69 11.61 40.76
CA SER A 521 -63.11 11.85 40.57
C SER A 521 -63.30 13.08 39.69
N GLN A 522 -62.56 13.16 38.58
CA GLN A 522 -62.63 14.25 37.62
C GLN A 522 -63.52 13.86 36.42
N ASP A 523 -63.16 12.77 35.70
CA ASP A 523 -63.94 12.09 34.67
C ASP A 523 -63.78 12.75 33.28
N SER B 1 61.59 -9.77 -29.68
CA SER B 1 61.30 -10.97 -30.52
C SER B 1 60.25 -11.85 -29.84
N PRO B 2 59.50 -12.69 -30.59
CA PRO B 2 58.45 -13.51 -29.99
C PRO B 2 59.00 -14.72 -29.22
N GLU B 3 58.20 -15.22 -28.29
CA GLU B 3 58.50 -16.45 -27.55
C GLU B 3 58.60 -17.66 -28.50
N ALA B 4 59.66 -18.47 -28.33
CA ALA B 4 59.67 -19.84 -28.80
C ALA B 4 58.96 -20.67 -27.73
N SER B 5 58.42 -21.82 -28.13
CA SER B 5 57.62 -22.65 -27.23
C SER B 5 56.55 -21.85 -26.48
N PRO B 6 55.63 -21.14 -27.15
CA PRO B 6 54.52 -20.47 -26.45
C PRO B 6 53.58 -21.46 -25.76
N ILE B 7 53.08 -21.07 -24.58
CA ILE B 7 52.06 -21.82 -23.87
C ILE B 7 50.73 -21.06 -23.90
N ARG B 8 49.65 -21.78 -24.13
CA ARG B 8 48.31 -21.19 -24.21
C ARG B 8 47.34 -22.06 -23.41
N ASN B 9 46.28 -21.43 -22.90
CA ASN B 9 45.27 -22.08 -22.09
C ASN B 9 44.15 -22.62 -22.99
N THR B 10 43.62 -23.80 -22.62
CA THR B 10 42.34 -24.27 -23.12
C THR B 10 41.48 -24.66 -21.93
N HIS B 11 40.19 -24.91 -22.18
CA HIS B 11 39.27 -25.35 -21.15
C HIS B 11 39.72 -26.66 -20.52
N THR B 12 40.44 -27.50 -21.28
CA THR B 12 40.91 -28.82 -20.88
C THR B 12 42.35 -28.80 -20.35
N GLY B 13 43.02 -27.64 -20.38
CA GLY B 13 44.38 -27.53 -19.88
C GLY B 13 45.31 -26.78 -20.84
N GLN B 14 46.58 -26.65 -20.45
CA GLN B 14 47.56 -25.88 -21.19
C GLN B 14 48.17 -26.71 -22.32
N VAL B 15 48.51 -26.01 -23.40
CA VAL B 15 49.19 -26.60 -24.55
C VAL B 15 50.41 -25.76 -24.94
N ARG B 16 51.48 -26.43 -25.37
CA ARG B 16 52.71 -25.77 -25.80
C ARG B 16 52.84 -25.91 -27.31
N GLY B 17 53.08 -24.78 -27.99
CA GLY B 17 53.26 -24.74 -29.44
C GLY B 17 54.69 -24.42 -29.85
N SER B 18 54.86 -24.05 -31.13
CA SER B 18 56.16 -23.75 -31.70
C SER B 18 56.14 -22.39 -32.40
N LEU B 19 57.30 -21.77 -32.46
CA LEU B 19 57.56 -20.63 -33.32
C LEU B 19 58.13 -21.15 -34.64
N VAL B 20 57.50 -20.75 -35.75
CA VAL B 20 57.85 -21.23 -37.07
C VAL B 20 57.87 -20.06 -38.04
N HIS B 21 58.34 -20.38 -39.27
CA HIS B 21 58.31 -19.50 -40.44
C HIS B 21 58.92 -18.17 -40.08
N VAL B 22 60.02 -18.19 -39.31
CA VAL B 22 60.77 -16.99 -38.97
C VAL B 22 61.57 -16.47 -40.18
N LYS B 23 61.96 -17.38 -41.08
CA LYS B 23 62.75 -17.06 -42.27
C LYS B 23 61.96 -16.26 -43.33
N ASP B 24 60.68 -16.58 -43.49
CA ASP B 24 59.85 -16.19 -44.63
C ASP B 24 58.64 -15.32 -44.25
N THR B 25 58.61 -14.81 -43.01
CA THR B 25 57.58 -13.87 -42.58
C THR B 25 58.19 -12.80 -41.65
N LYS B 26 57.46 -11.69 -41.50
CA LYS B 26 57.98 -10.47 -40.90
C LYS B 26 58.23 -10.61 -39.40
N ALA B 27 57.45 -11.47 -38.72
CA ALA B 27 57.63 -11.67 -37.28
C ALA B 27 57.47 -13.13 -36.82
N GLY B 28 57.09 -14.02 -37.74
CA GLY B 28 56.96 -15.42 -37.39
C GLY B 28 55.52 -15.80 -37.04
N VAL B 29 55.29 -17.11 -36.91
CA VAL B 29 53.97 -17.66 -36.68
C VAL B 29 54.07 -18.63 -35.50
N HIS B 30 53.01 -18.65 -34.67
CA HIS B 30 52.90 -19.67 -33.64
C HIS B 30 51.92 -20.74 -34.10
N THR B 31 52.31 -22.02 -33.87
CA THR B 31 51.48 -23.16 -34.23
C THR B 31 51.19 -23.99 -32.99
N PHE B 32 49.96 -24.49 -32.93
CA PHE B 32 49.51 -25.38 -31.88
C PHE B 32 48.80 -26.53 -32.58
N LEU B 33 49.46 -27.71 -32.59
CA LEU B 33 49.01 -28.81 -33.42
C LEU B 33 48.38 -29.92 -32.56
N GLY B 34 47.38 -30.61 -33.11
CA GLY B 34 46.85 -31.83 -32.52
C GLY B 34 46.08 -31.56 -31.23
N ILE B 35 45.36 -30.44 -31.18
CA ILE B 35 44.54 -30.11 -30.04
C ILE B 35 43.21 -30.86 -30.14
N PRO B 36 42.82 -31.66 -29.12
CA PRO B 36 41.59 -32.42 -29.18
C PRO B 36 40.38 -31.54 -28.91
N PHE B 37 39.36 -31.69 -29.78
CA PHE B 37 38.15 -30.89 -29.63
C PHE B 37 36.96 -31.76 -29.19
N ALA B 38 37.17 -33.08 -29.17
CA ALA B 38 36.16 -34.06 -28.77
C ALA B 38 36.89 -35.30 -28.24
N LYS B 39 36.17 -36.18 -27.54
CA LYS B 39 36.76 -37.44 -27.13
C LYS B 39 36.99 -38.29 -28.36
N PRO B 40 38.00 -39.17 -28.35
CA PRO B 40 38.16 -40.16 -29.42
C PRO B 40 36.85 -40.89 -29.68
N PRO B 41 36.30 -40.84 -30.91
CA PRO B 41 35.03 -41.50 -31.23
C PRO B 41 35.16 -43.02 -31.39
N VAL B 42 35.57 -43.68 -30.30
CA VAL B 42 36.00 -45.07 -30.29
C VAL B 42 35.07 -45.91 -29.41
N GLY B 43 35.05 -47.22 -29.61
CA GLY B 43 34.19 -48.13 -28.88
C GLY B 43 32.71 -47.78 -29.03
N PRO B 44 31.98 -47.47 -27.91
CA PRO B 44 30.59 -47.05 -27.99
C PRO B 44 30.40 -45.70 -28.66
N LEU B 45 31.47 -44.90 -28.75
CA LEU B 45 31.41 -43.59 -29.38
C LEU B 45 31.51 -43.66 -30.91
N ARG B 46 31.75 -44.84 -31.49
CA ARG B 46 31.65 -44.98 -32.94
C ARG B 46 30.18 -44.90 -33.35
N PHE B 47 29.88 -44.17 -34.44
CA PHE B 47 28.53 -43.89 -34.92
C PHE B 47 27.68 -43.22 -33.84
N ALA B 48 28.30 -42.32 -33.08
CA ALA B 48 27.61 -41.55 -32.05
C ALA B 48 28.05 -40.09 -32.14
N PRO B 49 27.26 -39.12 -31.65
CA PRO B 49 27.68 -37.72 -31.66
C PRO B 49 28.98 -37.52 -30.89
N PRO B 50 29.81 -36.51 -31.22
CA PRO B 50 31.03 -36.26 -30.47
C PRO B 50 30.75 -35.80 -29.06
N GLU B 51 31.58 -36.21 -28.08
CA GLU B 51 31.52 -35.88 -26.67
C GLU B 51 32.65 -34.90 -26.32
N ALA B 52 32.53 -34.15 -25.20
CA ALA B 52 33.52 -33.21 -24.73
C ALA B 52 34.87 -33.87 -24.51
N PRO B 53 36.00 -33.23 -24.87
CA PRO B 53 37.33 -33.79 -24.61
C PRO B 53 37.66 -33.83 -23.12
N GLU B 54 38.49 -34.79 -22.72
CA GLU B 54 38.90 -34.95 -21.34
C GLU B 54 39.97 -33.93 -20.96
N PRO B 55 39.96 -33.40 -19.72
CA PRO B 55 41.05 -32.54 -19.26
C PRO B 55 42.34 -33.32 -19.02
N TRP B 56 43.46 -32.60 -18.96
CA TRP B 56 44.76 -33.19 -18.65
C TRP B 56 45.48 -32.31 -17.62
N SER B 57 46.44 -32.89 -16.91
CA SER B 57 47.34 -32.14 -16.03
C SER B 57 48.59 -31.74 -16.81
N GLY B 58 49.16 -30.59 -16.42
CA GLY B 58 50.40 -30.09 -16.99
C GLY B 58 50.24 -29.67 -18.45
N VAL B 59 51.35 -29.61 -19.18
CA VAL B 59 51.37 -28.94 -20.47
C VAL B 59 51.34 -29.97 -21.58
N ARG B 60 50.28 -29.96 -22.40
CA ARG B 60 50.20 -30.87 -23.52
C ARG B 60 51.13 -30.42 -24.65
N ASP B 61 51.78 -31.40 -25.29
CA ASP B 61 52.65 -31.13 -26.42
C ASP B 61 51.81 -30.82 -27.65
N GLY B 62 51.98 -29.62 -28.22
CA GLY B 62 51.25 -29.21 -29.41
C GLY B 62 52.19 -28.98 -30.60
N THR B 63 53.23 -29.83 -30.72
CA THR B 63 54.24 -29.62 -31.75
C THR B 63 54.22 -30.72 -32.82
N ALA B 64 53.29 -31.65 -32.74
CA ALA B 64 53.17 -32.73 -33.71
C ALA B 64 51.78 -32.71 -34.34
N HIS B 65 51.74 -33.01 -35.65
CA HIS B 65 50.48 -33.14 -36.36
C HIS B 65 49.70 -34.34 -35.84
N PRO B 66 48.36 -34.30 -35.79
CA PRO B 66 47.56 -35.46 -35.39
C PRO B 66 47.43 -36.47 -36.52
N ALA B 67 47.06 -37.71 -36.17
CA ALA B 67 46.68 -38.69 -37.17
C ALA B 67 45.53 -38.16 -38.03
N MET B 68 45.49 -38.56 -39.30
CA MET B 68 44.33 -38.32 -40.14
C MET B 68 43.25 -39.34 -39.79
N CYS B 69 41.97 -38.99 -39.98
CA CYS B 69 40.88 -39.94 -39.74
C CYS B 69 41.02 -41.15 -40.65
N LEU B 70 40.44 -42.31 -40.26
CA LEU B 70 40.49 -43.51 -41.07
C LEU B 70 40.09 -43.20 -42.51
N GLN B 71 40.99 -43.54 -43.42
CA GLN B 71 40.77 -43.44 -44.85
C GLN B 71 41.70 -44.43 -45.54
N ASN B 72 41.23 -44.87 -46.70
CA ASN B 72 41.98 -45.76 -47.57
C ASN B 72 43.06 -44.93 -48.25
N LEU B 73 44.31 -45.20 -47.89
CA LEU B 73 45.44 -44.52 -48.51
C LEU B 73 45.68 -45.14 -49.88
N GLY B 74 45.10 -44.51 -50.89
CA GLY B 74 45.13 -45.00 -52.25
C GLY B 74 44.90 -43.84 -53.20
N VAL B 75 45.69 -43.77 -54.28
CA VAL B 75 45.75 -42.56 -55.09
C VAL B 75 46.21 -42.92 -56.50
N MET B 76 45.73 -42.13 -57.47
CA MET B 76 46.15 -42.13 -58.85
C MET B 76 47.53 -41.48 -58.92
N LYS B 77 48.50 -42.28 -59.41
CA LYS B 77 49.91 -41.95 -59.53
C LYS B 77 50.06 -40.74 -60.45
N GLU B 78 49.02 -40.46 -61.24
CA GLU B 78 48.97 -39.31 -62.12
C GLU B 78 49.14 -38.01 -61.32
N ILE B 79 48.32 -37.84 -60.27
CA ILE B 79 48.32 -36.65 -59.43
C ILE B 79 48.82 -37.04 -58.03
N LYS B 80 50.02 -36.59 -57.69
CA LYS B 80 50.68 -36.87 -56.42
C LYS B 80 50.70 -35.61 -55.55
N LEU B 81 50.37 -35.75 -54.26
CA LEU B 81 50.34 -34.64 -53.31
C LEU B 81 51.45 -34.77 -52.25
N LYS B 82 51.91 -33.63 -51.72
CA LYS B 82 52.79 -33.59 -50.56
C LYS B 82 51.97 -33.89 -49.31
N LEU B 83 51.86 -35.18 -48.98
CA LEU B 83 51.23 -35.61 -47.74
C LEU B 83 52.20 -35.37 -46.57
N PRO B 84 51.72 -34.88 -45.40
CA PRO B 84 52.53 -34.92 -44.18
C PRO B 84 52.69 -36.34 -43.62
N PRO B 85 53.81 -36.66 -42.92
CA PRO B 85 54.03 -38.00 -42.38
C PRO B 85 53.21 -38.27 -41.11
N VAL B 86 51.92 -38.55 -41.30
CA VAL B 86 51.02 -38.81 -40.18
C VAL B 86 50.40 -40.20 -40.36
N SER B 87 50.03 -40.83 -39.24
CA SER B 87 49.34 -42.11 -39.29
C SER B 87 47.85 -41.89 -39.56
N THR B 88 47.14 -42.99 -39.83
CA THR B 88 45.69 -42.95 -39.96
C THR B 88 45.08 -43.63 -38.75
N SER B 89 44.01 -43.07 -38.20
CA SER B 89 43.45 -43.62 -36.97
C SER B 89 41.98 -43.22 -36.82
N GLU B 90 41.21 -44.00 -36.04
CA GLU B 90 39.87 -43.59 -35.66
C GLU B 90 39.92 -42.45 -34.64
N ASP B 91 41.01 -42.39 -33.86
CA ASP B 91 41.30 -41.30 -32.95
C ASP B 91 41.87 -40.11 -33.72
N CYS B 92 41.01 -39.20 -34.18
CA CYS B 92 41.44 -38.18 -35.15
C CYS B 92 40.74 -36.84 -34.99
N LEU B 93 39.93 -36.66 -33.92
CA LEU B 93 39.18 -35.44 -33.72
C LEU B 93 40.07 -34.37 -33.08
N TYR B 94 40.98 -33.84 -33.90
CA TYR B 94 41.93 -32.83 -33.50
C TYR B 94 41.83 -31.64 -34.47
N LEU B 95 42.36 -30.50 -34.01
CA LEU B 95 42.48 -29.32 -34.84
C LEU B 95 43.86 -28.70 -34.62
N ASN B 96 44.28 -27.89 -35.61
CA ASN B 96 45.54 -27.18 -35.61
C ASN B 96 45.28 -25.69 -35.72
N ILE B 97 46.11 -24.90 -35.01
CA ILE B 97 45.93 -23.47 -34.90
C ILE B 97 47.22 -22.79 -35.33
N TYR B 98 47.09 -21.79 -36.23
CA TYR B 98 48.17 -20.94 -36.69
C TYR B 98 47.81 -19.51 -36.31
N THR B 99 48.72 -18.84 -35.60
CA THR B 99 48.49 -17.45 -35.21
C THR B 99 49.73 -16.62 -35.56
N PRO B 100 49.60 -15.30 -35.82
CA PRO B 100 50.76 -14.42 -35.82
C PRO B 100 51.45 -14.53 -34.47
N ALA B 101 52.78 -14.41 -34.48
CA ALA B 101 53.55 -14.65 -33.28
C ALA B 101 53.27 -13.60 -32.20
N HIS B 102 52.74 -12.42 -32.60
CA HIS B 102 52.40 -11.35 -31.66
C HIS B 102 51.09 -11.63 -30.92
N ALA B 103 50.31 -12.62 -31.40
CA ALA B 103 49.01 -12.91 -30.84
C ALA B 103 49.13 -13.59 -29.47
N HIS B 104 48.27 -13.15 -28.54
CA HIS B 104 48.15 -13.71 -27.21
C HIS B 104 46.69 -13.51 -26.77
N GLU B 105 46.34 -13.95 -25.56
CA GLU B 105 45.02 -13.73 -24.97
C GLU B 105 44.62 -12.25 -25.12
N GLY B 106 43.51 -12.01 -25.84
CA GLY B 106 42.98 -10.66 -25.92
C GLY B 106 43.29 -9.96 -27.25
N SER B 107 44.05 -10.59 -28.14
CA SER B 107 44.46 -9.94 -29.38
C SER B 107 43.29 -9.62 -30.30
N ASN B 108 42.19 -10.38 -30.20
CA ASN B 108 40.94 -10.12 -30.95
C ASN B 108 41.15 -10.12 -32.47
N LEU B 109 41.91 -11.10 -33.00
CA LEU B 109 42.08 -11.23 -34.45
C LEU B 109 40.92 -12.02 -35.02
N PRO B 110 40.51 -11.78 -36.29
CA PRO B 110 39.52 -12.63 -36.93
C PRO B 110 40.04 -14.07 -37.04
N VAL B 111 39.09 -15.02 -37.07
CA VAL B 111 39.39 -16.45 -37.09
C VAL B 111 38.84 -17.04 -38.39
N MET B 112 39.69 -17.76 -39.13
CA MET B 112 39.26 -18.45 -40.32
C MET B 112 39.44 -19.95 -40.08
N VAL B 113 38.37 -20.70 -40.31
CA VAL B 113 38.33 -22.12 -39.99
C VAL B 113 38.18 -22.88 -41.30
N TRP B 114 39.26 -23.61 -41.64
CA TRP B 114 39.30 -24.36 -42.88
C TRP B 114 38.73 -25.77 -42.69
N ILE B 115 37.80 -26.12 -43.57
CA ILE B 115 37.26 -27.48 -43.61
C ILE B 115 37.72 -28.10 -44.93
N HIS B 116 38.54 -29.16 -44.83
CA HIS B 116 39.15 -29.78 -46.01
C HIS B 116 38.11 -30.55 -46.82
N GLY B 117 38.38 -30.70 -48.11
CA GLY B 117 37.65 -31.59 -49.01
C GLY B 117 38.28 -32.98 -49.05
N GLY B 118 37.87 -33.78 -50.06
CA GLY B 118 38.23 -35.18 -50.09
C GLY B 118 37.00 -36.08 -50.16
N GLY B 119 35.89 -35.54 -50.70
CA GLY B 119 34.68 -36.32 -50.99
C GLY B 119 33.97 -36.91 -49.75
N LEU B 120 34.23 -36.35 -48.55
CA LEU B 120 33.75 -36.88 -47.29
C LEU B 120 34.30 -38.28 -46.99
N VAL B 121 35.37 -38.69 -47.71
CA VAL B 121 35.97 -40.01 -47.55
C VAL B 121 37.48 -39.92 -47.28
N ALA B 122 38.08 -38.75 -47.54
CA ALA B 122 39.53 -38.62 -47.50
C ALA B 122 39.91 -37.21 -47.07
N GLY B 123 41.21 -37.00 -46.79
CA GLY B 123 41.67 -35.67 -46.45
C GLY B 123 42.13 -35.59 -45.01
N MET B 124 42.76 -34.46 -44.67
CA MET B 124 43.30 -34.23 -43.34
C MET B 124 43.57 -32.74 -43.17
N ALA B 125 43.69 -32.30 -41.90
CA ALA B 125 43.95 -30.89 -41.59
C ALA B 125 45.40 -30.52 -41.92
N SER B 126 46.31 -31.46 -41.69
CA SER B 126 47.73 -31.20 -41.66
C SER B 126 48.33 -30.92 -43.06
N MET B 127 47.62 -31.21 -44.15
CA MET B 127 48.03 -30.79 -45.50
C MET B 127 47.97 -29.27 -45.66
N TYR B 128 47.13 -28.59 -44.86
CA TYR B 128 46.89 -27.17 -44.99
C TYR B 128 47.65 -26.43 -43.89
N ASP B 129 48.74 -25.77 -44.29
CA ASP B 129 49.52 -24.97 -43.37
C ASP B 129 49.01 -23.52 -43.46
N GLY B 130 48.39 -23.06 -42.36
CA GLY B 130 47.76 -21.76 -42.30
C GLY B 130 48.76 -20.64 -42.01
N SER B 131 50.07 -20.94 -41.91
CA SER B 131 51.07 -19.97 -41.46
C SER B 131 51.09 -18.71 -42.31
N LEU B 132 51.11 -18.86 -43.64
CA LEU B 132 51.28 -17.73 -44.53
C LEU B 132 50.05 -16.84 -44.47
N LEU B 133 48.87 -17.46 -44.55
CA LEU B 133 47.60 -16.73 -44.46
C LEU B 133 47.52 -15.98 -43.12
N ALA B 134 47.85 -16.67 -42.01
CA ALA B 134 47.88 -16.08 -40.68
C ALA B 134 48.82 -14.87 -40.60
N ALA B 135 50.05 -14.99 -41.09
CA ALA B 135 51.05 -13.94 -40.96
C ALA B 135 50.80 -12.78 -41.90
N ILE B 136 50.42 -13.05 -43.15
CA ILE B 136 50.29 -12.01 -44.16
C ILE B 136 49.05 -11.14 -43.87
N GLU B 137 47.95 -11.77 -43.44
CA GLU B 137 46.70 -11.04 -43.31
C GLU B 137 46.29 -10.86 -41.85
N ASP B 138 47.16 -11.24 -40.91
CA ASP B 138 47.03 -10.92 -39.50
C ASP B 138 45.76 -11.54 -38.91
N LEU B 139 45.67 -12.88 -38.99
CA LEU B 139 44.49 -13.57 -38.52
C LEU B 139 44.81 -14.96 -37.99
N VAL B 140 43.86 -15.53 -37.23
CA VAL B 140 44.04 -16.87 -36.65
C VAL B 140 43.41 -17.86 -37.61
N VAL B 141 44.20 -18.88 -38.00
CA VAL B 141 43.72 -19.88 -38.94
C VAL B 141 43.66 -21.21 -38.19
N VAL B 142 42.48 -21.84 -38.26
CA VAL B 142 42.23 -23.12 -37.63
C VAL B 142 41.93 -24.12 -38.75
N THR B 143 42.61 -25.29 -38.70
CA THR B 143 42.25 -26.36 -39.60
C THR B 143 41.67 -27.50 -38.76
N ILE B 144 40.52 -28.06 -39.22
CA ILE B 144 39.84 -29.05 -38.40
C ILE B 144 39.84 -30.41 -39.10
N GLN B 145 39.64 -31.47 -38.30
CA GLN B 145 39.37 -32.79 -38.82
C GLN B 145 37.96 -33.21 -38.40
N TYR B 146 37.45 -34.22 -39.09
CA TYR B 146 36.12 -34.75 -38.88
C TYR B 146 36.12 -36.16 -39.46
N ARG B 147 35.22 -37.03 -38.95
CA ARG B 147 35.16 -38.41 -39.38
C ARG B 147 34.78 -38.49 -40.86
N LEU B 148 35.33 -39.53 -41.53
CA LEU B 148 35.19 -39.71 -42.96
C LEU B 148 34.62 -41.09 -43.25
N GLY B 149 34.05 -41.24 -44.46
CA GLY B 149 33.63 -42.54 -44.97
C GLY B 149 32.56 -43.18 -44.10
N VAL B 150 32.70 -44.48 -43.85
CA VAL B 150 31.79 -45.27 -43.04
C VAL B 150 31.67 -44.66 -41.64
N LEU B 151 32.82 -44.38 -41.01
CA LEU B 151 32.82 -43.82 -39.66
C LEU B 151 32.16 -42.45 -39.61
N GLY B 152 32.22 -41.70 -40.73
CA GLY B 152 31.70 -40.34 -40.78
C GLY B 152 30.21 -40.28 -41.13
N PHE B 153 29.67 -41.24 -41.91
CA PHE B 153 28.42 -41.01 -42.63
C PHE B 153 27.55 -42.29 -42.69
N PHE B 154 27.93 -43.36 -42.00
CA PHE B 154 27.08 -44.53 -41.95
C PHE B 154 25.76 -44.18 -41.26
N SER B 155 24.66 -44.68 -41.84
CA SER B 155 23.32 -44.38 -41.37
C SER B 155 22.43 -45.59 -41.55
N THR B 156 21.60 -45.87 -40.55
CA THR B 156 20.54 -46.87 -40.64
C THR B 156 19.21 -46.24 -41.05
N GLY B 157 19.14 -44.91 -41.13
CA GLY B 157 17.88 -44.22 -41.40
C GLY B 157 16.92 -44.21 -40.21
N ASP B 158 17.44 -44.43 -38.99
CA ASP B 158 16.65 -44.54 -37.77
C ASP B 158 17.51 -44.16 -36.58
N GLN B 159 16.99 -44.38 -35.36
CA GLN B 159 17.64 -43.89 -34.15
C GLN B 159 19.00 -44.55 -33.87
N HIS B 160 19.24 -45.76 -34.41
CA HIS B 160 20.44 -46.51 -34.05
C HIS B 160 21.72 -45.91 -34.63
N ALA B 161 21.59 -45.32 -35.82
CA ALA B 161 22.65 -44.55 -36.44
C ALA B 161 22.03 -43.50 -37.37
N ARG B 162 21.69 -42.33 -36.81
CA ARG B 162 20.99 -41.28 -37.53
C ARG B 162 21.80 -40.86 -38.76
N GLY B 163 23.10 -40.62 -38.55
CA GLY B 163 24.02 -40.28 -39.61
C GLY B 163 24.77 -38.97 -39.35
N ASN B 164 25.57 -38.57 -40.34
CA ASN B 164 26.25 -37.28 -40.40
C ASN B 164 27.22 -37.04 -39.25
N TRP B 165 27.84 -38.12 -38.73
CA TRP B 165 28.88 -38.03 -37.69
C TRP B 165 29.95 -37.00 -38.03
N GLY B 166 30.44 -37.01 -39.27
CA GLY B 166 31.45 -36.07 -39.74
C GLY B 166 30.99 -34.61 -39.67
N PHE B 167 29.72 -34.32 -39.96
CA PHE B 167 29.21 -32.97 -39.84
C PHE B 167 29.05 -32.57 -38.37
N LEU B 168 28.62 -33.51 -37.51
CA LEU B 168 28.53 -33.27 -36.07
C LEU B 168 29.92 -32.97 -35.49
N ASP B 169 30.96 -33.62 -35.99
CA ASP B 169 32.34 -33.34 -35.59
C ASP B 169 32.73 -31.90 -35.95
N GLN B 170 32.34 -31.45 -37.14
CA GLN B 170 32.61 -30.07 -37.54
C GLN B 170 31.91 -29.09 -36.60
N VAL B 171 30.67 -29.38 -36.21
CA VAL B 171 29.96 -28.59 -35.21
C VAL B 171 30.72 -28.56 -33.88
N ALA B 172 31.21 -29.72 -33.40
CA ALA B 172 31.95 -29.79 -32.14
C ALA B 172 33.23 -28.94 -32.20
N ALA B 173 33.93 -28.97 -33.35
CA ALA B 173 35.12 -28.17 -33.52
C ALA B 173 34.80 -26.66 -33.48
N LEU B 174 33.67 -26.27 -34.10
CA LEU B 174 33.25 -24.87 -34.05
C LEU B 174 32.83 -24.46 -32.63
N ARG B 175 32.17 -25.37 -31.88
CA ARG B 175 31.85 -25.10 -30.48
C ARG B 175 33.13 -24.90 -29.67
N TRP B 176 34.13 -25.75 -29.91
CA TRP B 176 35.43 -25.63 -29.26
C TRP B 176 36.07 -24.26 -29.54
N ILE B 177 36.03 -23.82 -30.80
CA ILE B 177 36.58 -22.55 -31.22
C ILE B 177 35.89 -21.39 -30.47
N GLN B 178 34.57 -21.42 -30.35
CA GLN B 178 33.84 -20.43 -29.55
C GLN B 178 34.36 -20.40 -28.11
N GLN B 179 34.57 -21.58 -27.52
CA GLN B 179 34.96 -21.66 -26.12
C GLN B 179 36.42 -21.32 -25.88
N ASN B 180 37.30 -21.49 -26.88
CA ASN B 180 38.74 -21.50 -26.60
C ASN B 180 39.56 -20.47 -27.39
N ILE B 181 39.08 -19.99 -28.54
CA ILE B 181 39.97 -19.32 -29.47
C ILE B 181 40.47 -18.00 -28.91
N ALA B 182 39.75 -17.40 -27.96
CA ALA B 182 40.19 -16.16 -27.35
C ALA B 182 41.54 -16.34 -26.64
N HIS B 183 41.79 -17.54 -26.13
CA HIS B 183 43.04 -17.85 -25.43
C HIS B 183 44.22 -17.86 -26.39
N PHE B 184 43.97 -17.93 -27.70
CA PHE B 184 44.98 -17.92 -28.74
C PHE B 184 45.03 -16.57 -29.44
N GLY B 185 44.17 -15.63 -29.05
CA GLY B 185 44.16 -14.30 -29.67
C GLY B 185 43.10 -14.14 -30.76
N GLY B 186 42.18 -15.11 -30.89
CA GLY B 186 41.07 -15.00 -31.81
C GLY B 186 39.86 -14.30 -31.18
N LYS B 187 39.04 -13.67 -32.02
CA LYS B 187 37.76 -13.10 -31.62
C LYS B 187 36.64 -14.10 -31.91
N PRO B 188 36.00 -14.69 -30.88
CA PRO B 188 34.94 -15.68 -31.12
C PRO B 188 33.71 -15.18 -31.88
N ASP B 189 33.48 -13.86 -31.87
CA ASP B 189 32.39 -13.27 -32.65
C ASP B 189 32.79 -12.88 -34.08
N ARG B 190 33.99 -13.27 -34.53
CA ARG B 190 34.45 -13.02 -35.89
C ARG B 190 35.07 -14.31 -36.46
N VAL B 191 34.24 -15.36 -36.51
CA VAL B 191 34.68 -16.62 -37.08
C VAL B 191 34.11 -16.78 -38.50
N THR B 192 34.97 -17.02 -39.49
CA THR B 192 34.52 -17.35 -40.84
C THR B 192 34.93 -18.79 -41.14
N ILE B 193 33.97 -19.59 -41.61
CA ILE B 193 34.29 -20.93 -42.09
C ILE B 193 34.55 -20.88 -43.60
N PHE B 194 35.55 -21.65 -44.05
CA PHE B 194 35.89 -21.70 -45.46
C PHE B 194 36.34 -23.11 -45.83
N GLY B 195 36.17 -23.46 -47.09
CA GLY B 195 36.48 -24.82 -47.49
C GLY B 195 36.25 -25.01 -48.98
N GLU B 196 36.85 -26.08 -49.50
CA GLU B 196 36.85 -26.32 -50.94
C GLU B 196 36.26 -27.70 -51.22
N SER B 197 35.47 -27.77 -52.30
CA SER B 197 34.87 -29.01 -52.76
C SER B 197 33.95 -29.59 -51.68
N ALA B 198 34.19 -30.82 -51.18
CA ALA B 198 33.37 -31.33 -50.08
C ALA B 198 33.48 -30.47 -48.82
N GLY B 199 34.60 -29.75 -48.68
CA GLY B 199 34.76 -28.73 -47.65
C GLY B 199 33.82 -27.54 -47.88
N GLY B 200 33.58 -27.17 -49.13
CA GLY B 200 32.60 -26.17 -49.55
C GLY B 200 31.16 -26.65 -49.32
N THR B 201 30.89 -27.91 -49.66
CA THR B 201 29.63 -28.54 -49.36
C THR B 201 29.41 -28.50 -47.84
N SER B 202 30.45 -28.78 -47.04
CA SER B 202 30.40 -28.73 -45.59
C SER B 202 30.03 -27.31 -45.13
N VAL B 203 30.76 -26.30 -45.60
CA VAL B 203 30.49 -24.91 -45.27
C VAL B 203 29.04 -24.56 -45.59
N SER B 204 28.59 -24.88 -46.81
CA SER B 204 27.25 -24.63 -47.29
C SER B 204 26.19 -25.33 -46.43
N SER B 205 26.55 -26.52 -45.92
CA SER B 205 25.73 -27.28 -45.00
C SER B 205 25.59 -26.58 -43.65
N HIS B 206 26.69 -26.02 -43.10
CA HIS B 206 26.61 -25.25 -41.87
C HIS B 206 25.74 -24.01 -42.06
N VAL B 207 25.81 -23.38 -43.23
CA VAL B 207 25.06 -22.16 -43.52
C VAL B 207 23.56 -22.42 -43.38
N VAL B 208 23.06 -23.61 -43.71
CA VAL B 208 21.64 -23.93 -43.68
C VAL B 208 21.24 -24.67 -42.40
N SER B 209 22.20 -25.23 -41.66
CA SER B 209 21.89 -26.08 -40.52
C SER B 209 21.52 -25.25 -39.28
N PRO B 210 20.36 -25.51 -38.65
CA PRO B 210 20.03 -24.89 -37.36
C PRO B 210 21.02 -25.21 -36.23
N MET B 211 21.69 -26.37 -36.27
CA MET B 211 22.59 -26.68 -35.17
C MET B 211 23.89 -25.88 -35.22
N SER B 212 24.17 -25.19 -36.33
CA SER B 212 25.43 -24.45 -36.43
C SER B 212 25.23 -22.94 -36.23
N LYS B 213 23.98 -22.50 -36.09
CA LYS B 213 23.67 -21.07 -35.94
C LYS B 213 24.43 -20.49 -34.74
N GLY B 214 25.08 -19.34 -34.93
CA GLY B 214 25.85 -18.68 -33.89
C GLY B 214 27.29 -19.16 -33.74
N LEU B 215 27.71 -20.20 -34.48
CA LEU B 215 29.06 -20.74 -34.37
C LEU B 215 30.04 -20.09 -35.37
N PHE B 216 29.49 -19.28 -36.30
CA PHE B 216 30.30 -18.65 -37.34
C PHE B 216 29.49 -17.47 -37.87
N HIS B 217 30.15 -16.52 -38.53
CA HIS B 217 29.57 -15.21 -38.81
C HIS B 217 29.73 -14.86 -40.30
N GLY B 218 30.43 -15.73 -41.03
CA GLY B 218 30.66 -15.59 -42.46
C GLY B 218 31.10 -16.93 -43.02
N ALA B 219 30.89 -17.13 -44.32
CA ALA B 219 31.14 -18.43 -44.93
C ALA B 219 31.76 -18.23 -46.32
N ILE B 220 32.74 -19.07 -46.67
CA ILE B 220 33.29 -19.05 -48.02
C ILE B 220 33.20 -20.45 -48.60
N MET B 221 32.51 -20.58 -49.73
CA MET B 221 32.31 -21.87 -50.37
C MET B 221 33.04 -21.92 -51.71
N GLU B 222 34.17 -22.64 -51.75
CA GLU B 222 34.99 -22.71 -52.96
C GLU B 222 34.70 -24.02 -53.70
N SER B 223 34.11 -23.94 -54.90
CA SER B 223 33.91 -25.11 -55.75
C SER B 223 33.14 -26.23 -55.04
N GLY B 224 32.17 -25.87 -54.20
CA GLY B 224 31.36 -26.88 -53.57
C GLY B 224 30.27 -26.19 -52.74
N VAL B 225 29.04 -26.68 -52.85
CA VAL B 225 27.91 -26.22 -52.08
C VAL B 225 27.03 -27.42 -51.71
N ALA B 226 25.98 -27.17 -50.90
CA ALA B 226 25.14 -28.23 -50.36
C ALA B 226 24.29 -28.88 -51.45
N LEU B 227 24.14 -28.24 -52.62
CA LEU B 227 23.46 -28.88 -53.75
C LEU B 227 24.40 -29.69 -54.65
N LEU B 228 25.67 -29.91 -54.27
CA LEU B 228 26.62 -30.68 -55.06
C LEU B 228 26.06 -32.07 -55.29
N PRO B 229 25.69 -32.47 -56.54
CA PRO B 229 24.97 -33.72 -56.76
C PRO B 229 25.55 -34.93 -56.04
N TYR B 230 24.70 -35.48 -55.15
CA TYR B 230 24.79 -36.77 -54.49
C TYR B 230 25.75 -36.83 -53.30
N LEU B 231 26.40 -35.73 -52.87
CA LEU B 231 27.05 -35.73 -51.56
C LEU B 231 26.01 -35.76 -50.42
N ILE B 232 24.85 -35.14 -50.64
CA ILE B 232 23.79 -35.17 -49.63
C ILE B 232 22.51 -35.70 -50.27
N THR B 233 21.90 -36.69 -49.63
CA THR B 233 20.72 -37.34 -50.15
C THR B 233 19.64 -37.39 -49.05
N ASP B 234 18.44 -37.91 -49.37
CA ASP B 234 17.40 -38.12 -48.37
C ASP B 234 17.83 -39.24 -47.42
N THR B 235 18.00 -40.43 -48.00
CA THR B 235 18.30 -41.67 -47.30
C THR B 235 19.40 -42.44 -48.05
N SER B 236 19.99 -43.43 -47.36
CA SER B 236 21.07 -44.21 -47.94
C SER B 236 20.86 -45.69 -47.66
N GLU B 237 19.66 -46.17 -48.01
CA GLU B 237 19.27 -47.55 -47.74
C GLU B 237 20.16 -48.56 -48.51
N MET B 238 20.53 -48.22 -49.75
CA MET B 238 21.36 -49.07 -50.59
C MET B 238 22.77 -49.19 -50.00
N VAL B 239 23.32 -48.05 -49.55
CA VAL B 239 24.64 -47.99 -48.95
C VAL B 239 24.65 -48.71 -47.59
N SER B 240 23.60 -48.54 -46.79
CA SER B 240 23.43 -49.25 -45.54
C SER B 240 23.46 -50.77 -45.76
N THR B 241 22.69 -51.25 -46.74
CA THR B 241 22.63 -52.65 -47.13
C THR B 241 24.01 -53.12 -47.58
N THR B 242 24.72 -52.31 -48.37
CA THR B 242 26.06 -52.63 -48.86
C THR B 242 27.04 -52.81 -47.69
N VAL B 243 27.05 -51.87 -46.74
CA VAL B 243 27.90 -51.95 -45.57
C VAL B 243 27.60 -53.21 -44.76
N ALA B 244 26.31 -53.54 -44.60
CA ALA B 244 25.87 -54.73 -43.88
C ALA B 244 26.40 -56.00 -44.52
N LYS B 245 26.36 -56.09 -45.86
CA LYS B 245 26.86 -57.23 -46.63
C LYS B 245 28.39 -57.32 -46.52
N LEU B 246 29.09 -56.20 -46.75
CA LEU B 246 30.55 -56.16 -46.73
C LEU B 246 31.14 -56.51 -45.36
N SER B 247 30.34 -56.34 -44.31
CA SER B 247 30.83 -56.46 -42.95
C SER B 247 30.48 -57.80 -42.33
N GLY B 248 29.59 -58.57 -42.97
CA GLY B 248 29.12 -59.83 -42.43
C GLY B 248 28.00 -59.64 -41.39
N CYS B 249 27.63 -58.40 -41.14
CA CYS B 249 26.64 -58.08 -40.11
C CYS B 249 25.22 -58.06 -40.69
N GLU B 250 24.96 -58.81 -41.75
CA GLU B 250 23.68 -58.68 -42.43
C GLU B 250 22.60 -59.50 -41.76
N ALA B 251 21.41 -59.53 -42.37
CA ALA B 251 20.24 -60.26 -41.89
C ALA B 251 19.86 -59.89 -40.46
N MET B 252 20.27 -58.68 -40.07
CA MET B 252 20.07 -58.12 -38.74
C MET B 252 19.13 -56.92 -38.83
N ASP B 253 18.50 -56.53 -37.71
CA ASP B 253 17.84 -55.24 -37.56
C ASP B 253 18.88 -54.14 -37.32
N SER B 254 18.45 -52.87 -37.31
CA SER B 254 19.35 -51.74 -37.18
C SER B 254 20.20 -51.82 -35.92
N GLU B 255 19.58 -52.16 -34.80
CA GLU B 255 20.28 -52.17 -33.54
C GLU B 255 21.42 -53.17 -33.59
N ALA B 256 21.12 -54.38 -34.08
CA ALA B 256 22.11 -55.45 -34.20
C ALA B 256 23.23 -55.05 -35.18
N LEU B 257 22.87 -54.48 -36.34
CA LEU B 257 23.81 -54.02 -37.34
C LEU B 257 24.84 -53.07 -36.72
N VAL B 258 24.37 -52.06 -35.98
CA VAL B 258 25.24 -51.07 -35.38
C VAL B 258 26.12 -51.71 -34.29
N ARG B 259 25.53 -52.61 -33.49
CA ARG B 259 26.23 -53.35 -32.45
C ARG B 259 27.42 -54.11 -33.08
N CYS B 260 27.17 -54.75 -34.23
CA CYS B 260 28.12 -55.58 -34.93
C CYS B 260 29.24 -54.71 -35.52
N LEU B 261 28.86 -53.61 -36.21
CA LEU B 261 29.81 -52.69 -36.79
C LEU B 261 30.72 -52.07 -35.73
N ARG B 262 30.21 -51.85 -34.51
CA ARG B 262 31.01 -51.32 -33.42
C ARG B 262 32.05 -52.34 -32.93
N GLY B 263 31.89 -53.61 -33.30
CA GLY B 263 32.82 -54.66 -32.91
C GLY B 263 34.04 -54.76 -33.84
N LYS B 264 33.93 -54.21 -35.07
CA LYS B 264 34.97 -54.29 -36.07
C LYS B 264 36.19 -53.46 -35.69
N SER B 265 37.38 -54.00 -35.98
CA SER B 265 38.66 -53.32 -35.82
C SER B 265 38.83 -52.22 -36.88
N GLU B 266 39.79 -51.30 -36.68
CA GLU B 266 40.14 -50.30 -37.68
C GLU B 266 40.39 -50.93 -39.06
N ALA B 267 41.08 -52.08 -39.07
CA ALA B 267 41.43 -52.79 -40.30
C ALA B 267 40.19 -53.31 -41.02
N GLU B 268 39.24 -53.87 -40.27
CA GLU B 268 37.99 -54.33 -40.83
C GLU B 268 37.18 -53.16 -41.40
N ILE B 269 37.22 -52.02 -40.70
CA ILE B 269 36.52 -50.84 -41.20
C ILE B 269 37.13 -50.39 -42.52
N LEU B 270 38.47 -50.31 -42.59
CA LEU B 270 39.19 -49.95 -43.80
C LEU B 270 38.79 -50.83 -44.99
N ALA B 271 38.68 -52.13 -44.75
CA ALA B 271 38.30 -53.09 -45.79
C ALA B 271 36.91 -52.76 -46.35
N ILE B 272 35.96 -52.49 -45.44
CA ILE B 272 34.60 -52.11 -45.81
C ILE B 272 34.63 -50.78 -46.57
N ASN B 273 35.40 -49.83 -46.05
CA ASN B 273 35.44 -48.45 -46.50
C ASN B 273 35.95 -48.39 -47.94
N LYS B 274 36.89 -49.30 -48.30
CA LYS B 274 37.45 -49.36 -49.64
C LYS B 274 36.40 -49.56 -50.71
N LEU B 275 35.43 -50.45 -50.40
CA LEU B 275 34.40 -50.80 -51.37
C LEU B 275 33.19 -49.87 -51.31
N VAL B 276 33.19 -48.90 -50.39
CA VAL B 276 32.11 -47.92 -50.29
C VAL B 276 32.70 -46.50 -50.37
N GLN B 277 33.43 -46.22 -51.46
CA GLN B 277 33.62 -44.84 -51.89
C GLN B 277 32.24 -44.25 -52.16
N MET B 278 32.08 -42.93 -51.98
CA MET B 278 30.81 -42.25 -52.15
C MET B 278 29.75 -42.78 -51.18
N ILE B 279 29.93 -42.47 -49.89
CA ILE B 279 28.90 -42.68 -48.89
C ILE B 279 28.34 -41.32 -48.47
N PRO B 280 27.05 -41.03 -48.76
CA PRO B 280 26.55 -39.67 -48.66
C PRO B 280 26.12 -39.26 -47.24
N ALA B 281 26.07 -37.94 -47.03
CA ALA B 281 25.31 -37.33 -45.95
C ALA B 281 23.82 -37.56 -46.21
N VAL B 282 23.03 -37.64 -45.11
CA VAL B 282 21.61 -37.90 -45.19
C VAL B 282 20.83 -36.78 -44.50
N VAL B 283 19.50 -36.80 -44.65
CA VAL B 283 18.66 -35.95 -43.83
C VAL B 283 18.48 -36.67 -42.49
N ASP B 284 19.35 -36.36 -41.54
CA ASP B 284 19.50 -37.10 -40.29
C ASP B 284 18.50 -36.65 -39.21
N GLY B 285 17.82 -35.51 -39.42
CA GLY B 285 16.87 -34.98 -38.46
C GLY B 285 17.47 -33.91 -37.54
N GLU B 286 18.74 -34.06 -37.16
CA GLU B 286 19.38 -33.15 -36.22
C GLU B 286 20.15 -32.05 -36.95
N PHE B 287 21.21 -32.44 -37.67
CA PHE B 287 22.02 -31.49 -38.40
C PHE B 287 21.25 -30.96 -39.61
N PHE B 288 20.56 -31.83 -40.33
CA PHE B 288 19.58 -31.41 -41.33
C PHE B 288 18.20 -31.89 -40.93
N PRO B 289 17.28 -30.98 -40.50
CA PRO B 289 15.87 -31.33 -40.29
C PRO B 289 15.11 -31.66 -41.57
N ARG B 290 15.56 -31.06 -42.68
CA ARG B 290 15.01 -31.23 -44.02
C ARG B 290 16.18 -31.28 -44.98
N HIS B 291 15.96 -31.70 -46.23
CA HIS B 291 17.01 -31.62 -47.24
C HIS B 291 17.46 -30.16 -47.41
N PRO B 292 18.78 -29.88 -47.58
CA PRO B 292 19.25 -28.54 -47.85
C PRO B 292 18.46 -27.74 -48.89
N LYS B 293 17.94 -28.42 -49.93
CA LYS B 293 17.12 -27.77 -50.95
C LYS B 293 15.90 -27.06 -50.34
N GLU B 294 15.26 -27.73 -49.37
CA GLU B 294 14.11 -27.14 -48.68
C GLU B 294 14.55 -26.05 -47.71
N LEU B 295 15.66 -26.25 -46.99
CA LEU B 295 16.19 -25.23 -46.09
C LEU B 295 16.54 -23.94 -46.84
N LEU B 296 17.15 -24.05 -48.03
CA LEU B 296 17.54 -22.91 -48.86
C LEU B 296 16.33 -22.12 -49.35
N ALA B 297 15.22 -22.80 -49.68
CA ALA B 297 14.06 -22.16 -50.26
C ALA B 297 13.11 -21.63 -49.17
N SER B 298 13.36 -21.90 -47.90
CA SER B 298 12.53 -21.46 -46.78
C SER B 298 12.49 -19.93 -46.68
N GLU B 299 11.37 -19.40 -46.19
CA GLU B 299 11.23 -17.97 -45.90
C GLU B 299 11.98 -17.60 -44.61
N ASP B 300 12.15 -18.57 -43.70
CA ASP B 300 12.84 -18.37 -42.43
C ASP B 300 14.33 -18.66 -42.52
N PHE B 301 14.88 -18.74 -43.75
CA PHE B 301 16.31 -18.95 -43.92
C PHE B 301 17.08 -17.64 -43.64
N HIS B 302 18.05 -17.66 -42.73
CA HIS B 302 18.83 -16.46 -42.39
C HIS B 302 20.33 -16.71 -42.49
N PRO B 303 20.88 -16.83 -43.72
CA PRO B 303 22.31 -17.12 -43.89
C PRO B 303 23.22 -15.98 -43.44
N VAL B 304 24.42 -16.33 -42.98
CA VAL B 304 25.49 -15.35 -42.82
C VAL B 304 25.90 -14.81 -44.19
N PRO B 305 26.60 -13.65 -44.25
CA PRO B 305 27.24 -13.23 -45.48
C PRO B 305 28.17 -14.31 -45.99
N SER B 306 28.29 -14.40 -47.32
CA SER B 306 28.98 -15.51 -47.96
C SER B 306 29.77 -15.05 -49.17
N ILE B 307 30.93 -15.69 -49.36
CA ILE B 307 31.57 -15.75 -50.66
C ILE B 307 31.24 -17.12 -51.26
N ILE B 308 30.78 -17.14 -52.52
CA ILE B 308 30.55 -18.40 -53.22
C ILE B 308 31.27 -18.32 -54.57
N GLY B 309 31.91 -19.42 -54.98
CA GLY B 309 32.52 -19.36 -56.29
C GLY B 309 32.92 -20.71 -56.85
N VAL B 310 33.35 -20.66 -58.11
CA VAL B 310 33.76 -21.83 -58.86
C VAL B 310 34.99 -21.49 -59.70
N ASN B 311 35.66 -22.52 -60.20
CA ASN B 311 36.72 -22.39 -61.17
C ASN B 311 36.14 -22.52 -62.57
N ASN B 312 36.78 -21.91 -63.59
CA ASN B 312 36.25 -21.94 -64.95
C ASN B 312 36.44 -23.30 -65.64
N ASP B 313 37.08 -24.28 -64.98
CA ASP B 313 37.30 -25.57 -65.62
C ASP B 313 37.26 -26.74 -64.62
N GLU B 314 36.20 -26.81 -63.80
CA GLU B 314 36.14 -27.73 -62.67
C GLU B 314 36.29 -29.20 -63.08
N PHE B 315 35.89 -29.55 -64.30
CA PHE B 315 35.93 -30.95 -64.73
C PHE B 315 36.98 -31.12 -65.81
N GLY B 316 37.99 -30.23 -65.83
CA GLY B 316 39.00 -30.19 -66.87
C GLY B 316 39.96 -31.38 -66.84
N TRP B 317 40.33 -31.87 -65.64
CA TRP B 317 41.46 -32.78 -65.51
C TRP B 317 41.38 -33.64 -64.23
N THR B 318 41.63 -33.04 -63.07
CA THR B 318 41.76 -33.76 -61.80
C THR B 318 40.57 -34.68 -61.54
N ILE B 319 39.33 -34.19 -61.67
CA ILE B 319 38.18 -35.01 -61.32
C ILE B 319 38.04 -36.22 -62.24
N PRO B 320 37.97 -36.10 -63.60
CA PRO B 320 37.89 -37.27 -64.45
C PRO B 320 39.08 -38.22 -64.34
N VAL B 321 40.27 -37.71 -64.02
CA VAL B 321 41.41 -38.56 -63.76
C VAL B 321 41.21 -39.41 -62.49
N VAL B 322 40.84 -38.77 -61.39
CA VAL B 322 40.63 -39.47 -60.13
C VAL B 322 39.43 -40.41 -60.21
N MET B 323 38.32 -40.01 -60.83
CA MET B 323 37.17 -40.89 -60.99
C MET B 323 37.43 -41.99 -62.02
N GLY B 324 38.54 -41.93 -62.75
CA GLY B 324 38.89 -42.91 -63.78
C GLY B 324 38.08 -42.78 -65.07
N SER B 325 37.33 -41.67 -65.23
CA SER B 325 36.49 -41.46 -66.41
C SER B 325 37.20 -40.70 -67.54
N ALA B 326 38.44 -40.27 -67.29
CA ALA B 326 39.22 -39.57 -68.31
C ALA B 326 39.32 -40.40 -69.59
N GLN B 327 39.65 -41.70 -69.50
CA GLN B 327 39.78 -42.53 -70.70
C GLN B 327 38.45 -42.63 -71.46
N THR B 328 37.35 -42.89 -70.75
CA THR B 328 36.09 -43.02 -71.46
C THR B 328 35.69 -41.72 -72.16
N ILE B 329 36.05 -40.57 -71.59
CA ILE B 329 35.75 -39.28 -72.21
C ILE B 329 36.56 -39.12 -73.51
N LYS B 330 37.85 -39.51 -73.53
CA LYS B 330 38.67 -39.46 -74.74
C LYS B 330 38.12 -40.31 -75.88
N GLU B 331 37.19 -41.22 -75.60
CA GLU B 331 36.60 -42.07 -76.64
C GLU B 331 35.31 -41.49 -77.22
N ILE B 332 34.86 -40.31 -76.76
CA ILE B 332 33.66 -39.68 -77.32
C ILE B 332 33.95 -39.14 -78.72
N THR B 333 33.03 -39.42 -79.66
CA THR B 333 33.06 -38.95 -81.04
C THR B 333 31.64 -38.57 -81.45
N ARG B 334 31.47 -37.92 -82.63
CA ARG B 334 30.14 -37.57 -83.11
C ARG B 334 29.29 -38.81 -83.32
N GLU B 335 29.93 -39.93 -83.71
CA GLU B 335 29.25 -41.20 -83.97
C GLU B 335 28.60 -41.76 -82.70
N ASN B 336 29.26 -41.66 -81.53
CA ASN B 336 28.77 -42.29 -80.33
C ASN B 336 28.14 -41.30 -79.35
N LEU B 337 28.10 -40.00 -79.71
CA LEU B 337 27.64 -38.96 -78.81
C LEU B 337 26.22 -39.21 -78.29
N GLN B 338 25.28 -39.54 -79.19
CA GLN B 338 23.91 -39.77 -78.78
C GLN B 338 23.82 -40.87 -77.73
N ALA B 339 24.51 -41.99 -77.96
CA ALA B 339 24.55 -43.11 -77.03
C ALA B 339 25.18 -42.71 -75.68
N VAL B 340 26.27 -41.93 -75.71
CA VAL B 340 26.95 -41.47 -74.51
C VAL B 340 26.03 -40.56 -73.71
N LEU B 341 25.32 -39.65 -74.40
CA LEU B 341 24.43 -38.74 -73.71
C LEU B 341 23.23 -39.49 -73.12
N LYS B 342 22.64 -40.43 -73.90
CA LYS B 342 21.50 -41.20 -73.41
C LYS B 342 21.88 -41.89 -72.10
N ASN B 343 23.15 -42.31 -71.98
CA ASN B 343 23.62 -43.01 -70.81
C ASN B 343 23.85 -42.02 -69.68
N THR B 344 24.46 -40.88 -70.03
CA THR B 344 24.78 -39.87 -69.03
C THR B 344 23.50 -39.33 -68.37
N THR B 345 22.41 -39.24 -69.16
CA THR B 345 21.13 -38.83 -68.62
C THR B 345 20.77 -39.53 -67.31
N ALA B 346 21.06 -40.82 -67.16
CA ALA B 346 20.80 -41.53 -65.91
C ALA B 346 21.49 -40.84 -64.72
N GLN B 347 22.80 -40.59 -64.85
CA GLN B 347 23.60 -39.98 -63.79
C GLN B 347 23.17 -38.55 -63.53
N LEU B 348 22.65 -37.86 -64.55
CA LEU B 348 22.11 -36.50 -64.42
C LEU B 348 20.69 -36.51 -63.84
N MET B 349 20.13 -37.71 -63.61
CA MET B 349 18.73 -37.91 -63.20
C MET B 349 17.74 -37.23 -64.15
N LEU B 350 17.98 -37.38 -65.47
CA LEU B 350 17.10 -36.87 -66.48
C LEU B 350 16.42 -38.02 -67.20
N PRO B 351 15.19 -37.81 -67.73
CA PRO B 351 14.60 -38.70 -68.74
C PRO B 351 15.53 -38.85 -69.94
N PRO B 352 15.69 -40.07 -70.51
CA PRO B 352 16.50 -40.27 -71.71
C PRO B 352 16.20 -39.34 -72.89
N GLU B 353 14.98 -38.80 -72.93
CA GLU B 353 14.55 -37.92 -74.02
C GLU B 353 15.25 -36.55 -73.93
N CYS B 354 15.81 -36.22 -72.77
CA CYS B 354 16.60 -35.00 -72.58
C CYS B 354 17.91 -35.05 -73.32
N SER B 355 18.35 -36.22 -73.80
CA SER B 355 19.62 -36.38 -74.50
C SER B 355 19.72 -35.45 -75.71
N ASP B 356 18.62 -35.28 -76.46
CA ASP B 356 18.61 -34.43 -77.62
C ASP B 356 18.73 -32.94 -77.23
N LEU B 357 18.13 -32.56 -76.10
CA LEU B 357 18.23 -31.19 -75.64
C LEU B 357 19.63 -30.87 -75.14
N LEU B 358 20.22 -31.81 -74.41
CA LEU B 358 21.58 -31.69 -73.91
C LEU B 358 22.57 -31.57 -75.08
N MET B 359 22.36 -32.37 -76.13
CA MET B 359 23.19 -32.34 -77.31
C MET B 359 23.06 -30.99 -78.01
N GLU B 360 21.84 -30.50 -78.25
CA GLU B 360 21.66 -29.22 -78.92
C GLU B 360 22.26 -28.08 -78.10
N GLU B 361 22.14 -28.15 -76.77
CA GLU B 361 22.61 -27.10 -75.89
C GLU B 361 24.13 -27.09 -75.87
N TYR B 362 24.76 -28.24 -75.58
CA TYR B 362 26.20 -28.28 -75.31
C TYR B 362 27.03 -28.48 -76.59
N MET B 363 26.52 -29.21 -77.59
CA MET B 363 27.35 -29.59 -78.73
C MET B 363 26.87 -28.97 -80.05
N GLY B 364 25.56 -28.83 -80.22
CA GLY B 364 25.03 -28.26 -81.46
C GLY B 364 25.48 -29.12 -82.64
N ASP B 365 26.10 -28.48 -83.65
CA ASP B 365 26.54 -29.17 -84.85
C ASP B 365 28.02 -29.61 -84.83
N THR B 366 28.69 -29.49 -83.69
CA THR B 366 30.10 -29.82 -83.53
C THR B 366 30.38 -31.25 -83.96
N GLU B 367 31.45 -31.44 -84.75
CA GLU B 367 31.87 -32.74 -85.24
C GLU B 367 33.21 -33.14 -84.64
N ASP B 368 34.05 -32.17 -84.30
CA ASP B 368 35.39 -32.38 -83.81
C ASP B 368 35.38 -33.11 -82.47
N ALA B 369 36.03 -34.28 -82.42
CA ALA B 369 36.01 -35.16 -81.24
C ALA B 369 36.50 -34.45 -79.99
N GLN B 370 37.65 -33.75 -80.05
CA GLN B 370 38.18 -33.08 -78.88
C GLN B 370 37.23 -32.00 -78.36
N THR B 371 36.61 -31.25 -79.28
CA THR B 371 35.67 -30.20 -78.90
C THR B 371 34.46 -30.81 -78.19
N LEU B 372 33.91 -31.91 -78.74
CA LEU B 372 32.83 -32.65 -78.11
C LEU B 372 33.17 -33.03 -76.68
N GLN B 373 34.40 -33.48 -76.46
CA GLN B 373 34.82 -33.91 -75.13
C GLN B 373 34.86 -32.73 -74.17
N ILE B 374 35.33 -31.57 -74.66
CA ILE B 374 35.35 -30.39 -73.80
C ILE B 374 33.92 -29.93 -73.52
N GLN B 375 33.04 -29.92 -74.52
CA GLN B 375 31.62 -29.64 -74.33
C GLN B 375 30.98 -30.59 -73.30
N PHE B 376 31.32 -31.87 -73.37
CA PHE B 376 30.85 -32.86 -72.42
C PHE B 376 31.30 -32.51 -71.00
N THR B 377 32.58 -32.15 -70.84
CA THR B 377 33.05 -31.78 -69.51
C THR B 377 32.41 -30.47 -69.06
N GLU B 378 32.08 -29.55 -69.97
CA GLU B 378 31.36 -28.32 -69.61
C GLU B 378 29.99 -28.68 -69.00
N MET B 379 29.26 -29.59 -69.65
CA MET B 379 28.00 -30.10 -69.16
C MET B 379 28.13 -30.64 -67.74
N MET B 380 29.16 -31.44 -67.48
CA MET B 380 29.46 -31.99 -66.15
C MET B 380 29.84 -30.90 -65.14
N GLU B 381 30.64 -29.90 -65.51
CA GLU B 381 31.00 -28.86 -64.56
C GLU B 381 29.78 -28.02 -64.19
N ASP B 382 28.86 -27.82 -65.14
CA ASP B 382 27.64 -27.07 -64.91
C ASP B 382 26.73 -27.84 -63.96
N PHE B 383 26.54 -29.12 -64.23
CA PHE B 383 25.74 -29.98 -63.37
C PHE B 383 26.31 -30.09 -61.94
N MET B 384 27.62 -30.28 -61.80
CA MET B 384 28.23 -30.56 -60.49
C MET B 384 28.53 -29.30 -59.69
N PHE B 385 28.91 -28.20 -60.35
CA PHE B 385 29.49 -27.07 -59.62
C PHE B 385 28.80 -25.75 -59.92
N VAL B 386 28.68 -25.39 -61.20
CA VAL B 386 28.34 -24.03 -61.57
C VAL B 386 26.86 -23.77 -61.29
N ILE B 387 25.98 -24.64 -61.78
CA ILE B 387 24.56 -24.43 -61.57
C ILE B 387 24.23 -24.55 -60.07
N PRO B 388 24.67 -25.59 -59.32
CA PRO B 388 24.52 -25.60 -57.87
C PRO B 388 24.96 -24.31 -57.18
N ALA B 389 26.15 -23.79 -57.52
CA ALA B 389 26.65 -22.57 -56.88
C ALA B 389 25.72 -21.38 -57.16
N LEU B 390 25.28 -21.23 -58.42
CA LEU B 390 24.41 -20.13 -58.82
C LEU B 390 23.04 -20.23 -58.12
N GLN B 391 22.53 -21.45 -57.94
CA GLN B 391 21.29 -21.68 -57.21
C GLN B 391 21.41 -21.30 -55.74
N VAL B 392 22.47 -21.75 -55.07
CA VAL B 392 22.67 -21.44 -53.67
C VAL B 392 22.85 -19.92 -53.49
N ALA B 393 23.59 -19.28 -54.41
CA ALA B 393 23.78 -17.85 -54.39
C ALA B 393 22.44 -17.12 -54.53
N TYR B 394 21.58 -17.56 -55.45
CA TYR B 394 20.24 -17.01 -55.66
C TYR B 394 19.40 -17.07 -54.37
N PHE B 395 19.41 -18.21 -53.68
CA PHE B 395 18.63 -18.39 -52.45
C PHE B 395 19.21 -17.60 -51.29
N GLN B 396 20.53 -17.41 -51.23
CA GLN B 396 21.13 -16.70 -50.10
C GLN B 396 21.02 -15.17 -50.27
N ARG B 397 21.19 -14.67 -51.50
CA ARG B 397 21.53 -13.27 -51.74
C ARG B 397 20.39 -12.28 -51.45
N SER B 398 19.16 -12.77 -51.30
CA SER B 398 18.04 -11.90 -50.91
C SER B 398 18.00 -11.70 -49.39
N HIS B 399 18.73 -12.53 -48.62
CA HIS B 399 18.69 -12.46 -47.16
C HIS B 399 19.97 -11.84 -46.61
N ALA B 400 21.10 -12.03 -47.29
CA ALA B 400 22.40 -11.61 -46.83
C ALA B 400 23.31 -11.39 -48.04
N SER B 401 24.41 -10.67 -47.83
CA SER B 401 25.37 -10.42 -48.88
C SER B 401 25.94 -11.73 -49.42
N VAL B 402 25.91 -11.84 -50.76
CA VAL B 402 26.67 -12.85 -51.46
C VAL B 402 27.69 -12.17 -52.35
N TYR B 403 28.95 -12.58 -52.23
CA TYR B 403 30.00 -12.16 -53.16
C TYR B 403 30.40 -13.37 -53.99
N PHE B 404 30.20 -13.28 -55.31
CA PHE B 404 30.37 -14.44 -56.18
C PHE B 404 31.65 -14.28 -57.01
N TYR B 405 32.39 -15.38 -57.19
CA TYR B 405 33.59 -15.35 -58.03
C TYR B 405 33.63 -16.51 -59.03
N GLU B 406 34.25 -16.25 -60.19
CA GLU B 406 34.76 -17.31 -61.04
C GLU B 406 36.30 -17.16 -61.08
N PHE B 407 37.01 -18.20 -60.64
CA PHE B 407 38.47 -18.20 -60.69
C PHE B 407 38.93 -18.78 -62.02
N GLN B 408 39.85 -18.08 -62.68
CA GLN B 408 40.08 -18.33 -64.11
C GLN B 408 41.55 -18.57 -64.41
N HIS B 409 42.43 -18.42 -63.41
CA HIS B 409 43.87 -18.44 -63.62
C HIS B 409 44.38 -19.83 -64.04
N GLN B 410 45.11 -19.86 -65.15
CA GLN B 410 45.80 -21.05 -65.64
C GLN B 410 47.23 -21.04 -65.10
N ILE B 411 47.56 -21.96 -64.18
CA ILE B 411 48.86 -21.99 -63.51
C ILE B 411 49.96 -22.27 -64.53
N ALA B 412 50.98 -21.39 -64.50
CA ALA B 412 52.07 -21.36 -65.49
C ALA B 412 52.86 -22.66 -65.52
N SER B 413 53.36 -23.08 -64.36
CA SER B 413 54.25 -24.24 -64.28
C SER B 413 53.56 -25.58 -64.59
N LEU B 414 52.22 -25.60 -64.71
CA LEU B 414 51.52 -26.83 -65.07
C LEU B 414 51.32 -26.99 -66.58
N LYS B 415 51.75 -26.00 -67.37
CA LYS B 415 51.44 -26.00 -68.80
C LYS B 415 51.97 -27.26 -69.50
N ASP B 416 53.12 -27.77 -69.05
CA ASP B 416 53.74 -28.97 -69.63
C ASP B 416 53.39 -30.24 -68.83
N VAL B 417 52.49 -30.13 -67.86
CA VAL B 417 52.18 -31.21 -66.92
C VAL B 417 50.82 -31.84 -67.23
N ARG B 418 49.93 -31.12 -67.95
CA ARG B 418 48.57 -31.58 -68.22
C ARG B 418 48.11 -30.98 -69.54
N PRO B 419 46.96 -31.43 -70.12
CA PRO B 419 46.46 -30.90 -71.38
C PRO B 419 46.36 -29.37 -71.41
N THR B 420 46.77 -28.78 -72.53
CA THR B 420 46.97 -27.33 -72.65
C THR B 420 45.65 -26.57 -72.61
N HIS B 421 44.53 -27.21 -72.95
CA HIS B 421 43.22 -26.56 -72.98
C HIS B 421 42.63 -26.37 -71.58
N VAL B 422 43.21 -27.04 -70.57
CA VAL B 422 42.75 -26.94 -69.19
C VAL B 422 43.12 -25.57 -68.63
N LYS B 423 42.10 -24.86 -68.14
CA LYS B 423 42.26 -23.54 -67.54
C LYS B 423 42.40 -23.73 -66.02
N ALA B 424 41.50 -23.15 -65.23
CA ALA B 424 41.55 -23.34 -63.79
C ALA B 424 40.81 -24.62 -63.42
N ASP B 425 41.58 -25.68 -63.16
CA ASP B 425 41.05 -26.97 -62.79
C ASP B 425 40.45 -26.89 -61.39
N HIS B 426 39.69 -27.92 -61.03
CA HIS B 426 39.32 -28.14 -59.65
C HIS B 426 40.53 -28.02 -58.74
N ALA B 427 40.36 -27.33 -57.59
CA ALA B 427 41.35 -27.09 -56.57
C ALA B 427 42.47 -26.12 -56.95
N ASP B 428 42.47 -25.55 -58.16
CA ASP B 428 43.58 -24.70 -58.57
C ASP B 428 43.66 -23.39 -57.80
N GLU B 429 42.59 -22.98 -57.10
CA GLU B 429 42.59 -21.75 -56.32
C GLU B 429 43.20 -21.94 -54.92
N ILE B 430 43.25 -23.17 -54.40
CA ILE B 430 43.79 -23.44 -53.06
C ILE B 430 45.21 -22.91 -52.88
N PRO B 431 46.16 -23.12 -53.81
CA PRO B 431 47.49 -22.54 -53.67
C PRO B 431 47.50 -21.03 -53.50
N PHE B 432 46.51 -20.33 -54.07
CA PHE B 432 46.48 -18.88 -54.02
C PHE B 432 46.00 -18.40 -52.63
N VAL B 433 45.08 -19.15 -52.03
CA VAL B 433 44.56 -18.89 -50.69
C VAL B 433 45.63 -19.21 -49.63
N PHE B 434 46.32 -20.36 -49.77
CA PHE B 434 47.27 -20.83 -48.77
C PHE B 434 48.67 -20.29 -49.01
N GLY B 435 49.01 -19.96 -50.26
CA GLY B 435 50.28 -19.33 -50.63
C GLY B 435 51.41 -20.32 -50.97
N TYR B 436 51.06 -21.59 -51.30
CA TYR B 436 52.05 -22.57 -51.73
C TYR B 436 51.35 -23.67 -52.54
N PHE B 437 52.13 -24.44 -53.31
CA PHE B 437 51.59 -25.54 -54.11
C PHE B 437 51.56 -26.86 -53.33
N PHE B 438 50.54 -27.67 -53.64
CA PHE B 438 50.22 -28.89 -52.89
C PHE B 438 50.83 -30.15 -53.54
N TRP B 439 51.21 -30.04 -54.83
CA TRP B 439 51.68 -31.18 -55.60
C TRP B 439 53.10 -31.56 -55.22
N ASP B 440 53.38 -32.87 -55.32
CA ASP B 440 54.71 -33.41 -55.08
C ASP B 440 55.61 -33.19 -56.30
N MET B 441 55.98 -31.92 -56.52
CA MET B 441 56.81 -31.45 -57.61
C MET B 441 57.40 -30.09 -57.23
N LYS B 442 58.54 -29.73 -57.83
CA LYS B 442 59.04 -28.36 -57.68
C LYS B 442 58.28 -27.47 -58.66
N LEU B 443 57.47 -26.58 -58.07
CA LEU B 443 56.68 -25.59 -58.81
C LEU B 443 56.87 -24.24 -58.11
N ASP B 444 57.04 -23.18 -58.91
CA ASP B 444 57.22 -21.83 -58.40
C ASP B 444 56.09 -20.93 -58.92
N PHE B 445 55.74 -19.90 -58.11
CA PHE B 445 54.83 -18.87 -58.57
C PHE B 445 55.53 -17.87 -59.48
N THR B 446 54.85 -17.51 -60.58
CA THR B 446 55.13 -16.31 -61.36
C THR B 446 54.94 -15.08 -60.47
N GLU B 447 55.50 -13.94 -60.91
CA GLU B 447 55.28 -12.67 -60.22
C GLU B 447 53.80 -12.30 -60.15
N GLY B 448 53.11 -12.52 -61.29
CA GLY B 448 51.67 -12.37 -61.43
C GLY B 448 50.91 -13.25 -60.43
N GLU B 449 51.42 -14.45 -60.17
CA GLU B 449 50.75 -15.41 -59.31
C GLU B 449 50.94 -15.06 -57.84
N LYS B 450 52.11 -14.53 -57.47
CA LYS B 450 52.32 -13.99 -56.13
C LYS B 450 51.31 -12.87 -55.84
N LEU B 451 51.13 -11.97 -56.81
CA LEU B 451 50.17 -10.90 -56.68
C LEU B 451 48.75 -11.45 -56.59
N LEU B 452 48.41 -12.45 -57.42
CA LEU B 452 47.10 -13.04 -57.37
C LEU B 452 46.84 -13.66 -55.98
N SER B 453 47.83 -14.38 -55.44
CA SER B 453 47.74 -14.96 -54.12
C SER B 453 47.55 -13.88 -53.05
N ARG B 454 48.32 -12.79 -53.11
CA ARG B 454 48.20 -11.71 -52.15
C ARG B 454 46.81 -11.08 -52.23
N ARG B 455 46.28 -10.90 -53.44
CA ARG B 455 44.94 -10.35 -53.66
C ARG B 455 43.87 -11.25 -53.06
N MET B 456 43.94 -12.55 -53.35
CA MET B 456 42.98 -13.51 -52.82
C MET B 456 43.04 -13.60 -51.29
N MET B 457 44.27 -13.67 -50.75
CA MET B 457 44.42 -13.65 -49.31
C MET B 457 43.78 -12.40 -48.71
N LYS B 458 43.97 -11.23 -49.36
CA LYS B 458 43.40 -9.99 -48.86
C LYS B 458 41.87 -9.97 -48.98
N TYR B 459 41.29 -10.42 -50.11
CA TYR B 459 39.85 -10.53 -50.23
C TYR B 459 39.27 -11.41 -49.13
N TRP B 460 39.88 -12.59 -48.93
CA TRP B 460 39.39 -13.55 -47.94
C TRP B 460 39.49 -12.95 -46.53
N ALA B 461 40.61 -12.29 -46.22
CA ALA B 461 40.84 -11.74 -44.90
C ALA B 461 39.96 -10.50 -44.63
N ASN B 462 39.80 -9.63 -45.66
CA ASN B 462 38.86 -8.52 -45.57
C ASN B 462 37.46 -9.06 -45.22
N PHE B 463 37.07 -10.14 -45.90
CA PHE B 463 35.80 -10.78 -45.65
C PHE B 463 35.74 -11.36 -44.24
N ALA B 464 36.83 -11.97 -43.78
CA ALA B 464 36.93 -12.44 -42.40
C ALA B 464 36.78 -11.28 -41.39
N ARG B 465 37.28 -10.08 -41.72
CA ARG B 465 37.22 -8.92 -40.84
C ARG B 465 35.83 -8.26 -40.85
N HIS B 466 35.20 -8.11 -42.02
CA HIS B 466 34.10 -7.18 -42.17
C HIS B 466 32.85 -7.81 -42.81
N GLY B 467 32.91 -9.08 -43.27
CA GLY B 467 31.81 -9.66 -44.04
C GLY B 467 31.65 -9.03 -45.42
N ASN B 468 32.76 -8.42 -45.90
CA ASN B 468 32.81 -7.71 -47.16
C ASN B 468 34.27 -7.82 -47.63
N PRO B 469 34.53 -8.37 -48.84
CA PRO B 469 35.92 -8.56 -49.30
C PRO B 469 36.67 -7.29 -49.72
N ASN B 470 35.97 -6.14 -49.81
CA ASN B 470 36.55 -4.98 -50.46
C ASN B 470 37.48 -4.18 -49.54
N SER B 471 38.53 -3.59 -50.13
CA SER B 471 39.37 -2.58 -49.50
C SER B 471 39.98 -1.70 -50.59
N GLU B 472 40.29 -0.45 -50.24
CA GLU B 472 40.91 0.46 -51.18
C GLU B 472 42.20 -0.18 -51.70
N GLY B 473 42.39 -0.19 -53.02
CA GLY B 473 43.62 -0.82 -53.52
C GLY B 473 43.40 -2.20 -54.14
N LEU B 474 42.36 -2.92 -53.71
CA LEU B 474 41.94 -4.10 -54.44
C LEU B 474 40.90 -3.70 -55.48
N PRO B 475 40.85 -4.36 -56.65
CA PRO B 475 39.72 -4.19 -57.56
C PRO B 475 38.38 -4.44 -56.87
N TYR B 476 37.40 -3.59 -57.17
CA TYR B 476 36.09 -3.65 -56.55
C TYR B 476 35.39 -4.97 -56.87
N TRP B 477 34.88 -5.62 -55.83
CA TRP B 477 34.09 -6.83 -55.95
C TRP B 477 32.66 -6.50 -55.51
N PRO B 478 31.71 -6.32 -56.47
CA PRO B 478 30.33 -5.96 -56.10
C PRO B 478 29.58 -7.14 -55.49
N VAL B 479 28.64 -6.83 -54.58
CA VAL B 479 27.69 -7.80 -54.09
C VAL B 479 26.87 -8.36 -55.26
N MET B 480 26.49 -9.63 -55.13
CA MET B 480 25.63 -10.25 -56.14
C MET B 480 24.17 -9.91 -55.82
N ASP B 481 23.49 -9.25 -56.76
CA ASP B 481 22.09 -8.89 -56.55
C ASP B 481 21.32 -9.12 -57.86
N HIS B 482 20.27 -8.36 -58.14
CA HIS B 482 19.53 -8.47 -59.37
C HIS B 482 20.41 -8.20 -60.61
N ASP B 483 21.54 -7.49 -60.44
CA ASP B 483 22.47 -7.24 -61.55
C ASP B 483 23.39 -8.41 -61.87
N GLU B 484 23.42 -9.44 -61.01
CA GLU B 484 24.04 -10.73 -61.28
C GLU B 484 25.56 -10.59 -61.41
N GLN B 485 26.16 -9.60 -60.76
CA GLN B 485 27.60 -9.37 -60.92
C GLN B 485 28.43 -10.34 -60.10
N TYR B 486 29.63 -10.63 -60.64
CA TYR B 486 30.59 -11.49 -59.96
C TYR B 486 31.99 -11.00 -60.29
N LEU B 487 32.98 -11.45 -59.52
CA LEU B 487 34.37 -11.12 -59.78
C LEU B 487 35.04 -12.25 -60.56
N GLN B 488 35.71 -11.87 -61.66
CA GLN B 488 36.57 -12.80 -62.38
C GLN B 488 37.96 -12.72 -61.77
N LEU B 489 38.36 -13.78 -61.04
CA LEU B 489 39.65 -13.80 -60.36
C LEU B 489 40.70 -14.36 -61.31
N ASP B 490 41.65 -13.50 -61.62
CA ASP B 490 42.84 -13.83 -62.36
C ASP B 490 43.84 -12.73 -62.00
N THR B 491 44.99 -12.70 -62.69
CA THR B 491 46.09 -11.82 -62.32
C THR B 491 45.64 -10.36 -62.21
N GLN B 492 44.89 -9.89 -63.23
CA GLN B 492 44.14 -8.64 -63.11
C GLN B 492 42.63 -8.93 -62.99
N PRO B 493 42.04 -8.88 -61.77
CA PRO B 493 40.62 -9.15 -61.57
C PRO B 493 39.74 -8.15 -62.30
N ALA B 494 38.56 -8.60 -62.71
CA ALA B 494 37.61 -7.79 -63.44
C ALA B 494 36.18 -8.23 -63.10
N VAL B 495 35.24 -7.30 -63.10
CA VAL B 495 33.84 -7.63 -62.85
C VAL B 495 33.24 -8.25 -64.11
N GLY B 496 32.44 -9.30 -63.93
CA GLY B 496 31.57 -9.78 -64.97
C GLY B 496 30.14 -9.82 -64.42
N ARG B 497 29.22 -10.26 -65.27
CA ARG B 497 27.83 -10.36 -64.86
C ARG B 497 27.17 -11.51 -65.59
N ALA B 498 26.17 -12.11 -64.93
CA ALA B 498 25.32 -13.14 -65.50
C ALA B 498 26.19 -14.31 -65.95
N LEU B 499 26.97 -14.86 -65.02
CA LEU B 499 27.80 -16.04 -65.25
C LEU B 499 27.00 -17.14 -65.91
N LYS B 500 27.45 -17.60 -67.10
CA LYS B 500 26.88 -18.77 -67.76
C LYS B 500 25.36 -18.65 -67.91
N SER B 501 24.89 -17.45 -68.26
CA SER B 501 23.48 -17.13 -68.33
C SER B 501 22.70 -18.15 -69.17
N ARG B 502 23.19 -18.46 -70.36
CA ARG B 502 22.55 -19.43 -71.24
C ARG B 502 22.46 -20.83 -70.59
N ARG B 503 23.52 -21.31 -69.94
CA ARG B 503 23.47 -22.62 -69.30
C ARG B 503 22.52 -22.62 -68.11
N LEU B 504 22.53 -21.54 -67.33
CA LEU B 504 21.68 -21.38 -66.17
C LEU B 504 20.21 -21.45 -66.57
N GLN B 505 19.84 -20.73 -67.64
CA GLN B 505 18.50 -20.74 -68.17
C GLN B 505 18.15 -22.14 -68.68
N PHE B 506 19.10 -22.82 -69.35
CA PHE B 506 18.85 -24.15 -69.88
C PHE B 506 18.48 -25.12 -68.76
N TRP B 507 19.30 -25.19 -67.72
CA TRP B 507 19.10 -26.15 -66.64
C TRP B 507 17.87 -25.82 -65.79
N THR B 508 17.58 -24.54 -65.57
CA THR B 508 16.54 -24.16 -64.61
C THR B 508 15.19 -23.95 -65.32
N LYS B 509 15.19 -23.60 -66.59
CA LYS B 509 13.94 -23.30 -67.29
C LYS B 509 13.67 -24.38 -68.34
N THR B 510 14.49 -24.41 -69.41
CA THR B 510 14.27 -25.26 -70.56
C THR B 510 14.07 -26.71 -70.14
N LEU B 511 14.98 -27.20 -69.31
CA LEU B 511 15.02 -28.61 -69.01
C LEU B 511 13.82 -29.05 -68.18
N SER B 512 13.50 -28.35 -67.08
CA SER B 512 12.31 -28.66 -66.29
C SER B 512 11.02 -28.45 -67.08
N GLN B 513 10.97 -27.43 -67.95
CA GLN B 513 9.80 -27.28 -68.82
C GLN B 513 9.61 -28.51 -69.71
N LYS B 514 10.70 -29.06 -70.23
CA LYS B 514 10.58 -30.28 -71.03
C LYS B 514 10.26 -31.51 -70.18
N ILE B 515 10.74 -31.59 -68.94
CA ILE B 515 10.35 -32.67 -68.02
C ILE B 515 8.85 -32.60 -67.74
N GLN B 516 8.33 -31.40 -67.46
CA GLN B 516 6.92 -31.13 -67.16
C GLN B 516 6.04 -31.48 -68.35
N GLU B 517 6.43 -31.03 -69.56
CA GLU B 517 5.77 -31.34 -70.82
C GLU B 517 5.65 -32.86 -71.07
N LEU B 518 6.71 -33.62 -70.77
CA LEU B 518 6.77 -35.06 -70.96
C LEU B 518 5.90 -35.82 -69.95
N ARG B 519 5.62 -35.20 -68.78
CA ARG B 519 4.69 -35.71 -67.77
C ARG B 519 3.22 -35.50 -68.16
N ALA B 520 2.92 -34.37 -68.81
CA ALA B 520 1.60 -34.11 -69.37
C ALA B 520 1.25 -35.07 -70.51
N SER B 521 2.24 -35.74 -71.11
CA SER B 521 2.05 -36.49 -72.36
C SER B 521 2.63 -37.91 -72.32
N SER C 1 -12.12 -38.16 -31.28
CA SER C 1 -11.63 -37.99 -29.88
C SER C 1 -10.17 -38.44 -29.80
N PRO C 2 -9.38 -37.98 -28.79
CA PRO C 2 -7.94 -38.22 -28.80
C PRO C 2 -7.56 -39.64 -28.42
N GLU C 3 -6.41 -40.07 -28.94
CA GLU C 3 -5.80 -41.37 -28.65
C GLU C 3 -5.44 -41.49 -27.17
N ALA C 4 -5.81 -42.65 -26.59
CA ALA C 4 -5.58 -42.98 -25.18
C ALA C 4 -4.10 -43.14 -24.81
N SER C 5 -3.33 -43.72 -25.72
CA SER C 5 -1.94 -44.11 -25.50
C SER C 5 -1.11 -43.64 -26.69
N PRO C 6 -0.94 -42.31 -26.86
CA PRO C 6 -0.26 -41.76 -28.03
C PRO C 6 1.21 -42.18 -28.09
N ILE C 7 1.68 -42.41 -29.32
CA ILE C 7 3.09 -42.63 -29.58
C ILE C 7 3.68 -41.42 -30.30
N ARG C 8 4.87 -40.99 -29.85
CA ARG C 8 5.57 -39.86 -30.44
C ARG C 8 7.02 -40.23 -30.69
N ASN C 9 7.60 -39.61 -31.72
CA ASN C 9 8.95 -39.90 -32.14
C ASN C 9 9.93 -38.99 -31.41
N THR C 10 11.10 -39.52 -31.06
CA THR C 10 12.25 -38.73 -30.68
C THR C 10 13.43 -39.20 -31.52
N HIS C 11 14.52 -38.43 -31.52
CA HIS C 11 15.72 -38.80 -32.25
C HIS C 11 16.30 -40.13 -31.75
N THR C 12 16.04 -40.49 -30.48
CA THR C 12 16.51 -41.71 -29.84
C THR C 12 15.49 -42.86 -29.90
N GLY C 13 14.30 -42.61 -30.46
CA GLY C 13 13.28 -43.65 -30.58
C GLY C 13 11.90 -43.20 -30.11
N GLN C 14 10.93 -44.11 -30.19
CA GLN C 14 9.54 -43.79 -29.89
C GLN C 14 9.26 -43.87 -28.39
N VAL C 15 8.32 -43.01 -27.94
CA VAL C 15 7.83 -43.01 -26.57
C VAL C 15 6.30 -43.09 -26.58
N ARG C 16 5.73 -43.80 -25.61
CA ARG C 16 4.29 -43.90 -25.45
C ARG C 16 3.87 -43.13 -24.21
N GLY C 17 2.88 -42.24 -24.40
CA GLY C 17 2.32 -41.43 -23.33
C GLY C 17 0.92 -41.89 -22.93
N SER C 18 0.22 -41.05 -22.15
CA SER C 18 -1.16 -41.31 -21.76
C SER C 18 -1.98 -40.07 -22.04
N LEU C 19 -3.28 -40.30 -22.22
CA LEU C 19 -4.32 -39.32 -22.07
C LEU C 19 -4.73 -39.20 -20.60
N VAL C 20 -4.67 -37.96 -20.09
CA VAL C 20 -5.03 -37.65 -18.72
C VAL C 20 -5.95 -36.41 -18.68
N HIS C 21 -6.40 -36.07 -17.47
CA HIS C 21 -7.17 -34.87 -17.15
C HIS C 21 -8.36 -34.74 -18.07
N VAL C 22 -9.06 -35.86 -18.27
CA VAL C 22 -10.24 -35.92 -19.12
C VAL C 22 -11.44 -35.28 -18.43
N LYS C 23 -11.47 -35.35 -17.09
CA LYS C 23 -12.63 -34.87 -16.33
C LYS C 23 -12.65 -33.34 -16.20
N ASP C 24 -11.46 -32.71 -16.17
CA ASP C 24 -11.28 -31.32 -15.76
C ASP C 24 -10.71 -30.43 -16.88
N THR C 25 -10.69 -30.91 -18.12
CA THR C 25 -10.33 -30.09 -19.28
C THR C 25 -11.22 -30.46 -20.48
N LYS C 26 -11.23 -29.57 -21.48
CA LYS C 26 -12.15 -29.60 -22.61
C LYS C 26 -11.98 -30.82 -23.51
N ALA C 27 -10.73 -31.31 -23.63
CA ALA C 27 -10.42 -32.43 -24.52
C ALA C 27 -9.35 -33.36 -23.96
N GLY C 28 -8.76 -32.99 -22.82
CA GLY C 28 -7.74 -33.84 -22.23
C GLY C 28 -6.33 -33.37 -22.59
N VAL C 29 -5.36 -33.99 -21.91
CA VAL C 29 -3.95 -33.68 -22.08
C VAL C 29 -3.19 -34.96 -22.36
N HIS C 30 -2.15 -34.88 -23.21
CA HIS C 30 -1.23 -36.00 -23.35
C HIS C 30 0.04 -35.72 -22.57
N THR C 31 0.52 -36.75 -21.85
CA THR C 31 1.75 -36.64 -21.08
C THR C 31 2.76 -37.67 -21.58
N PHE C 32 4.02 -37.23 -21.58
CA PHE C 32 5.15 -38.08 -21.91
C PHE C 32 6.18 -37.81 -20.81
N LEU C 33 6.35 -38.78 -19.91
CA LEU C 33 7.13 -38.59 -18.70
C LEU C 33 8.46 -39.34 -18.76
N GLY C 34 9.51 -38.77 -18.14
CA GLY C 34 10.77 -39.46 -17.92
C GLY C 34 11.53 -39.70 -19.24
N ILE C 35 11.46 -38.73 -20.16
CA ILE C 35 12.20 -38.80 -21.39
C ILE C 35 13.65 -38.36 -21.12
N PRO C 36 14.66 -39.19 -21.47
CA PRO C 36 16.06 -38.83 -21.23
C PRO C 36 16.56 -37.83 -22.25
N PHE C 37 17.24 -36.79 -21.77
CA PHE C 37 17.76 -35.76 -22.67
C PHE C 37 19.30 -35.79 -22.67
N ALA C 38 19.89 -36.63 -21.81
CA ALA C 38 21.33 -36.82 -21.69
C ALA C 38 21.60 -38.24 -21.16
N LYS C 39 22.84 -38.73 -21.31
CA LYS C 39 23.20 -39.98 -20.67
C LYS C 39 23.21 -39.77 -19.16
N PRO C 40 22.91 -40.82 -18.38
CA PRO C 40 23.10 -40.78 -16.93
C PRO C 40 24.49 -40.26 -16.58
N PRO C 41 24.61 -39.15 -15.81
CA PRO C 41 25.89 -38.59 -15.43
C PRO C 41 26.60 -39.38 -14.32
N VAL C 42 26.90 -40.65 -14.61
CA VAL C 42 27.39 -41.59 -13.61
C VAL C 42 28.80 -42.07 -13.98
N GLY C 43 29.52 -42.61 -12.99
CA GLY C 43 30.89 -43.07 -13.18
C GLY C 43 31.81 -41.95 -13.63
N PRO C 44 32.49 -42.08 -14.81
CA PRO C 44 33.31 -41.00 -15.34
C PRO C 44 32.52 -39.77 -15.78
N LEU C 45 31.20 -39.91 -15.95
CA LEU C 45 30.35 -38.78 -16.33
C LEU C 45 29.94 -37.91 -15.12
N ARG C 46 30.30 -38.31 -13.90
CA ARG C 46 30.11 -37.42 -12.76
C ARG C 46 31.12 -36.27 -12.83
N PHE C 47 30.67 -35.03 -12.57
CA PHE C 47 31.47 -33.82 -12.70
C PHE C 47 32.01 -33.65 -14.13
N ALA C 48 31.20 -34.00 -15.12
CA ALA C 48 31.54 -33.85 -16.53
C ALA C 48 30.33 -33.28 -17.27
N PRO C 49 30.53 -32.62 -18.44
CA PRO C 49 29.40 -32.10 -19.20
C PRO C 49 28.42 -33.21 -19.59
N PRO C 50 27.12 -32.92 -19.80
CA PRO C 50 26.19 -33.96 -20.22
C PRO C 50 26.49 -34.44 -21.64
N GLU C 51 26.25 -35.73 -21.89
CA GLU C 51 26.47 -36.33 -23.21
C GLU C 51 25.14 -36.77 -23.82
N ALA C 52 25.11 -37.02 -25.13
CA ALA C 52 23.88 -37.33 -25.84
C ALA C 52 23.25 -38.62 -25.32
N PRO C 53 21.90 -38.70 -25.17
CA PRO C 53 21.25 -39.92 -24.72
C PRO C 53 21.38 -41.06 -25.72
N GLU C 54 21.39 -42.31 -25.25
CA GLU C 54 21.48 -43.48 -26.11
C GLU C 54 20.15 -43.81 -26.77
N PRO C 55 20.16 -44.27 -28.04
CA PRO C 55 18.93 -44.74 -28.67
C PRO C 55 18.43 -46.05 -28.05
N TRP C 56 17.15 -46.37 -28.28
CA TRP C 56 16.56 -47.61 -27.83
C TRP C 56 15.74 -48.20 -28.98
N SER C 57 15.53 -49.53 -28.91
CA SER C 57 14.61 -50.20 -29.83
C SER C 57 13.21 -50.25 -29.21
N GLY C 58 12.20 -50.22 -30.06
CA GLY C 58 10.82 -50.37 -29.61
C GLY C 58 10.34 -49.12 -28.88
N VAL C 59 9.26 -49.29 -28.11
CA VAL C 59 8.52 -48.14 -27.61
C VAL C 59 8.86 -47.93 -26.14
N ARG C 60 9.47 -46.78 -25.81
CA ARG C 60 9.77 -46.49 -24.42
C ARG C 60 8.49 -46.09 -23.67
N ASP C 61 8.39 -46.55 -22.44
CA ASP C 61 7.31 -46.20 -21.53
C ASP C 61 7.47 -44.76 -21.09
N GLY C 62 6.45 -43.92 -21.39
CA GLY C 62 6.47 -42.53 -20.96
C GLY C 62 5.35 -42.22 -19.97
N THR C 63 5.03 -43.18 -19.09
CA THR C 63 3.89 -43.06 -18.20
C THR C 63 4.32 -42.97 -16.73
N ALA C 64 5.62 -42.97 -16.45
CA ALA C 64 6.11 -42.87 -15.08
C ALA C 64 7.02 -41.65 -14.91
N HIS C 65 6.88 -40.96 -13.77
CA HIS C 65 7.77 -39.87 -13.43
C HIS C 65 9.21 -40.39 -13.24
N PRO C 66 10.24 -39.59 -13.57
CA PRO C 66 11.61 -39.99 -13.32
C PRO C 66 12.03 -39.76 -11.89
N ALA C 67 13.13 -40.41 -11.48
CA ALA C 67 13.73 -40.11 -10.18
C ALA C 67 14.11 -38.63 -10.13
N MET C 68 14.06 -38.03 -8.94
CA MET C 68 14.61 -36.70 -8.72
C MET C 68 16.13 -36.82 -8.58
N CYS C 69 16.89 -35.78 -8.96
CA CYS C 69 18.33 -35.80 -8.77
C CYS C 69 18.70 -35.95 -7.29
N LEU C 70 19.91 -36.45 -7.00
CA LEU C 70 20.37 -36.63 -5.63
C LEU C 70 20.16 -35.35 -4.83
N GLN C 71 19.43 -35.51 -3.73
CA GLN C 71 19.19 -34.43 -2.78
C GLN C 71 18.91 -35.04 -1.41
N ASN C 72 19.30 -34.28 -0.38
CA ASN C 72 19.01 -34.63 1.01
C ASN C 72 17.54 -34.34 1.25
N LEU C 73 16.74 -35.40 1.44
CA LEU C 73 15.31 -35.24 1.67
C LEU C 73 15.04 -34.74 3.08
N GLY C 74 14.65 -33.45 3.19
CA GLY C 74 14.50 -32.78 4.46
C GLY C 74 13.26 -31.91 4.52
N LYS C 80 5.62 -28.06 4.24
CA LYS C 80 4.63 -29.14 3.95
C LYS C 80 4.14 -29.04 2.50
N LEU C 81 4.86 -29.70 1.57
CA LEU C 81 4.50 -29.74 0.16
C LEU C 81 4.06 -31.14 -0.28
N LYS C 82 3.22 -31.18 -1.34
CA LYS C 82 2.86 -32.44 -1.97
C LYS C 82 4.02 -32.92 -2.85
N LEU C 83 4.99 -33.62 -2.26
CA LEU C 83 6.08 -34.23 -3.01
C LEU C 83 5.59 -35.52 -3.67
N PRO C 84 5.85 -35.77 -4.98
CA PRO C 84 5.43 -37.01 -5.62
C PRO C 84 6.26 -38.22 -5.18
N PRO C 85 5.70 -39.45 -5.19
CA PRO C 85 6.44 -40.65 -4.80
C PRO C 85 7.42 -41.11 -5.88
N VAL C 86 8.57 -40.45 -5.91
CA VAL C 86 9.67 -40.79 -6.80
C VAL C 86 10.91 -41.08 -5.96
N SER C 87 11.83 -41.90 -6.48
CA SER C 87 13.10 -42.13 -5.82
C SER C 87 14.07 -40.98 -6.09
N THR C 88 15.17 -40.95 -5.34
CA THR C 88 16.24 -40.01 -5.60
C THR C 88 17.40 -40.79 -6.21
N SER C 89 18.05 -40.22 -7.24
CA SER C 89 19.11 -40.95 -7.92
C SER C 89 20.07 -39.98 -8.61
N GLU C 90 21.30 -40.44 -8.88
CA GLU C 90 22.22 -39.70 -9.72
C GLU C 90 21.76 -39.73 -11.18
N ASP C 91 21.05 -40.82 -11.54
CA ASP C 91 20.45 -40.98 -12.86
C ASP C 91 19.13 -40.21 -12.90
N CYS C 92 19.17 -38.95 -13.35
CA CYS C 92 18.01 -38.07 -13.17
C CYS C 92 17.82 -37.06 -14.32
N LEU C 93 18.60 -37.17 -15.40
CA LEU C 93 18.53 -36.22 -16.50
C LEU C 93 17.40 -36.57 -17.45
N TYR C 94 16.17 -36.31 -16.96
CA TYR C 94 14.94 -36.58 -17.69
C TYR C 94 14.09 -35.30 -17.74
N LEU C 95 13.14 -35.29 -18.69
CA LEU C 95 12.16 -34.22 -18.81
C LEU C 95 10.77 -34.81 -19.04
N ASN C 96 9.75 -34.01 -18.70
CA ASN C 96 8.36 -34.38 -18.86
C ASN C 96 7.67 -33.38 -19.80
N ILE C 97 6.76 -33.88 -20.64
CA ILE C 97 6.09 -33.09 -21.66
C ILE C 97 4.58 -33.24 -21.49
N TYR C 98 3.88 -32.09 -21.48
CA TYR C 98 2.43 -32.00 -21.41
C TYR C 98 1.97 -31.28 -22.67
N THR C 99 1.05 -31.90 -23.42
CA THR C 99 0.51 -31.31 -24.62
C THR C 99 -1.01 -31.37 -24.60
N PRO C 100 -1.72 -30.46 -25.30
CA PRO C 100 -3.15 -30.66 -25.54
C PRO C 100 -3.31 -31.98 -26.29
N ALA C 101 -4.42 -32.67 -26.02
CA ALA C 101 -4.59 -34.00 -26.58
C ALA C 101 -4.75 -33.95 -28.11
N HIS C 102 -5.13 -32.79 -28.69
CA HIS C 102 -5.27 -32.64 -30.13
C HIS C 102 -3.91 -32.45 -30.82
N ALA C 103 -2.84 -32.17 -30.04
CA ALA C 103 -1.53 -31.87 -30.58
C ALA C 103 -0.87 -33.12 -31.18
N HIS C 104 -0.23 -32.92 -32.34
CA HIS C 104 0.49 -33.96 -33.07
C HIS C 104 1.66 -33.28 -33.79
N GLU C 105 2.49 -34.08 -34.49
CA GLU C 105 3.59 -33.56 -35.31
C GLU C 105 3.04 -32.47 -36.23
N GLY C 106 3.57 -31.25 -36.10
CA GLY C 106 3.18 -30.20 -37.04
C GLY C 106 2.18 -29.20 -36.45
N SER C 107 1.72 -29.40 -35.21
CA SER C 107 0.73 -28.50 -34.61
C SER C 107 1.27 -27.08 -34.43
N ASN C 108 2.60 -26.93 -34.28
CA ASN C 108 3.28 -25.64 -34.17
C ASN C 108 2.77 -24.81 -33.00
N LEU C 109 2.61 -25.44 -31.83
CA LEU C 109 2.20 -24.74 -30.62
C LEU C 109 3.41 -24.11 -29.98
N PRO C 110 3.26 -22.98 -29.26
CA PRO C 110 4.36 -22.46 -28.45
C PRO C 110 4.77 -23.48 -27.38
N VAL C 111 6.04 -23.39 -26.96
CA VAL C 111 6.61 -24.29 -25.97
C VAL C 111 7.03 -23.47 -24.75
N MET C 112 6.60 -23.90 -23.56
CA MET C 112 7.04 -23.27 -22.32
C MET C 112 7.83 -24.30 -21.52
N VAL C 113 9.05 -23.92 -21.13
CA VAL C 113 9.97 -24.84 -20.48
C VAL C 113 10.21 -24.36 -19.06
N TRP C 114 9.70 -25.14 -18.09
CA TRP C 114 9.79 -24.80 -16.68
C TRP C 114 11.09 -25.32 -16.07
N ILE C 115 11.81 -24.41 -15.40
CA ILE C 115 12.99 -24.78 -14.65
C ILE C 115 12.68 -24.57 -13.16
N HIS C 116 12.67 -25.68 -12.38
CA HIS C 116 12.27 -25.62 -10.98
C HIS C 116 13.32 -24.92 -10.13
N GLY C 117 12.89 -24.35 -9.00
CA GLY C 117 13.78 -23.82 -7.97
C GLY C 117 14.12 -24.88 -6.92
N GLY C 118 14.66 -24.42 -5.76
CA GLY C 118 15.14 -25.35 -4.76
C GLY C 118 16.60 -25.07 -4.38
N GLY C 119 17.04 -23.82 -4.60
CA GLY C 119 18.36 -23.34 -4.18
C GLY C 119 19.54 -24.01 -4.90
N LEU C 120 19.29 -24.63 -6.08
CA LEU C 120 20.31 -25.42 -6.77
C LEU C 120 20.78 -26.64 -5.96
N VAL C 121 19.99 -27.02 -4.93
CA VAL C 121 20.31 -28.17 -4.10
C VAL C 121 19.14 -29.15 -4.01
N ALA C 122 17.94 -28.71 -4.41
CA ALA C 122 16.74 -29.53 -4.20
C ALA C 122 15.74 -29.27 -5.32
N GLY C 123 14.68 -30.08 -5.37
CA GLY C 123 13.64 -29.88 -6.34
C GLY C 123 13.60 -31.00 -7.38
N MET C 124 12.53 -30.99 -8.18
CA MET C 124 12.28 -31.99 -9.19
C MET C 124 11.23 -31.48 -10.17
N ALA C 125 11.17 -32.09 -11.36
CA ALA C 125 10.24 -31.71 -12.41
C ALA C 125 8.82 -32.18 -12.07
N SER C 126 8.72 -33.32 -11.40
CA SER C 126 7.46 -34.02 -11.21
C SER C 126 6.50 -33.32 -10.24
N MET C 127 6.96 -32.35 -9.44
CA MET C 127 6.08 -31.52 -8.64
C MET C 127 5.17 -30.61 -9.49
N TYR C 128 5.63 -30.30 -10.71
CA TYR C 128 4.97 -29.34 -11.58
C TYR C 128 4.23 -30.09 -12.67
N ASP C 129 2.91 -30.13 -12.55
CA ASP C 129 2.08 -30.71 -13.58
C ASP C 129 1.65 -29.61 -14.56
N GLY C 130 2.12 -29.69 -15.80
CA GLY C 130 1.86 -28.68 -16.83
C GLY C 130 0.51 -28.85 -17.53
N SER C 131 -0.30 -29.83 -17.11
CA SER C 131 -1.54 -30.20 -17.80
C SER C 131 -2.48 -29.03 -17.99
N LEU C 132 -2.76 -28.29 -16.91
CA LEU C 132 -3.80 -27.28 -16.97
C LEU C 132 -3.33 -26.13 -17.87
N LEU C 133 -2.09 -25.69 -17.67
CA LEU C 133 -1.48 -24.65 -18.50
C LEU C 133 -1.52 -25.06 -19.98
N ALA C 134 -1.08 -26.29 -20.28
CA ALA C 134 -1.11 -26.83 -21.63
C ALA C 134 -2.51 -26.82 -22.26
N ALA C 135 -3.52 -27.32 -21.52
CA ALA C 135 -4.86 -27.46 -22.06
C ALA C 135 -5.60 -26.12 -22.18
N ILE C 136 -5.47 -25.26 -21.17
CA ILE C 136 -6.23 -24.02 -21.15
C ILE C 136 -5.69 -23.04 -22.19
N GLU C 137 -4.37 -22.99 -22.33
CA GLU C 137 -3.75 -21.97 -23.18
C GLU C 137 -3.19 -22.53 -24.49
N ASP C 138 -3.41 -23.81 -24.72
CA ASP C 138 -3.13 -24.43 -26.01
C ASP C 138 -1.63 -24.37 -26.34
N LEU C 139 -0.80 -24.96 -25.48
CA LEU C 139 0.63 -24.93 -25.66
C LEU C 139 1.31 -26.16 -25.08
N VAL C 140 2.57 -26.40 -25.48
CA VAL C 140 3.34 -27.52 -25.00
C VAL C 140 4.14 -27.07 -23.77
N VAL C 141 4.02 -27.80 -22.67
CA VAL C 141 4.74 -27.48 -21.45
C VAL C 141 5.74 -28.59 -21.18
N VAL C 142 7.00 -28.19 -21.00
CA VAL C 142 8.08 -29.10 -20.67
C VAL C 142 8.60 -28.75 -19.28
N THR C 143 8.77 -29.76 -18.41
CA THR C 143 9.47 -29.57 -17.14
C THR C 143 10.78 -30.34 -17.18
N ILE C 144 11.89 -29.72 -16.77
CA ILE C 144 13.20 -30.34 -16.90
C ILE C 144 13.82 -30.61 -15.53
N GLN C 145 14.77 -31.56 -15.51
CA GLN C 145 15.63 -31.78 -14.35
C GLN C 145 17.06 -31.44 -14.70
N TYR C 146 17.87 -31.25 -13.66
CA TYR C 146 19.28 -30.89 -13.81
C TYR C 146 19.95 -31.26 -12.49
N ARG C 147 21.27 -31.50 -12.53
CA ARG C 147 22.00 -31.94 -11.36
C ARG C 147 22.01 -30.85 -10.28
N LEU C 148 22.00 -31.29 -9.02
CA LEU C 148 21.88 -30.40 -7.87
C LEU C 148 23.06 -30.65 -6.91
N GLY C 149 23.31 -29.65 -6.05
CA GLY C 149 24.26 -29.78 -4.95
C GLY C 149 25.67 -30.07 -5.44
N VAL C 150 26.35 -31.00 -4.76
CA VAL C 150 27.72 -31.39 -5.06
C VAL C 150 27.80 -31.87 -6.52
N LEU C 151 26.90 -32.77 -6.91
CA LEU C 151 26.91 -33.32 -8.26
C LEU C 151 26.65 -32.25 -9.32
N GLY C 152 25.89 -31.20 -8.96
CA GLY C 152 25.53 -30.14 -9.89
C GLY C 152 26.57 -29.04 -10.02
N PHE C 153 27.36 -28.75 -8.96
CA PHE C 153 28.04 -27.47 -8.85
C PHE C 153 29.43 -27.61 -8.22
N PHE C 154 29.92 -28.82 -7.96
CA PHE C 154 31.28 -28.97 -7.45
C PHE C 154 32.28 -28.44 -8.47
N SER C 155 33.28 -27.68 -7.99
CA SER C 155 34.27 -27.06 -8.84
C SER C 155 35.64 -27.09 -8.16
N THR C 156 36.69 -27.37 -8.94
CA THR C 156 38.07 -27.24 -8.48
C THR C 156 38.67 -25.89 -8.86
N GLY C 157 37.94 -25.08 -9.65
CA GLY C 157 38.46 -23.82 -10.18
C GLY C 157 39.52 -24.02 -11.28
N ASP C 158 39.53 -25.21 -11.92
CA ASP C 158 40.51 -25.56 -12.94
C ASP C 158 39.89 -26.59 -13.87
N GLN C 159 40.70 -27.14 -14.79
CA GLN C 159 40.20 -28.00 -15.86
C GLN C 159 39.57 -29.30 -15.35
N HIS C 160 39.96 -29.77 -14.14
CA HIS C 160 39.55 -31.09 -13.70
C HIS C 160 38.06 -31.14 -13.31
N ALA C 161 37.53 -30.02 -12.80
CA ALA C 161 36.10 -29.83 -12.59
C ALA C 161 35.77 -28.35 -12.67
N ARG C 162 35.48 -27.87 -13.90
CA ARG C 162 35.26 -26.44 -14.14
C ARG C 162 34.07 -25.95 -13.31
N GLY C 163 32.98 -26.71 -13.34
CA GLY C 163 31.79 -26.41 -12.55
C GLY C 163 30.52 -26.31 -13.41
N ASN C 164 29.41 -25.93 -12.75
CA ASN C 164 28.14 -25.59 -13.36
C ASN C 164 27.51 -26.75 -14.14
N TRP C 165 27.77 -28.00 -13.70
CA TRP C 165 27.16 -29.19 -14.30
C TRP C 165 25.65 -29.06 -14.45
N GLY C 166 24.96 -28.57 -13.40
CA GLY C 166 23.52 -28.36 -13.41
C GLY C 166 23.06 -27.38 -14.49
N PHE C 167 23.82 -26.31 -14.74
CA PHE C 167 23.45 -25.38 -15.81
C PHE C 167 23.73 -25.97 -17.18
N LEU C 168 24.82 -26.76 -17.34
CA LEU C 168 25.10 -27.47 -18.58
C LEU C 168 23.98 -28.48 -18.89
N ASP C 169 23.41 -29.12 -17.86
CA ASP C 169 22.27 -30.02 -18.03
C ASP C 169 21.06 -29.28 -18.57
N GLN C 170 20.80 -28.06 -18.05
CA GLN C 170 19.70 -27.26 -18.54
C GLN C 170 19.91 -26.91 -20.01
N VAL C 171 21.16 -26.60 -20.41
CA VAL C 171 21.52 -26.38 -21.81
C VAL C 171 21.19 -27.62 -22.65
N ALA C 172 21.59 -28.81 -22.15
CA ALA C 172 21.35 -30.05 -22.87
C ALA C 172 19.86 -30.30 -23.08
N ALA C 173 19.05 -30.01 -22.06
CA ALA C 173 17.61 -30.17 -22.15
C ALA C 173 17.02 -29.21 -23.19
N LEU C 174 17.52 -27.99 -23.24
CA LEU C 174 17.04 -27.02 -24.23
C LEU C 174 17.48 -27.42 -25.64
N ARG C 175 18.69 -27.97 -25.79
CA ARG C 175 19.14 -28.49 -27.07
C ARG C 175 18.21 -29.63 -27.54
N TRP C 176 17.87 -30.52 -26.59
CA TRP C 176 16.96 -31.62 -26.87
C TRP C 176 15.60 -31.11 -27.36
N ILE C 177 15.07 -30.06 -26.70
CA ILE C 177 13.79 -29.47 -27.05
C ILE C 177 13.83 -28.94 -28.48
N GLN C 178 14.91 -28.23 -28.85
CA GLN C 178 15.08 -27.76 -30.23
C GLN C 178 15.01 -28.92 -31.21
N GLN C 179 15.68 -30.04 -30.89
CA GLN C 179 15.79 -31.17 -31.81
C GLN C 179 14.51 -32.00 -31.86
N ASN C 180 13.68 -32.00 -30.81
CA ASN C 180 12.64 -33.02 -30.69
C ASN C 180 11.21 -32.47 -30.57
N ILE C 181 11.02 -31.22 -30.12
CA ILE C 181 9.70 -30.81 -29.65
C ILE C 181 8.68 -30.74 -30.79
N ALA C 182 9.14 -30.61 -32.03
CA ALA C 182 8.25 -30.59 -33.19
C ALA C 182 7.46 -31.90 -33.29
N HIS C 183 8.07 -33.00 -32.85
CA HIS C 183 7.44 -34.31 -32.88
C HIS C 183 6.29 -34.41 -31.91
N PHE C 184 6.21 -33.49 -30.94
CA PHE C 184 5.14 -33.43 -29.94
C PHE C 184 4.15 -32.31 -30.25
N GLY C 185 4.38 -31.56 -31.34
CA GLY C 185 3.47 -30.49 -31.74
C GLY C 185 3.96 -29.12 -31.31
N GLY C 186 5.19 -29.02 -30.81
CA GLY C 186 5.78 -27.74 -30.43
C GLY C 186 6.48 -27.07 -31.61
N LYS C 187 6.57 -25.75 -31.58
CA LYS C 187 7.36 -24.97 -32.53
C LYS C 187 8.72 -24.68 -31.90
N PRO C 188 9.84 -25.25 -32.40
CA PRO C 188 11.16 -24.96 -31.84
C PRO C 188 11.59 -23.50 -31.88
N ASP C 189 11.01 -22.70 -32.78
CA ASP C 189 11.33 -21.26 -32.84
C ASP C 189 10.45 -20.42 -31.92
N ARG C 190 9.61 -21.05 -31.08
CA ARG C 190 8.77 -20.34 -30.13
C ARG C 190 8.88 -21.02 -28.76
N VAL C 191 10.12 -21.09 -28.24
CA VAL C 191 10.35 -21.66 -26.93
C VAL C 191 10.54 -20.52 -25.92
N THR C 192 9.76 -20.54 -24.82
CA THR C 192 9.98 -19.62 -23.72
C THR C 192 10.44 -20.42 -22.50
N ILE C 193 11.53 -19.99 -21.87
CA ILE C 193 11.93 -20.59 -20.60
C ILE C 193 11.32 -19.79 -19.45
N PHE C 194 10.87 -20.49 -18.41
CA PHE C 194 10.28 -19.84 -17.24
C PHE C 194 10.66 -20.61 -15.99
N GLY C 195 10.69 -19.89 -14.86
CA GLY C 195 11.11 -20.53 -13.63
C GLY C 195 11.02 -19.57 -12.46
N GLU C 196 11.02 -20.16 -11.26
CA GLU C 196 10.77 -19.39 -10.05
C GLU C 196 11.96 -19.58 -9.10
N SER C 197 12.34 -18.49 -8.44
CA SER C 197 13.41 -18.50 -7.45
C SER C 197 14.74 -18.94 -8.08
N ALA C 198 15.39 -20.02 -7.61
CA ALA C 198 16.60 -20.52 -8.26
C ALA C 198 16.33 -20.92 -9.72
N GLY C 199 15.07 -21.28 -10.04
CA GLY C 199 14.62 -21.49 -11.41
C GLY C 199 14.64 -20.18 -12.22
N GLY C 200 14.29 -19.07 -11.56
CA GLY C 200 14.40 -17.74 -12.16
C GLY C 200 15.86 -17.30 -12.34
N THR C 201 16.69 -17.59 -11.33
CA THR C 201 18.13 -17.40 -11.44
C THR C 201 18.64 -18.17 -12.65
N SER C 202 18.19 -19.42 -12.82
CA SER C 202 18.56 -20.26 -13.94
C SER C 202 18.15 -19.62 -15.27
N VAL C 203 16.89 -19.19 -15.38
CA VAL C 203 16.39 -18.54 -16.58
C VAL C 203 17.25 -17.32 -16.90
N SER C 204 17.47 -16.47 -15.90
CA SER C 204 18.25 -15.25 -16.01
C SER C 204 19.70 -15.55 -16.43
N SER C 205 20.23 -16.70 -15.98
CA SER C 205 21.54 -17.20 -16.35
C SER C 205 21.59 -17.57 -17.83
N HIS C 206 20.56 -18.26 -18.35
CA HIS C 206 20.48 -18.55 -19.77
C HIS C 206 20.39 -17.28 -20.61
N VAL C 207 19.67 -16.26 -20.12
CA VAL C 207 19.49 -15.01 -20.81
C VAL C 207 20.83 -14.34 -21.10
N VAL C 208 21.84 -14.50 -20.24
CA VAL C 208 23.14 -13.84 -20.36
C VAL C 208 24.20 -14.78 -20.95
N SER C 209 23.96 -16.10 -20.94
CA SER C 209 24.96 -17.07 -21.31
C SER C 209 25.09 -17.18 -22.83
N PRO C 210 26.31 -17.06 -23.41
CA PRO C 210 26.51 -17.33 -24.83
C PRO C 210 26.22 -18.75 -25.26
N MET C 211 26.35 -19.73 -24.36
CA MET C 211 26.07 -21.13 -24.69
C MET C 211 24.59 -21.37 -24.97
N SER C 212 23.70 -20.51 -24.48
CA SER C 212 22.27 -20.76 -24.58
C SER C 212 21.61 -19.97 -25.70
N LYS C 213 22.35 -19.09 -26.40
CA LYS C 213 21.80 -18.30 -27.49
C LYS C 213 21.16 -19.21 -28.54
N GLY C 214 19.94 -18.87 -28.95
CA GLY C 214 19.21 -19.58 -29.99
C GLY C 214 18.41 -20.77 -29.45
N LEU C 215 18.50 -21.08 -28.15
CA LEU C 215 17.78 -22.22 -27.57
C LEU C 215 16.40 -21.83 -27.04
N PHE C 216 16.09 -20.53 -27.02
CA PHE C 216 14.87 -19.98 -26.45
C PHE C 216 14.72 -18.56 -27.00
N HIS C 217 13.50 -18.03 -26.96
CA HIS C 217 13.12 -16.84 -27.70
C HIS C 217 12.44 -15.82 -26.79
N GLY C 218 12.20 -16.24 -25.54
CA GLY C 218 11.60 -15.42 -24.51
C GLY C 218 11.90 -16.06 -23.15
N ALA C 219 11.84 -15.24 -22.10
CA ALA C 219 12.24 -15.69 -20.77
C ALA C 219 11.29 -15.08 -19.74
N ILE C 220 10.91 -15.86 -18.72
CA ILE C 220 10.11 -15.36 -17.62
C ILE C 220 10.83 -15.67 -16.30
N MET C 221 11.13 -14.64 -15.53
CA MET C 221 11.90 -14.78 -14.30
C MET C 221 11.01 -14.39 -13.12
N GLU C 222 10.51 -15.39 -12.38
CA GLU C 222 9.61 -15.16 -11.26
C GLU C 222 10.40 -15.22 -9.94
N SER C 223 10.51 -14.08 -9.24
CA SER C 223 11.14 -14.03 -7.93
C SER C 223 12.55 -14.62 -7.94
N GLY C 224 13.32 -14.38 -8.99
CA GLY C 224 14.70 -14.86 -9.00
C GLY C 224 15.39 -14.43 -10.27
N VAL C 225 16.61 -13.91 -10.14
CA VAL C 225 17.43 -13.50 -11.28
C VAL C 225 18.90 -13.88 -11.01
N ALA C 226 19.78 -13.63 -11.98
CA ALA C 226 21.17 -14.08 -11.88
C ALA C 226 21.93 -13.31 -10.80
N LEU C 227 21.40 -12.17 -10.36
CA LEU C 227 22.01 -11.39 -9.28
C LEU C 227 21.46 -11.79 -7.90
N LEU C 228 20.64 -12.84 -7.80
CA LEU C 228 20.12 -13.33 -6.52
C LEU C 228 21.29 -13.64 -5.60
N PRO C 229 21.50 -12.86 -4.50
CA PRO C 229 22.72 -12.94 -3.73
C PRO C 229 23.23 -14.34 -3.41
N TYR C 230 24.40 -14.64 -4.00
CA TYR C 230 25.32 -15.72 -3.66
C TYR C 230 24.94 -17.08 -4.26
N LEU C 231 23.94 -17.14 -5.15
CA LEU C 231 23.76 -18.36 -5.95
C LEU C 231 24.89 -18.53 -6.97
N ILE C 232 25.39 -17.40 -7.47
CA ILE C 232 26.49 -17.41 -8.42
C ILE C 232 27.61 -16.53 -7.89
N THR C 233 28.83 -17.06 -7.88
CA THR C 233 29.99 -16.35 -7.36
C THR C 233 31.14 -16.44 -8.37
N ASP C 234 32.27 -15.77 -8.08
CA ASP C 234 33.45 -15.86 -8.92
C ASP C 234 34.06 -17.26 -8.83
N THR C 235 34.45 -17.62 -7.59
CA THR C 235 35.08 -18.90 -7.28
C THR C 235 34.46 -19.49 -6.01
N SER C 236 34.70 -20.78 -5.78
CA SER C 236 34.16 -21.47 -4.63
C SER C 236 35.25 -22.29 -3.93
N GLU C 237 36.37 -21.61 -3.66
CA GLU C 237 37.57 -22.24 -3.12
C GLU C 237 37.33 -22.83 -1.73
N MET C 238 36.55 -22.12 -0.90
CA MET C 238 36.22 -22.55 0.45
C MET C 238 35.37 -23.84 0.42
N VAL C 239 34.37 -23.86 -0.47
CA VAL C 239 33.47 -25.00 -0.62
C VAL C 239 34.22 -26.20 -1.21
N SER C 240 35.10 -25.96 -2.19
CA SER C 240 35.95 -26.98 -2.76
C SER C 240 36.81 -27.66 -1.68
N THR C 241 37.46 -26.83 -0.85
CA THR C 241 38.28 -27.26 0.27
C THR C 241 37.44 -28.08 1.26
N THR C 242 36.22 -27.59 1.56
CA THR C 242 35.32 -28.26 2.48
C THR C 242 34.97 -29.66 1.97
N VAL C 243 34.57 -29.77 0.70
CA VAL C 243 34.23 -31.06 0.11
C VAL C 243 35.42 -32.03 0.18
N ALA C 244 36.63 -31.53 -0.11
CA ALA C 244 37.85 -32.31 -0.09
C ALA C 244 38.11 -32.88 1.31
N LYS C 245 37.93 -32.05 2.35
CA LYS C 245 38.11 -32.45 3.73
C LYS C 245 37.05 -33.46 4.16
N LEU C 246 35.77 -33.17 3.89
CA LEU C 246 34.65 -34.01 4.29
C LEU C 246 34.68 -35.39 3.63
N SER C 247 35.40 -35.51 2.50
CA SER C 247 35.39 -36.72 1.70
C SER C 247 36.59 -37.60 2.00
N GLY C 248 37.60 -37.07 2.71
CA GLY C 248 38.85 -37.75 2.97
C GLY C 248 39.73 -37.88 1.73
N CYS C 249 39.27 -37.30 0.62
CA CYS C 249 39.97 -37.32 -0.65
C CYS C 249 41.02 -36.22 -0.73
N GLU C 250 41.40 -35.64 0.42
CA GLU C 250 42.40 -34.59 0.46
C GLU C 250 43.67 -35.12 -0.21
N ALA C 251 44.01 -34.58 -1.40
CA ALA C 251 45.00 -35.19 -2.28
C ALA C 251 45.94 -34.15 -2.89
N MET C 252 45.72 -32.86 -2.53
CA MET C 252 46.52 -31.74 -3.00
C MET C 252 46.87 -31.91 -4.49
N ASP C 253 45.82 -32.18 -5.27
CA ASP C 253 45.92 -32.41 -6.70
C ASP C 253 44.50 -32.52 -7.22
N SER C 254 44.04 -31.47 -7.93
CA SER C 254 42.67 -31.45 -8.44
C SER C 254 42.32 -32.77 -9.14
N GLU C 255 43.26 -33.26 -9.98
CA GLU C 255 42.99 -34.46 -10.73
C GLU C 255 42.69 -35.61 -9.78
N ALA C 256 43.53 -35.77 -8.73
CA ALA C 256 43.35 -36.83 -7.76
C ALA C 256 42.05 -36.66 -6.98
N LEU C 257 41.78 -35.43 -6.53
CA LEU C 257 40.55 -35.09 -5.82
C LEU C 257 39.33 -35.54 -6.62
N VAL C 258 39.25 -35.16 -7.90
CA VAL C 258 38.12 -35.51 -8.75
C VAL C 258 38.03 -37.02 -8.96
N ARG C 259 39.17 -37.68 -9.16
CA ARG C 259 39.25 -39.13 -9.32
C ARG C 259 38.65 -39.84 -8.10
N CYS C 260 38.99 -39.32 -6.91
CA CYS C 260 38.54 -39.87 -5.64
C CYS C 260 37.04 -39.64 -5.44
N LEU C 261 36.57 -38.41 -5.68
CA LEU C 261 35.16 -38.06 -5.58
C LEU C 261 34.29 -38.88 -6.53
N ARG C 262 34.83 -39.26 -7.69
CA ARG C 262 34.12 -40.10 -8.64
C ARG C 262 33.98 -41.54 -8.12
N GLY C 263 34.76 -41.91 -7.09
CA GLY C 263 34.71 -43.24 -6.53
C GLY C 263 33.64 -43.38 -5.43
N LYS C 264 33.15 -42.27 -4.87
CA LYS C 264 32.16 -42.26 -3.82
C LYS C 264 30.80 -42.76 -4.32
N SER C 265 30.11 -43.53 -3.47
CA SER C 265 28.74 -44.01 -3.70
C SER C 265 27.74 -42.87 -3.58
N GLU C 266 26.51 -43.07 -4.07
CA GLU C 266 25.42 -42.09 -3.90
C GLU C 266 25.27 -41.71 -2.41
N ALA C 267 25.39 -42.70 -1.51
CA ALA C 267 25.22 -42.52 -0.08
C ALA C 267 26.32 -41.61 0.50
N GLU C 268 27.57 -41.84 0.06
CA GLU C 268 28.69 -41.02 0.48
C GLU C 268 28.49 -39.58 -0.01
N ILE C 269 27.98 -39.44 -1.23
CA ILE C 269 27.76 -38.11 -1.77
C ILE C 269 26.70 -37.38 -0.93
N LEU C 270 25.58 -38.07 -0.62
CA LEU C 270 24.51 -37.52 0.20
C LEU C 270 25.03 -37.02 1.56
N ALA C 271 25.91 -37.81 2.18
CA ALA C 271 26.51 -37.46 3.47
C ALA C 271 27.30 -36.14 3.37
N ILE C 272 28.12 -36.02 2.32
CA ILE C 272 28.89 -34.82 2.04
C ILE C 272 27.94 -33.65 1.76
N ASN C 273 26.91 -33.90 0.95
CA ASN C 273 25.98 -32.88 0.47
C ASN C 273 25.22 -32.25 1.63
N LYS C 274 24.90 -33.05 2.65
CA LYS C 274 24.17 -32.61 3.83
C LYS C 274 24.95 -31.51 4.57
N LEU C 275 26.27 -31.69 4.66
CA LEU C 275 27.12 -30.81 5.44
C LEU C 275 27.59 -29.58 4.64
N VAL C 276 27.31 -29.55 3.32
CA VAL C 276 27.76 -28.48 2.45
C VAL C 276 26.52 -28.02 1.70
N GLN C 277 25.62 -27.33 2.43
CA GLN C 277 24.49 -26.73 1.73
C GLN C 277 24.89 -25.35 1.21
N MET C 278 24.18 -24.88 0.19
CA MET C 278 24.50 -23.64 -0.51
C MET C 278 25.88 -23.75 -1.19
N ILE C 279 25.94 -24.58 -2.22
CA ILE C 279 27.13 -24.73 -3.05
C ILE C 279 26.89 -24.00 -4.38
N PRO C 280 27.64 -22.90 -4.64
CA PRO C 280 27.24 -21.95 -5.68
C PRO C 280 27.73 -22.33 -7.07
N ALA C 281 27.06 -21.74 -8.07
CA ALA C 281 27.56 -21.65 -9.43
C ALA C 281 28.78 -20.74 -9.44
N VAL C 282 29.69 -20.98 -10.41
CA VAL C 282 30.94 -20.24 -10.48
C VAL C 282 31.08 -19.62 -11.88
N VAL C 283 32.06 -18.75 -12.05
CA VAL C 283 32.43 -18.31 -13.38
C VAL C 283 33.34 -19.39 -13.97
N ASP C 284 32.74 -20.35 -14.67
CA ASP C 284 33.38 -21.58 -15.12
C ASP C 284 34.12 -21.40 -16.45
N GLY C 285 33.90 -20.26 -17.15
CA GLY C 285 34.55 -19.98 -18.42
C GLY C 285 33.67 -20.34 -19.63
N GLU C 286 32.90 -21.42 -19.55
CA GLU C 286 32.09 -21.92 -20.66
C GLU C 286 30.68 -21.35 -20.61
N PHE C 287 29.92 -21.72 -19.59
CA PHE C 287 28.54 -21.27 -19.44
C PHE C 287 28.51 -19.80 -19.03
N PHE C 288 29.40 -19.41 -18.10
CA PHE C 288 29.65 -18.00 -17.84
C PHE C 288 31.10 -17.66 -18.15
N PRO C 289 31.37 -16.90 -19.24
CA PRO C 289 32.71 -16.37 -19.51
C PRO C 289 33.17 -15.31 -18.50
N ARG C 290 32.22 -14.59 -17.94
CA ARG C 290 32.41 -13.55 -16.94
C ARG C 290 31.26 -13.66 -15.95
N HIS C 291 31.33 -13.00 -14.79
CA HIS C 291 30.21 -13.00 -13.87
C HIS C 291 28.99 -12.37 -14.54
N PRO C 292 27.76 -12.91 -14.33
CA PRO C 292 26.54 -12.32 -14.85
C PRO C 292 26.44 -10.80 -14.72
N LYS C 293 26.98 -10.21 -13.64
CA LYS C 293 26.95 -8.77 -13.44
C LYS C 293 27.64 -8.04 -14.60
N GLU C 294 28.77 -8.59 -15.06
CA GLU C 294 29.53 -8.04 -16.17
C GLU C 294 28.80 -8.32 -17.49
N LEU C 295 28.24 -9.52 -17.66
CA LEU C 295 27.49 -9.86 -18.86
C LEU C 295 26.28 -8.94 -19.04
N LEU C 296 25.56 -8.63 -17.96
CA LEU C 296 24.38 -7.76 -18.00
C LEU C 296 24.75 -6.33 -18.38
N ALA C 297 25.92 -5.83 -17.92
CA ALA C 297 26.31 -4.46 -18.14
C ALA C 297 27.01 -4.26 -19.48
N SER C 298 27.31 -5.32 -20.21
CA SER C 298 28.00 -5.27 -21.49
C SER C 298 27.18 -4.51 -22.54
N GLU C 299 27.88 -3.86 -23.48
CA GLU C 299 27.24 -3.22 -24.63
C GLU C 299 26.76 -4.27 -25.65
N ASP C 300 27.43 -5.42 -25.68
CA ASP C 300 27.14 -6.52 -26.58
C ASP C 300 26.13 -7.52 -25.99
N PHE C 301 25.42 -7.12 -24.93
CA PHE C 301 24.38 -7.97 -24.38
C PHE C 301 23.11 -7.88 -25.24
N HIS C 302 22.59 -9.04 -25.70
CA HIS C 302 21.41 -9.06 -26.56
C HIS C 302 20.36 -10.01 -26.01
N PRO C 303 19.64 -9.63 -24.92
CA PRO C 303 18.64 -10.51 -24.31
C PRO C 303 17.40 -10.71 -25.19
N VAL C 304 16.78 -11.87 -25.05
CA VAL C 304 15.43 -12.08 -25.57
C VAL C 304 14.44 -11.18 -24.82
N PRO C 305 13.22 -10.95 -25.37
CA PRO C 305 12.16 -10.35 -24.58
C PRO C 305 11.92 -11.14 -23.31
N SER C 306 11.55 -10.44 -22.23
CA SER C 306 11.47 -11.05 -20.91
C SER C 306 10.27 -10.51 -20.13
N ILE C 307 9.67 -11.39 -19.32
CA ILE C 307 8.90 -10.99 -18.16
C ILE C 307 9.79 -11.14 -16.94
N ILE C 308 9.85 -10.10 -16.10
CA ILE C 308 10.52 -10.21 -14.81
C ILE C 308 9.57 -9.78 -13.72
N GLY C 309 9.59 -10.46 -12.57
CA GLY C 309 8.76 -9.94 -11.49
C GLY C 309 9.08 -10.53 -10.13
N VAL C 310 8.40 -9.95 -9.12
CA VAL C 310 8.58 -10.29 -7.72
C VAL C 310 7.23 -10.27 -7.03
N ASN C 311 7.19 -10.90 -5.85
CA ASN C 311 6.03 -10.84 -4.97
C ASN C 311 6.23 -9.68 -3.99
N ASN C 312 5.13 -9.09 -3.51
CA ASN C 312 5.23 -7.95 -2.60
C ASN C 312 5.68 -8.31 -1.19
N ASP C 313 5.88 -9.61 -0.89
CA ASP C 313 6.27 -10.01 0.45
C ASP C 313 7.23 -11.23 0.45
N GLU C 314 8.30 -11.17 -0.34
CA GLU C 314 9.15 -12.32 -0.61
C GLU C 314 9.76 -12.92 0.66
N PHE C 315 9.96 -12.11 1.69
CA PHE C 315 10.60 -12.59 2.91
C PHE C 315 9.58 -12.57 4.06
N GLY C 316 8.30 -12.71 3.72
CA GLY C 316 7.21 -12.61 4.69
C GLY C 316 7.16 -13.80 5.65
N TRP C 317 7.45 -15.02 5.16
CA TRP C 317 7.14 -16.23 5.90
C TRP C 317 8.01 -17.43 5.50
N THR C 318 7.79 -18.00 4.30
CA THR C 318 8.42 -19.24 3.86
C THR C 318 9.95 -19.20 4.04
N ILE C 319 10.59 -18.14 3.54
CA ILE C 319 12.04 -18.09 3.53
C ILE C 319 12.60 -18.04 4.94
N PRO C 320 12.22 -17.07 5.82
CA PRO C 320 12.72 -17.06 7.20
C PRO C 320 12.37 -18.30 8.01
N VAL C 321 11.25 -18.97 7.70
CA VAL C 321 10.94 -20.25 8.34
C VAL C 321 11.95 -21.32 7.94
N VAL C 322 12.18 -21.49 6.64
CA VAL C 322 13.11 -22.49 6.14
C VAL C 322 14.55 -22.18 6.55
N MET C 323 14.99 -20.91 6.48
CA MET C 323 16.32 -20.53 6.95
C MET C 323 16.46 -20.61 8.47
N GLY C 324 15.36 -20.79 9.21
CA GLY C 324 15.39 -20.82 10.66
C GLY C 324 15.51 -19.45 11.33
N SER C 325 15.40 -18.35 10.56
CA SER C 325 15.55 -17.00 11.12
C SER C 325 14.23 -16.36 11.56
N ALA C 326 13.11 -17.06 11.36
CA ALA C 326 11.81 -16.52 11.74
C ALA C 326 11.76 -16.12 13.21
N GLN C 327 12.23 -17.02 14.11
CA GLN C 327 12.22 -16.73 15.55
C GLN C 327 13.07 -15.50 15.86
N THR C 328 14.30 -15.45 15.34
CA THR C 328 15.16 -14.31 15.65
C THR C 328 14.54 -12.99 15.20
N ILE C 329 13.79 -12.98 14.07
CA ILE C 329 13.13 -11.78 13.60
C ILE C 329 12.05 -11.31 14.59
N LYS C 330 11.23 -12.23 15.13
CA LYS C 330 10.18 -11.87 16.08
C LYS C 330 10.75 -11.29 17.37
N GLU C 331 12.05 -11.46 17.63
CA GLU C 331 12.68 -10.96 18.84
C GLU C 331 13.32 -9.58 18.63
N ILE C 332 13.22 -8.99 17.44
CA ILE C 332 13.79 -7.67 17.17
C ILE C 332 12.99 -6.59 17.92
N THR C 333 13.72 -5.69 18.59
CA THR C 333 13.20 -4.53 19.29
C THR C 333 14.15 -3.35 19.02
N ARG C 334 13.75 -2.13 19.40
CA ARG C 334 14.62 -0.97 19.24
C ARG C 334 15.93 -1.13 20.02
N GLU C 335 15.88 -1.82 21.17
CA GLU C 335 17.04 -2.08 22.00
C GLU C 335 18.11 -2.92 21.27
N ASN C 336 17.70 -3.94 20.51
CA ASN C 336 18.66 -4.86 19.92
C ASN C 336 18.85 -4.63 18.43
N LEU C 337 18.17 -3.62 17.85
CA LEU C 337 18.19 -3.39 16.41
C LEU C 337 19.63 -3.23 15.86
N GLN C 338 20.45 -2.38 16.51
CA GLN C 338 21.82 -2.13 16.08
C GLN C 338 22.57 -3.47 15.99
N ALA C 339 22.49 -4.28 17.05
CA ALA C 339 23.15 -5.58 17.12
C ALA C 339 22.67 -6.52 16.01
N VAL C 340 21.35 -6.57 15.77
CA VAL C 340 20.76 -7.42 14.75
C VAL C 340 21.22 -7.00 13.35
N LEU C 341 21.25 -5.68 13.10
CA LEU C 341 21.71 -5.17 11.82
C LEU C 341 23.21 -5.46 11.62
N LYS C 342 24.04 -5.25 12.66
CA LYS C 342 25.45 -5.59 12.58
C LYS C 342 25.62 -7.06 12.20
N ASN C 343 24.87 -7.95 12.86
CA ASN C 343 24.93 -9.38 12.62
C ASN C 343 24.49 -9.67 11.18
N THR C 344 23.44 -8.94 10.74
CA THR C 344 22.87 -9.22 9.43
C THR C 344 23.83 -8.77 8.34
N THR C 345 24.40 -7.58 8.48
CA THR C 345 25.35 -7.07 7.51
C THR C 345 26.49 -8.05 7.27
N ALA C 346 27.06 -8.61 8.34
CA ALA C 346 28.06 -9.67 8.25
C ALA C 346 27.53 -10.85 7.40
N GLN C 347 26.33 -11.35 7.71
CA GLN C 347 25.76 -12.48 6.99
C GLN C 347 25.45 -12.14 5.53
N LEU C 348 25.12 -10.88 5.22
CA LEU C 348 24.91 -10.39 3.87
C LEU C 348 26.23 -10.09 3.16
N MET C 349 27.37 -10.30 3.85
CA MET C 349 28.72 -10.02 3.36
C MET C 349 28.86 -8.55 2.92
N LEU C 350 28.33 -7.63 3.74
CA LEU C 350 28.54 -6.20 3.55
C LEU C 350 29.39 -5.67 4.70
N PRO C 351 30.09 -4.53 4.58
CA PRO C 351 30.84 -3.97 5.71
C PRO C 351 29.95 -3.68 6.90
N PRO C 352 30.34 -4.05 8.15
CA PRO C 352 29.52 -3.75 9.33
C PRO C 352 29.14 -2.29 9.50
N GLU C 353 29.91 -1.38 8.87
CA GLU C 353 29.67 0.06 8.93
C GLU C 353 28.40 0.46 8.16
N CYS C 354 27.93 -0.41 7.26
CA CYS C 354 26.69 -0.21 6.55
C CYS C 354 25.46 -0.26 7.46
N SER C 355 25.60 -0.83 8.67
CA SER C 355 24.48 -1.06 9.56
C SER C 355 23.75 0.24 9.89
N ASP C 356 24.48 1.34 10.08
CA ASP C 356 23.87 2.62 10.41
C ASP C 356 23.08 3.19 9.23
N LEU C 357 23.58 2.96 8.00
CA LEU C 357 22.90 3.45 6.82
C LEU C 357 21.62 2.64 6.57
N LEU C 358 21.71 1.32 6.76
CA LEU C 358 20.58 0.43 6.64
C LEU C 358 19.50 0.80 7.65
N MET C 359 19.90 1.11 8.89
CA MET C 359 18.98 1.51 9.93
C MET C 359 18.27 2.82 9.55
N GLU C 360 19.03 3.84 9.14
CA GLU C 360 18.42 5.11 8.77
C GLU C 360 17.47 4.96 7.58
N GLU C 361 17.84 4.12 6.60
CA GLU C 361 17.04 3.93 5.41
C GLU C 361 15.75 3.17 5.74
N TYR C 362 15.86 2.01 6.39
CA TYR C 362 14.73 1.10 6.56
C TYR C 362 13.90 1.39 7.80
N MET C 363 14.52 1.89 8.89
CA MET C 363 13.80 2.03 10.16
C MET C 363 13.63 3.49 10.57
N GLY C 364 14.64 4.32 10.28
CA GLY C 364 14.62 5.70 10.76
C GLY C 364 14.51 5.71 12.28
N ASP C 365 13.55 6.48 12.80
CA ASP C 365 13.31 6.63 14.22
C ASP C 365 12.19 5.73 14.76
N THR C 366 11.77 4.71 14.00
CA THR C 366 10.74 3.76 14.41
C THR C 366 11.08 3.12 15.76
N GLU C 367 10.10 3.02 16.67
CA GLU C 367 10.28 2.40 17.97
C GLU C 367 9.50 1.08 18.09
N ASP C 368 8.36 0.99 17.39
CA ASP C 368 7.45 -0.13 17.47
C ASP C 368 8.10 -1.42 16.97
N ALA C 369 8.15 -2.44 17.83
CA ALA C 369 8.83 -3.69 17.55
C ALA C 369 8.33 -4.38 16.28
N GLN C 370 7.00 -4.52 16.13
CA GLN C 370 6.46 -5.20 14.95
C GLN C 370 6.77 -4.42 13.67
N THR C 371 6.74 -3.08 13.73
CA THR C 371 7.09 -2.26 12.57
C THR C 371 8.55 -2.48 12.18
N LEU C 372 9.45 -2.49 13.18
CA LEU C 372 10.87 -2.78 12.95
C LEU C 372 11.05 -4.11 12.23
N GLN C 373 10.28 -5.12 12.64
CA GLN C 373 10.39 -6.43 12.02
C GLN C 373 9.92 -6.42 10.58
N ILE C 374 8.87 -5.67 10.27
CA ILE C 374 8.40 -5.57 8.90
C ILE C 374 9.42 -4.80 8.06
N GLN C 375 9.97 -3.69 8.59
CA GLN C 375 11.06 -2.96 7.94
C GLN C 375 12.25 -3.86 7.66
N PHE C 376 12.61 -4.72 8.64
CA PHE C 376 13.70 -5.66 8.49
C PHE C 376 13.43 -6.63 7.34
N THR C 377 12.21 -7.18 7.28
CA THR C 377 11.86 -8.08 6.19
C THR C 377 11.85 -7.36 4.84
N GLU C 378 11.47 -6.08 4.83
CA GLU C 378 11.54 -5.29 3.59
C GLU C 378 12.97 -5.19 3.09
N MET C 379 13.91 -4.89 4.01
CA MET C 379 15.34 -4.83 3.70
C MET C 379 15.84 -6.13 3.08
N MET C 380 15.44 -7.28 3.65
CA MET C 380 15.82 -8.58 3.13
C MET C 380 15.18 -8.87 1.77
N GLU C 381 13.90 -8.52 1.57
CA GLU C 381 13.28 -8.78 0.28
C GLU C 381 13.91 -7.92 -0.81
N ASP C 382 14.30 -6.68 -0.47
CA ASP C 382 14.96 -5.79 -1.40
C ASP C 382 16.33 -6.34 -1.79
N PHE C 383 17.12 -6.74 -0.80
CA PHE C 383 18.43 -7.32 -1.05
C PHE C 383 18.36 -8.58 -1.90
N MET C 384 17.46 -9.52 -1.57
CA MET C 384 17.45 -10.82 -2.23
C MET C 384 16.70 -10.82 -3.57
N PHE C 385 15.62 -10.03 -3.68
CA PHE C 385 14.72 -10.22 -4.81
C PHE C 385 14.45 -8.95 -5.60
N VAL C 386 14.02 -7.88 -4.90
CA VAL C 386 13.44 -6.74 -5.58
C VAL C 386 14.53 -5.93 -6.26
N ILE C 387 15.61 -5.58 -5.56
CA ILE C 387 16.68 -4.80 -6.18
C ILE C 387 17.34 -5.61 -7.28
N PRO C 388 17.76 -6.89 -7.08
CA PRO C 388 18.22 -7.72 -8.19
C PRO C 388 17.31 -7.69 -9.41
N ALA C 389 15.99 -7.88 -9.21
CA ALA C 389 15.07 -7.91 -10.34
C ALA C 389 15.04 -6.56 -11.07
N LEU C 390 15.02 -5.45 -10.33
CA LEU C 390 15.00 -4.11 -10.91
C LEU C 390 16.29 -3.81 -11.67
N GLN C 391 17.43 -4.28 -11.16
CA GLN C 391 18.71 -4.14 -11.84
C GLN C 391 18.73 -4.91 -13.15
N VAL C 392 18.31 -6.18 -13.12
CA VAL C 392 18.32 -6.99 -14.34
C VAL C 392 17.34 -6.41 -15.36
N ALA C 393 16.17 -5.91 -14.91
CA ALA C 393 15.21 -5.26 -15.76
C ALA C 393 15.83 -4.02 -16.43
N TYR C 394 16.53 -3.18 -15.67
CA TYR C 394 17.19 -1.98 -16.16
C TYR C 394 18.20 -2.32 -17.25
N PHE C 395 19.02 -3.37 -17.05
CA PHE C 395 20.03 -3.76 -18.02
C PHE C 395 19.40 -4.39 -19.26
N GLN C 396 18.28 -5.10 -19.13
CA GLN C 396 17.69 -5.77 -20.28
C GLN C 396 16.85 -4.81 -21.14
N ARG C 397 16.14 -3.86 -20.51
CA ARG C 397 15.00 -3.18 -21.14
C ARG C 397 15.41 -2.18 -22.24
N SER C 398 16.70 -1.80 -22.29
CA SER C 398 17.19 -0.94 -23.37
C SER C 398 17.51 -1.74 -24.62
N HIS C 399 17.59 -3.09 -24.53
CA HIS C 399 17.96 -3.93 -25.65
C HIS C 399 16.77 -4.72 -26.18
N ALA C 400 15.80 -5.02 -25.32
CA ALA C 400 14.66 -5.86 -25.67
C ALA C 400 13.50 -5.53 -24.73
N SER C 401 12.29 -5.96 -25.10
CA SER C 401 11.12 -5.73 -24.27
C SER C 401 11.28 -6.38 -22.89
N VAL C 402 11.03 -5.60 -21.84
CA VAL C 402 10.83 -6.13 -20.51
C VAL C 402 9.40 -5.84 -20.07
N TYR C 403 8.67 -6.87 -19.63
CA TYR C 403 7.39 -6.67 -18.96
C TYR C 403 7.57 -7.00 -17.48
N PHE C 404 7.34 -6.02 -16.61
CA PHE C 404 7.68 -6.19 -15.20
C PHE C 404 6.38 -6.32 -14.39
N TYR C 405 6.38 -7.21 -13.38
CA TYR C 405 5.22 -7.35 -12.50
C TYR C 405 5.63 -7.34 -11.03
N GLU C 406 4.73 -6.80 -10.20
CA GLU C 406 4.71 -7.11 -8.77
C GLU C 406 3.41 -7.87 -8.47
N PHE C 407 3.55 -9.11 -7.98
CA PHE C 407 2.39 -9.91 -7.62
C PHE C 407 2.04 -9.66 -6.15
N GLN C 408 0.77 -9.36 -5.91
CA GLN C 408 0.38 -8.73 -4.66
C GLN C 408 -0.72 -9.51 -3.94
N HIS C 409 -1.24 -10.57 -4.57
CA HIS C 409 -2.42 -11.27 -4.10
C HIS C 409 -2.15 -12.02 -2.80
N GLN C 410 -3.02 -11.76 -1.81
CA GLN C 410 -3.01 -12.49 -0.55
C GLN C 410 -4.00 -13.65 -0.67
N ILE C 411 -3.49 -14.89 -0.70
CA ILE C 411 -4.30 -16.10 -0.90
C ILE C 411 -5.27 -16.25 0.28
N ALA C 412 -6.56 -16.41 -0.07
CA ALA C 412 -7.67 -16.36 0.87
C ALA C 412 -7.57 -17.46 1.93
N SER C 413 -7.42 -18.71 1.47
CA SER C 413 -7.47 -19.87 2.35
C SER C 413 -6.26 -19.96 3.30
N LEU C 414 -5.23 -19.13 3.10
CA LEU C 414 -4.05 -19.15 3.98
C LEU C 414 -4.16 -18.14 5.12
N LYS C 415 -5.26 -17.36 5.17
CA LYS C 415 -5.35 -16.27 6.14
C LYS C 415 -5.22 -16.79 7.58
N ASP C 416 -5.74 -18.00 7.85
CA ASP C 416 -5.72 -18.62 9.16
C ASP C 416 -4.55 -19.59 9.32
N VAL C 417 -3.66 -19.65 8.31
CA VAL C 417 -2.61 -20.67 8.25
C VAL C 417 -1.23 -20.06 8.57
N ARG C 418 -1.08 -18.74 8.44
CA ARG C 418 0.18 -18.04 8.66
C ARG C 418 -0.10 -16.63 9.18
N PRO C 419 0.92 -15.88 9.67
CA PRO C 419 0.73 -14.52 10.16
C PRO C 419 -0.08 -13.63 9.23
N THR C 420 -0.98 -12.84 9.82
CA THR C 420 -1.99 -12.07 9.10
C THR C 420 -1.38 -10.94 8.27
N HIS C 421 -0.19 -10.46 8.64
CA HIS C 421 0.46 -9.36 7.94
C HIS C 421 1.09 -9.79 6.60
N VAL C 422 1.24 -11.11 6.39
CA VAL C 422 1.87 -11.64 5.19
C VAL C 422 0.93 -11.44 4.00
N LYS C 423 1.45 -10.78 2.95
CA LYS C 423 0.74 -10.59 1.70
C LYS C 423 1.10 -11.71 0.72
N ALA C 424 1.69 -11.38 -0.44
CA ALA C 424 2.13 -12.43 -1.34
C ALA C 424 3.52 -12.90 -0.96
N ASP C 425 3.60 -14.07 -0.32
CA ASP C 425 4.84 -14.67 0.10
C ASP C 425 5.61 -15.18 -1.12
N HIS C 426 6.89 -15.51 -0.91
CA HIS C 426 7.64 -16.27 -1.89
C HIS C 426 6.84 -17.47 -2.36
N ALA C 427 6.87 -17.73 -3.68
CA ALA C 427 6.23 -18.83 -4.40
C ALA C 427 4.69 -18.72 -4.48
N ASP C 428 4.06 -17.66 -3.92
CA ASP C 428 2.61 -17.60 -3.93
C ASP C 428 2.00 -17.42 -5.32
N GLU C 429 2.80 -17.04 -6.33
CA GLU C 429 2.27 -16.86 -7.69
C GLU C 429 2.24 -18.18 -8.48
N ILE C 430 3.05 -19.19 -8.07
CA ILE C 430 3.14 -20.45 -8.79
C ILE C 430 1.77 -21.10 -8.96
N PRO C 431 0.90 -21.20 -7.92
CA PRO C 431 -0.43 -21.76 -8.09
C PRO C 431 -1.25 -21.08 -9.19
N PHE C 432 -1.03 -19.78 -9.42
CA PHE C 432 -1.84 -19.05 -10.40
C PHE C 432 -1.38 -19.38 -11.82
N VAL C 433 -0.07 -19.61 -11.98
CA VAL C 433 0.52 -20.01 -13.25
C VAL C 433 0.15 -21.46 -13.59
N PHE C 434 0.23 -22.37 -12.62
CA PHE C 434 0.01 -23.79 -12.85
C PHE C 434 -1.45 -24.19 -12.71
N GLY C 435 -2.23 -23.43 -11.92
CA GLY C 435 -3.67 -23.63 -11.72
C GLY C 435 -4.02 -24.61 -10.60
N TYR C 436 -3.12 -24.84 -9.62
CA TYR C 436 -3.43 -25.64 -8.45
C TYR C 436 -2.43 -25.33 -7.32
N PHE C 437 -2.78 -25.71 -6.07
CA PHE C 437 -1.93 -25.43 -4.92
C PHE C 437 -0.95 -26.57 -4.63
N PHE C 438 0.22 -26.19 -4.11
CA PHE C 438 1.37 -27.08 -3.94
C PHE C 438 1.48 -27.66 -2.53
N TRP C 439 0.77 -27.04 -1.58
CA TRP C 439 0.85 -27.45 -0.17
C TRP C 439 0.10 -28.75 0.09
N ASP C 440 0.58 -29.49 1.09
CA ASP C 440 -0.06 -30.72 1.56
C ASP C 440 -1.21 -30.33 2.49
N MET C 441 -2.27 -29.76 1.90
CA MET C 441 -3.52 -29.34 2.54
C MET C 441 -4.50 -29.00 1.41
N LYS C 442 -5.76 -29.48 1.49
CA LYS C 442 -6.69 -29.25 0.40
C LYS C 442 -7.26 -27.84 0.51
N LEU C 443 -6.91 -27.02 -0.50
CA LEU C 443 -7.30 -25.62 -0.59
C LEU C 443 -7.96 -25.37 -1.95
N ASP C 444 -8.90 -24.41 -1.99
CA ASP C 444 -9.63 -24.07 -3.21
C ASP C 444 -9.40 -22.61 -3.58
N PHE C 445 -9.51 -22.30 -4.86
CA PHE C 445 -9.49 -20.92 -5.35
C PHE C 445 -10.84 -20.25 -5.14
N THR C 446 -10.82 -19.01 -4.63
CA THR C 446 -11.97 -18.11 -4.73
C THR C 446 -12.27 -17.80 -6.19
N GLU C 447 -13.45 -17.23 -6.45
CA GLU C 447 -13.85 -16.82 -7.80
C GLU C 447 -12.86 -15.82 -8.39
N GLY C 448 -12.44 -14.84 -7.57
CA GLY C 448 -11.43 -13.84 -7.91
C GLY C 448 -10.10 -14.49 -8.26
N GLU C 449 -9.76 -15.59 -7.57
CA GLU C 449 -8.49 -16.27 -7.75
C GLU C 449 -8.50 -17.10 -9.03
N LYS C 450 -9.64 -17.70 -9.39
CA LYS C 450 -9.80 -18.40 -10.66
C LYS C 450 -9.58 -17.41 -11.80
N LEU C 451 -10.17 -16.22 -11.70
CA LEU C 451 -9.97 -15.20 -12.70
C LEU C 451 -8.50 -14.76 -12.75
N LEU C 452 -7.87 -14.57 -11.59
CA LEU C 452 -6.46 -14.20 -11.55
C LEU C 452 -5.61 -15.26 -12.24
N SER C 453 -5.86 -16.54 -11.96
CA SER C 453 -5.11 -17.64 -12.54
C SER C 453 -5.33 -17.66 -14.07
N ARG C 454 -6.58 -17.50 -14.52
CA ARG C 454 -6.88 -17.49 -15.94
C ARG C 454 -6.15 -16.34 -16.65
N ARG C 455 -6.13 -15.16 -16.00
CA ARG C 455 -5.42 -14.00 -16.52
C ARG C 455 -3.91 -14.26 -16.62
N MET C 456 -3.29 -14.76 -15.56
CA MET C 456 -1.87 -15.02 -15.54
C MET C 456 -1.49 -16.10 -16.55
N MET C 457 -2.27 -17.17 -16.65
CA MET C 457 -2.04 -18.18 -17.66
C MET C 457 -2.08 -17.56 -19.05
N LYS C 458 -3.05 -16.66 -19.29
CA LYS C 458 -3.17 -16.01 -20.58
C LYS C 458 -2.00 -15.05 -20.84
N TYR C 459 -1.62 -14.23 -19.86
CA TYR C 459 -0.46 -13.37 -19.99
C TYR C 459 0.79 -14.18 -20.36
N TRP C 460 1.06 -15.26 -19.62
CA TRP C 460 2.24 -16.08 -19.84
C TRP C 460 2.21 -16.71 -21.23
N ALA C 461 1.03 -17.23 -21.64
CA ALA C 461 0.90 -17.90 -22.92
C ALA C 461 0.93 -16.91 -24.09
N ASN C 462 0.31 -15.75 -23.94
CA ASN C 462 0.43 -14.68 -24.92
C ASN C 462 1.89 -14.32 -25.13
N PHE C 463 2.63 -14.22 -24.03
CA PHE C 463 4.06 -13.92 -24.10
C PHE C 463 4.80 -15.06 -24.80
N ALA C 464 4.44 -16.31 -24.50
CA ALA C 464 4.99 -17.46 -25.22
C ALA C 464 4.68 -17.39 -26.72
N ARG C 465 3.51 -16.88 -27.12
CA ARG C 465 3.07 -16.78 -28.51
C ARG C 465 3.75 -15.63 -29.26
N HIS C 466 3.87 -14.46 -28.63
CA HIS C 466 4.12 -13.23 -29.36
C HIS C 466 5.25 -12.39 -28.75
N GLY C 467 5.86 -12.80 -27.63
CA GLY C 467 6.84 -11.96 -26.94
C GLY C 467 6.22 -10.71 -26.31
N ASN C 468 4.90 -10.76 -26.09
CA ASN C 468 4.11 -9.66 -25.57
C ASN C 468 2.94 -10.28 -24.82
N PRO C 469 2.71 -9.99 -23.51
CA PRO C 469 1.66 -10.62 -22.74
C PRO C 469 0.23 -10.16 -23.07
N ASN C 470 0.06 -9.09 -23.86
CA ASN C 470 -1.23 -8.44 -24.01
C ASN C 470 -2.11 -9.18 -25.03
N SER C 471 -3.44 -9.17 -24.79
CA SER C 471 -4.42 -9.61 -25.79
C SER C 471 -5.80 -9.08 -25.48
N GLU C 472 -6.70 -9.41 -26.40
CA GLU C 472 -8.08 -8.94 -26.31
C GLU C 472 -8.67 -9.43 -24.99
N GLY C 473 -9.25 -8.52 -24.20
CA GLY C 473 -9.85 -8.94 -22.95
C GLY C 473 -9.01 -8.68 -21.70
N LEU C 474 -7.68 -8.57 -21.84
CA LEU C 474 -6.84 -8.59 -20.66
C LEU C 474 -6.49 -7.16 -20.26
N PRO C 475 -6.39 -6.83 -18.95
CA PRO C 475 -5.87 -5.54 -18.54
C PRO C 475 -4.51 -5.26 -19.16
N TYR C 476 -4.32 -4.02 -19.61
CA TYR C 476 -3.10 -3.63 -20.31
C TYR C 476 -1.88 -3.78 -19.40
N TRP C 477 -0.86 -4.45 -19.94
CA TRP C 477 0.43 -4.57 -19.29
C TRP C 477 1.44 -3.80 -20.14
N PRO C 478 1.84 -2.57 -19.72
CA PRO C 478 2.80 -1.80 -20.50
C PRO C 478 4.20 -2.38 -20.45
N VAL C 479 4.96 -2.21 -21.54
CA VAL C 479 6.38 -2.51 -21.54
C VAL C 479 7.10 -1.59 -20.56
N MET C 480 8.14 -2.10 -19.91
CA MET C 480 8.98 -1.29 -19.04
C MET C 480 9.98 -0.51 -19.89
N ASP C 481 9.95 0.81 -19.81
CA ASP C 481 10.87 1.65 -20.57
C ASP C 481 11.40 2.73 -19.63
N HIS C 482 11.75 3.91 -20.15
CA HIS C 482 12.18 5.03 -19.32
C HIS C 482 11.11 5.45 -18.30
N ASP C 483 9.83 5.12 -18.55
CA ASP C 483 8.74 5.44 -17.63
C ASP C 483 8.62 4.47 -16.45
N GLU C 484 9.28 3.31 -16.54
CA GLU C 484 9.45 2.39 -15.43
C GLU C 484 8.12 1.80 -14.95
N GLN C 485 7.19 1.61 -15.88
CA GLN C 485 5.90 1.06 -15.55
C GLN C 485 5.96 -0.47 -15.33
N TYR C 486 5.09 -0.94 -14.45
CA TYR C 486 4.96 -2.36 -14.18
C TYR C 486 3.49 -2.69 -13.91
N LEU C 487 3.16 -3.98 -13.99
CA LEU C 487 1.80 -4.42 -13.68
C LEU C 487 1.74 -4.91 -12.24
N GLN C 488 0.75 -4.41 -11.49
CA GLN C 488 0.43 -4.93 -10.17
C GLN C 488 -0.58 -6.05 -10.36
N LEU C 489 -0.15 -7.29 -10.13
CA LEU C 489 -0.96 -8.47 -10.35
C LEU C 489 -1.74 -8.81 -9.09
N ASP C 490 -3.06 -8.69 -9.21
CA ASP C 490 -3.99 -9.04 -8.17
C ASP C 490 -5.34 -9.25 -8.83
N THR C 491 -6.41 -9.40 -8.04
CA THR C 491 -7.76 -9.67 -8.52
C THR C 491 -8.20 -8.60 -9.52
N GLN C 492 -7.96 -7.31 -9.19
CA GLN C 492 -8.07 -6.25 -10.19
C GLN C 492 -6.67 -5.71 -10.51
N PRO C 493 -6.04 -6.12 -11.64
CA PRO C 493 -4.70 -5.62 -11.99
C PRO C 493 -4.71 -4.12 -12.23
N ALA C 494 -3.57 -3.48 -11.95
CA ALA C 494 -3.41 -2.05 -12.12
C ALA C 494 -1.97 -1.72 -12.50
N VAL C 495 -1.77 -0.69 -13.32
CA VAL C 495 -0.42 -0.26 -13.65
C VAL C 495 0.15 0.54 -12.48
N GLY C 496 1.42 0.31 -12.17
CA GLY C 496 2.18 1.20 -11.30
C GLY C 496 3.46 1.63 -12.01
N ARG C 497 4.27 2.42 -11.33
CA ARG C 497 5.52 2.89 -11.94
C ARG C 497 6.58 3.08 -10.86
N ALA C 498 7.84 2.87 -11.25
CA ALA C 498 9.00 3.16 -10.44
C ALA C 498 8.90 2.41 -9.11
N LEU C 499 8.72 1.08 -9.19
CA LEU C 499 8.69 0.22 -8.01
C LEU C 499 9.90 0.50 -7.12
N LYS C 500 9.63 0.82 -5.84
CA LYS C 500 10.66 0.95 -4.80
C LYS C 500 11.78 1.91 -5.22
N SER C 501 11.39 3.04 -5.84
CA SER C 501 12.38 3.95 -6.38
C SER C 501 13.41 4.41 -5.35
N ARG C 502 12.95 4.79 -4.17
CA ARG C 502 13.78 5.16 -3.04
C ARG C 502 14.77 4.06 -2.65
N ARG C 503 14.30 2.82 -2.53
CA ARG C 503 15.18 1.73 -2.10
C ARG C 503 16.22 1.44 -3.19
N LEU C 504 15.78 1.50 -4.46
CA LEU C 504 16.68 1.25 -5.58
C LEU C 504 17.85 2.26 -5.59
N GLN C 505 17.55 3.54 -5.38
CA GLN C 505 18.56 4.56 -5.26
C GLN C 505 19.48 4.32 -4.07
N PHE C 506 18.91 3.88 -2.93
CA PHE C 506 19.71 3.64 -1.75
C PHE C 506 20.74 2.55 -2.02
N TRP C 507 20.30 1.40 -2.55
CA TRP C 507 21.19 0.26 -2.76
C TRP C 507 22.22 0.51 -3.87
N THR C 508 21.83 1.23 -4.92
CA THR C 508 22.68 1.36 -6.09
C THR C 508 23.56 2.60 -6.01
N LYS C 509 23.16 3.64 -5.26
CA LYS C 509 23.95 4.86 -5.18
C LYS C 509 24.54 4.96 -3.77
N THR C 510 23.69 5.28 -2.78
CA THR C 510 24.13 5.62 -1.43
C THR C 510 25.06 4.56 -0.85
N LEU C 511 24.60 3.32 -0.90
CA LEU C 511 25.28 2.25 -0.18
C LEU C 511 26.61 1.91 -0.85
N SER C 512 26.65 1.74 -2.18
CA SER C 512 27.91 1.48 -2.88
C SER C 512 28.88 2.66 -2.75
N GLN C 513 28.36 3.89 -2.80
CA GLN C 513 29.18 5.08 -2.60
C GLN C 513 29.85 5.01 -1.23
N LYS C 514 29.12 4.61 -0.19
CA LYS C 514 29.71 4.52 1.13
C LYS C 514 30.68 3.34 1.27
N ILE C 515 30.44 2.22 0.57
CA ILE C 515 31.39 1.11 0.53
C ILE C 515 32.72 1.58 -0.09
N GLN C 516 32.62 2.27 -1.23
CA GLN C 516 33.76 2.78 -1.98
C GLN C 516 34.55 3.81 -1.17
N GLU C 517 33.82 4.77 -0.57
CA GLU C 517 34.34 5.90 0.21
C GLU C 517 35.16 5.42 1.40
N LEU C 518 34.64 4.42 2.13
CA LEU C 518 35.33 3.93 3.32
C LEU C 518 36.51 3.01 2.97
N ARG C 519 36.52 2.44 1.75
CA ARG C 519 37.66 1.71 1.21
C ARG C 519 38.76 2.64 0.66
N ALA C 520 38.35 3.77 0.08
CA ALA C 520 39.27 4.81 -0.35
C ALA C 520 40.02 5.47 0.81
N SER C 521 39.52 5.31 2.06
CA SER C 521 39.80 6.23 3.16
C SER C 521 41.25 6.77 3.24
N PRO D 2 -47.36 7.78 6.38
CA PRO D 2 -46.92 8.91 7.25
C PRO D 2 -47.46 10.25 6.76
N GLU D 3 -47.55 11.20 7.69
CA GLU D 3 -48.04 12.54 7.43
C GLU D 3 -47.12 13.30 6.47
N ALA D 4 -47.72 13.95 5.46
CA ALA D 4 -47.08 15.07 4.77
C ALA D 4 -47.26 16.32 5.63
N SER D 5 -46.42 17.33 5.41
CA SER D 5 -46.47 18.56 6.20
C SER D 5 -46.55 18.31 7.71
N PRO D 6 -45.59 17.58 8.32
CA PRO D 6 -45.59 17.40 9.77
C PRO D 6 -45.37 18.70 10.53
N ILE D 7 -46.06 18.85 11.67
CA ILE D 7 -45.84 19.97 12.58
C ILE D 7 -45.20 19.44 13.86
N ARG D 8 -44.20 20.18 14.33
CA ARG D 8 -43.42 19.80 15.50
C ARG D 8 -43.24 21.02 16.39
N ASN D 9 -43.07 20.76 17.70
CA ASN D 9 -42.94 21.80 18.70
C ASN D 9 -41.48 22.17 18.88
N THR D 10 -41.21 23.46 19.07
CA THR D 10 -39.96 23.90 19.67
C THR D 10 -40.30 24.81 20.85
N HIS D 11 -39.30 25.12 21.67
CA HIS D 11 -39.46 26.00 22.82
C HIS D 11 -39.94 27.39 22.37
N THR D 12 -39.62 27.80 21.12
CA THR D 12 -39.96 29.10 20.54
C THR D 12 -41.24 29.07 19.70
N GLY D 13 -41.84 27.88 19.54
CA GLY D 13 -43.08 27.77 18.77
C GLY D 13 -43.04 26.61 17.76
N GLN D 14 -44.15 26.47 17.02
CA GLN D 14 -44.32 25.33 16.13
C GLN D 14 -43.66 25.59 14.78
N VAL D 15 -43.19 24.49 14.17
CA VAL D 15 -42.59 24.53 12.83
C VAL D 15 -43.21 23.43 11.97
N ARG D 16 -43.41 23.74 10.68
CA ARG D 16 -43.95 22.78 9.73
C ARG D 16 -42.83 22.34 8.77
N GLY D 17 -42.69 21.03 8.60
CA GLY D 17 -41.70 20.46 7.71
C GLY D 17 -42.34 19.80 6.49
N SER D 18 -41.53 18.97 5.79
CA SER D 18 -41.96 18.28 4.57
C SER D 18 -41.68 16.79 4.68
N LEU D 19 -42.50 16.02 3.97
CA LEU D 19 -42.22 14.62 3.70
C LEU D 19 -41.47 14.54 2.36
N VAL D 20 -40.33 13.84 2.39
CA VAL D 20 -39.56 13.59 1.19
C VAL D 20 -39.36 12.06 1.09
N HIS D 21 -39.49 11.57 -0.14
N HIS D 21 -39.59 11.54 -0.11
CA HIS D 21 -39.50 10.14 -0.34
CA HIS D 21 -39.52 10.11 -0.33
C HIS D 21 -38.06 9.76 -0.64
C HIS D 21 -38.07 9.80 -0.61
N VAL D 22 -37.53 8.78 0.04
CA VAL D 22 -36.22 8.41 -0.44
C VAL D 22 -36.34 7.11 -1.24
N LYS D 23 -35.40 6.86 -2.18
CA LYS D 23 -35.39 5.60 -2.90
C LYS D 23 -34.62 4.56 -2.10
N ASP D 24 -34.95 3.26 -2.30
CA ASP D 24 -34.29 2.14 -1.63
C ASP D 24 -34.57 2.08 -0.12
N THR D 25 -35.55 2.84 0.39
CA THR D 25 -36.03 2.65 1.75
C THR D 25 -37.49 3.10 1.77
N LYS D 26 -38.39 2.18 2.19
CA LYS D 26 -39.83 2.39 2.27
C LYS D 26 -40.19 3.49 3.28
N ALA D 27 -39.38 3.65 4.33
CA ALA D 27 -39.39 4.84 5.16
C ALA D 27 -39.28 6.09 4.28
N GLY D 28 -40.24 7.04 4.43
CA GLY D 28 -39.96 8.42 4.04
C GLY D 28 -39.07 9.13 5.06
N VAL D 29 -38.82 10.41 4.78
CA VAL D 29 -38.04 11.25 5.67
C VAL D 29 -38.82 12.54 5.89
N HIS D 30 -38.79 13.02 7.14
CA HIS D 30 -39.31 14.36 7.44
C HIS D 30 -38.15 15.31 7.58
N THR D 31 -38.27 16.50 6.97
CA THR D 31 -37.26 17.55 7.02
C THR D 31 -37.87 18.81 7.63
N PHE D 32 -37.05 19.49 8.44
CA PHE D 32 -37.41 20.74 9.07
C PHE D 32 -36.21 21.66 8.87
N LEU D 33 -36.37 22.65 7.98
CA LEU D 33 -35.24 23.46 7.53
C LEU D 33 -35.29 24.88 8.11
N GLY D 34 -34.11 25.45 8.39
CA GLY D 34 -33.98 26.85 8.73
C GLY D 34 -34.57 27.16 10.10
N ILE D 35 -34.40 26.24 11.06
CA ILE D 35 -34.84 26.48 12.42
C ILE D 35 -33.80 27.32 13.14
N PRO D 36 -34.19 28.49 13.72
CA PRO D 36 -33.24 29.35 14.41
C PRO D 36 -32.88 28.79 15.78
N PHE D 37 -31.58 28.77 16.10
CA PHE D 37 -31.14 28.26 17.38
C PHE D 37 -30.56 29.38 18.25
N ALA D 38 -30.42 30.58 17.67
CA ALA D 38 -29.91 31.77 18.34
C ALA D 38 -30.53 33.00 17.66
N LYS D 39 -30.45 34.17 18.32
CA LYS D 39 -30.86 35.38 17.67
C LYS D 39 -29.87 35.69 16.56
N PRO D 40 -30.32 36.36 15.47
CA PRO D 40 -29.40 36.87 14.46
C PRO D 40 -28.27 37.66 15.11
N PRO D 41 -27.00 37.27 14.89
CA PRO D 41 -25.86 37.95 15.48
C PRO D 41 -25.52 39.29 14.80
N VAL D 42 -26.49 40.22 14.83
CA VAL D 42 -26.43 41.45 14.05
C VAL D 42 -26.41 42.66 14.98
N GLY D 43 -25.97 43.82 14.45
CA GLY D 43 -25.86 45.04 15.24
C GLY D 43 -24.92 44.86 16.43
N PRO D 44 -25.42 45.07 17.68
CA PRO D 44 -24.60 44.87 18.87
C PRO D 44 -24.23 43.40 19.12
N LEU D 45 -24.96 42.47 18.49
CA LEU D 45 -24.70 41.04 18.62
C LEU D 45 -23.57 40.55 17.72
N ARG D 46 -23.02 41.41 16.84
CA ARG D 46 -21.81 41.05 16.12
C ARG D 46 -20.62 41.03 17.09
N PHE D 47 -19.76 40.01 16.99
CA PHE D 47 -18.64 39.78 17.90
C PHE D 47 -19.09 39.67 19.36
N ALA D 48 -20.24 39.02 19.57
CA ALA D 48 -20.78 38.78 20.90
C ALA D 48 -21.26 37.33 20.97
N PRO D 49 -21.35 36.73 22.18
CA PRO D 49 -21.86 35.37 22.31
C PRO D 49 -23.28 35.26 21.77
N PRO D 50 -23.73 34.08 21.29
CA PRO D 50 -25.09 33.95 20.79
C PRO D 50 -26.11 34.04 21.92
N GLU D 51 -27.28 34.61 21.63
CA GLU D 51 -28.39 34.82 22.54
C GLU D 51 -29.55 33.88 22.15
N ALA D 52 -30.48 33.60 23.07
CA ALA D 52 -31.62 32.74 22.83
C ALA D 52 -32.48 33.27 21.68
N PRO D 53 -33.01 32.38 20.80
CA PRO D 53 -33.89 32.82 19.72
C PRO D 53 -35.23 33.35 20.23
N GLU D 54 -35.82 34.29 19.49
CA GLU D 54 -37.11 34.84 19.87
C GLU D 54 -38.27 33.91 19.55
N PRO D 55 -39.32 33.84 20.39
CA PRO D 55 -40.52 33.10 20.03
C PRO D 55 -41.30 33.75 18.88
N TRP D 56 -42.17 32.94 18.26
CA TRP D 56 -43.04 33.42 17.19
C TRP D 56 -44.46 32.92 17.42
N SER D 57 -45.43 33.63 16.81
CA SER D 57 -46.81 33.20 16.79
C SER D 57 -47.07 32.32 15.58
N GLY D 58 -47.96 31.34 15.74
CA GLY D 58 -48.37 30.44 14.68
C GLY D 58 -47.24 29.53 14.21
N VAL D 59 -47.39 28.98 13.01
CA VAL D 59 -46.56 27.87 12.57
C VAL D 59 -45.49 28.41 11.62
N ARG D 60 -44.22 28.25 12.01
CA ARG D 60 -43.10 28.69 11.19
C ARG D 60 -42.93 27.73 10.02
N ASP D 61 -42.65 28.30 8.84
CA ASP D 61 -42.38 27.53 7.65
C ASP D 61 -40.98 26.93 7.75
N GLY D 62 -40.90 25.59 7.71
CA GLY D 62 -39.61 24.91 7.78
C GLY D 62 -39.29 24.14 6.50
N THR D 63 -39.64 24.73 5.35
CA THR D 63 -39.53 24.03 4.08
C THR D 63 -38.47 24.67 3.17
N ALA D 64 -37.79 25.72 3.65
CA ALA D 64 -36.75 26.38 2.87
C ALA D 64 -35.43 26.36 3.64
N HIS D 65 -34.34 26.16 2.89
CA HIS D 65 -33.00 26.21 3.43
C HIS D 65 -32.68 27.63 3.92
N PRO D 66 -31.90 27.79 5.01
CA PRO D 66 -31.49 29.12 5.46
C PRO D 66 -30.33 29.67 4.65
N ALA D 67 -30.11 30.98 4.74
CA ALA D 67 -28.92 31.59 4.18
C ALA D 67 -27.66 30.95 4.78
N MET D 68 -26.58 30.89 3.98
CA MET D 68 -25.28 30.53 4.52
C MET D 68 -24.66 31.74 5.21
N CYS D 69 -23.81 31.53 6.23
CA CYS D 69 -23.15 32.65 6.89
C CYS D 69 -22.30 33.45 5.90
N LEU D 70 -22.00 34.72 6.21
CA LEU D 70 -21.17 35.55 5.36
C LEU D 70 -19.89 34.82 4.99
N GLN D 71 -19.69 34.71 3.67
CA GLN D 71 -18.48 34.12 3.12
C GLN D 71 -18.27 34.72 1.73
N ASN D 72 -17.00 34.81 1.36
CA ASN D 72 -16.60 35.18 0.01
C ASN D 72 -16.89 34.00 -0.89
N LEU D 73 -17.89 34.13 -1.77
CA LEU D 73 -18.20 33.09 -2.75
C LEU D 73 -17.18 33.10 -3.88
N GLY D 74 -16.82 31.90 -4.36
CA GLY D 74 -15.66 31.71 -5.21
C GLY D 74 -16.01 31.50 -6.68
N VAL D 75 -15.00 31.03 -7.43
CA VAL D 75 -15.09 30.89 -8.87
C VAL D 75 -15.33 29.42 -9.21
N MET D 76 -14.76 28.54 -8.37
CA MET D 76 -14.85 27.07 -8.48
C MET D 76 -14.53 26.59 -9.89
N LYS D 77 -13.25 26.74 -10.28
CA LYS D 77 -12.80 26.40 -11.62
C LYS D 77 -12.70 24.88 -11.78
N GLU D 78 -11.67 24.27 -11.16
CA GLU D 78 -11.36 22.88 -11.41
C GLU D 78 -12.32 21.96 -10.66
N ILE D 79 -12.65 22.30 -9.40
CA ILE D 79 -13.48 21.45 -8.56
C ILE D 79 -14.79 22.19 -8.29
N LYS D 80 -15.89 21.70 -8.89
CA LYS D 80 -17.20 22.35 -8.80
C LYS D 80 -18.14 21.50 -7.94
N LEU D 81 -18.88 22.15 -7.02
CA LEU D 81 -19.82 21.49 -6.13
C LEU D 81 -21.27 21.87 -6.46
N LYS D 82 -22.20 20.96 -6.14
CA LYS D 82 -23.62 21.24 -6.20
C LYS D 82 -24.00 22.08 -4.98
N LEU D 83 -23.88 23.41 -5.11
CA LEU D 83 -24.35 24.33 -4.08
C LEU D 83 -25.88 24.43 -4.12
N PRO D 84 -26.58 24.46 -2.97
CA PRO D 84 -28.00 24.83 -2.93
C PRO D 84 -28.23 26.32 -3.21
N PRO D 85 -29.37 26.71 -3.82
CA PRO D 85 -29.64 28.11 -4.13
C PRO D 85 -30.07 28.92 -2.89
N VAL D 86 -29.07 29.30 -2.09
CA VAL D 86 -29.30 30.08 -0.88
C VAL D 86 -28.48 31.36 -0.96
N SER D 87 -28.95 32.41 -0.27
CA SER D 87 -28.20 33.65 -0.16
C SER D 87 -27.13 33.53 0.92
N THR D 88 -26.23 34.52 0.96
CA THR D 88 -25.28 34.64 2.05
C THR D 88 -25.73 35.80 2.93
N SER D 89 -25.63 35.64 4.25
CA SER D 89 -26.08 36.70 5.15
C SER D 89 -25.38 36.59 6.50
N GLU D 90 -25.35 37.69 7.26
CA GLU D 90 -24.92 37.67 8.65
C GLU D 90 -25.96 36.93 9.52
N ASP D 91 -27.22 36.99 9.09
CA ASP D 91 -28.32 36.26 9.71
C ASP D 91 -28.32 34.80 9.23
N CYS D 92 -27.64 33.92 9.98
CA CYS D 92 -27.37 32.58 9.47
C CYS D 92 -27.36 31.49 10.55
N LEU D 93 -27.74 31.83 11.80
CA LEU D 93 -27.69 30.87 12.91
C LEU D 93 -28.92 29.97 12.90
N TYR D 94 -28.94 29.07 11.91
CA TYR D 94 -30.04 28.12 11.72
C TYR D 94 -29.50 26.69 11.68
N LEU D 95 -30.41 25.74 11.89
CA LEU D 95 -30.10 24.32 11.74
C LEU D 95 -31.22 23.62 10.97
N ASN D 96 -30.86 22.48 10.36
CA ASN D 96 -31.79 21.64 9.62
C ASN D 96 -31.85 20.25 10.25
N ILE D 97 -33.05 19.66 10.26
CA ILE D 97 -33.32 18.39 10.92
C ILE D 97 -33.93 17.42 9.91
N TYR D 98 -33.38 16.19 9.87
CA TYR D 98 -33.85 15.09 9.04
C TYR D 98 -34.20 13.94 9.98
N THR D 99 -35.43 13.42 9.88
CA THR D 99 -35.86 12.32 10.72
C THR D 99 -36.55 11.27 9.85
N PRO D 100 -36.56 9.98 10.28
CA PRO D 100 -37.44 9.01 9.64
C PRO D 100 -38.88 9.50 9.77
N ALA D 101 -39.70 9.18 8.78
CA ALA D 101 -41.07 9.70 8.75
C ALA D 101 -41.90 9.15 9.91
N HIS D 102 -41.52 7.99 10.47
CA HIS D 102 -42.23 7.40 11.60
C HIS D 102 -41.88 8.08 12.93
N ALA D 103 -40.85 8.92 12.94
CA ALA D 103 -40.40 9.60 14.15
C ALA D 103 -41.38 10.71 14.54
N HIS D 104 -41.64 10.77 15.86
CA HIS D 104 -42.52 11.76 16.49
C HIS D 104 -41.98 11.97 17.91
N GLU D 105 -42.61 12.86 18.68
CA GLU D 105 -42.29 13.07 20.08
C GLU D 105 -42.18 11.72 20.81
N GLY D 106 -40.99 11.43 21.35
CA GLY D 106 -40.81 10.28 22.20
C GLY D 106 -40.19 9.08 21.50
N SER D 107 -39.86 9.21 20.19
CA SER D 107 -39.31 8.08 19.44
C SER D 107 -37.97 7.62 19.99
N ASN D 108 -37.20 8.53 20.62
CA ASN D 108 -35.92 8.23 21.25
C ASN D 108 -34.91 7.61 20.29
N LEU D 109 -34.78 8.21 19.09
CA LEU D 109 -33.75 7.79 18.15
C LEU D 109 -32.44 8.48 18.49
N PRO D 110 -31.28 7.87 18.20
CA PRO D 110 -30.01 8.57 18.31
C PRO D 110 -29.97 9.79 17.39
N VAL D 111 -29.19 10.80 17.80
CA VAL D 111 -29.08 12.08 17.10
C VAL D 111 -27.63 12.24 16.64
N MET D 112 -27.47 12.52 15.33
CA MET D 112 -26.14 12.80 14.79
C MET D 112 -26.13 14.23 14.30
N VAL D 113 -25.15 15.00 14.78
CA VAL D 113 -25.10 16.43 14.54
C VAL D 113 -23.86 16.70 13.70
N TRP D 114 -24.11 17.11 12.45
CA TRP D 114 -23.05 17.33 11.49
C TRP D 114 -22.57 18.78 11.57
N ILE D 115 -21.25 18.94 11.69
CA ILE D 115 -20.62 20.25 11.66
C ILE D 115 -19.77 20.31 10.39
N HIS D 116 -20.14 21.20 9.46
CA HIS D 116 -19.49 21.27 8.16
C HIS D 116 -18.08 21.85 8.29
N GLY D 117 -17.23 21.49 7.31
CA GLY D 117 -15.91 22.09 7.13
C GLY D 117 -15.96 23.30 6.22
N GLY D 118 -14.78 23.76 5.78
CA GLY D 118 -14.68 24.98 5.01
C GLY D 118 -13.68 25.96 5.63
N GLY D 119 -12.70 25.42 6.39
CA GLY D 119 -11.60 26.21 6.94
C GLY D 119 -12.00 27.28 7.96
N LEU D 120 -13.19 27.17 8.58
CA LEU D 120 -13.76 28.18 9.46
C LEU D 120 -13.99 29.52 8.74
N VAL D 121 -14.01 29.49 7.39
CA VAL D 121 -14.23 30.68 6.57
C VAL D 121 -15.36 30.48 5.58
N ALA D 122 -15.78 29.22 5.35
CA ALA D 122 -16.72 28.92 4.27
C ALA D 122 -17.58 27.71 4.65
N GLY D 123 -18.61 27.43 3.85
CA GLY D 123 -19.43 26.25 4.06
C GLY D 123 -20.84 26.61 4.50
N MET D 124 -21.69 25.59 4.55
CA MET D 124 -23.08 25.75 4.90
C MET D 124 -23.67 24.39 5.26
N ALA D 125 -24.79 24.40 6.00
CA ALA D 125 -25.44 23.17 6.44
C ALA D 125 -26.20 22.52 5.27
N SER D 126 -26.73 23.36 4.38
CA SER D 126 -27.69 22.93 3.37
C SER D 126 -27.06 22.08 2.25
N MET D 127 -25.73 22.04 2.13
CA MET D 127 -25.06 21.12 1.21
C MET D 127 -25.22 19.67 1.67
N TYR D 128 -25.45 19.45 2.96
CA TYR D 128 -25.50 18.12 3.56
C TYR D 128 -26.93 17.73 3.81
N ASP D 129 -27.45 16.85 2.96
CA ASP D 129 -28.78 16.31 3.11
C ASP D 129 -28.69 15.01 3.92
N GLY D 130 -29.23 15.05 5.15
CA GLY D 130 -29.17 13.92 6.06
C GLY D 130 -30.22 12.85 5.81
N SER D 131 -31.05 13.00 4.75
CA SER D 131 -32.18 12.13 4.49
C SER D 131 -31.80 10.65 4.44
N LEU D 132 -30.80 10.31 3.64
CA LEU D 132 -30.48 8.92 3.40
C LEU D 132 -29.94 8.29 4.68
N LEU D 133 -29.01 8.97 5.35
CA LEU D 133 -28.47 8.51 6.62
C LEU D 133 -29.59 8.29 7.64
N ALA D 134 -30.48 9.29 7.78
CA ALA D 134 -31.63 9.21 8.68
C ALA D 134 -32.53 7.99 8.38
N ALA D 135 -32.89 7.78 7.11
CA ALA D 135 -33.81 6.73 6.73
C ALA D 135 -33.18 5.34 6.82
N ILE D 136 -31.96 5.19 6.34
CA ILE D 136 -31.33 3.88 6.24
C ILE D 136 -30.98 3.34 7.63
N GLU D 137 -30.47 4.22 8.51
CA GLU D 137 -29.95 3.74 9.78
C GLU D 137 -30.82 4.17 10.96
N ASP D 138 -31.99 4.75 10.67
CA ASP D 138 -33.04 4.99 11.66
C ASP D 138 -32.56 5.94 12.76
N LEU D 139 -32.19 7.16 12.36
CA LEU D 139 -31.70 8.14 13.32
C LEU D 139 -32.03 9.58 12.90
N VAL D 140 -31.88 10.52 13.83
CA VAL D 140 -32.17 11.92 13.57
C VAL D 140 -30.86 12.59 13.21
N VAL D 141 -30.83 13.29 12.06
CA VAL D 141 -29.63 13.95 11.62
C VAL D 141 -29.89 15.44 11.64
N VAL D 142 -29.00 16.18 12.32
CA VAL D 142 -29.07 17.63 12.40
C VAL D 142 -27.83 18.21 11.74
N THR D 143 -28.02 19.20 10.87
CA THR D 143 -26.90 19.94 10.31
C THR D 143 -26.95 21.37 10.82
N ILE D 144 -25.82 21.89 11.33
CA ILE D 144 -25.81 23.19 11.98
C ILE D 144 -24.98 24.19 11.20
N GLN D 145 -25.25 25.48 11.44
CA GLN D 145 -24.43 26.58 10.94
C GLN D 145 -23.81 27.31 12.13
N TYR D 146 -22.80 28.12 11.84
CA TYR D 146 -22.03 28.87 12.82
C TYR D 146 -21.29 29.96 12.04
N ARG D 147 -20.95 31.07 12.72
CA ARG D 147 -20.30 32.20 12.10
C ARG D 147 -18.92 31.82 11.57
N LEU D 148 -18.54 32.46 10.45
CA LEU D 148 -17.31 32.15 9.74
C LEU D 148 -16.46 33.42 9.60
N GLY D 149 -15.17 33.22 9.34
CA GLY D 149 -14.25 34.31 8.99
C GLY D 149 -14.14 35.37 10.08
N VAL D 150 -14.15 36.64 9.67
CA VAL D 150 -14.07 37.78 10.56
C VAL D 150 -15.20 37.72 11.59
N LEU D 151 -16.43 37.52 11.13
CA LEU D 151 -17.60 37.48 12.01
C LEU D 151 -17.51 36.32 13.01
N GLY D 152 -16.84 35.23 12.62
CA GLY D 152 -16.78 34.03 13.44
C GLY D 152 -15.63 34.04 14.45
N PHE D 153 -14.52 34.75 14.14
CA PHE D 153 -13.25 34.45 14.81
C PHE D 153 -12.43 35.72 15.08
N PHE D 154 -12.96 36.91 14.80
CA PHE D 154 -12.22 38.13 15.12
C PHE D 154 -12.02 38.22 16.65
N SER D 155 -10.79 38.59 17.05
CA SER D 155 -10.41 38.66 18.44
C SER D 155 -9.49 39.85 18.68
N THR D 156 -9.73 40.58 19.78
CA THR D 156 -8.83 41.62 20.24
C THR D 156 -7.84 41.08 21.28
N GLY D 157 -7.97 39.82 21.71
CA GLY D 157 -7.15 39.24 22.77
C GLY D 157 -7.46 39.82 24.16
N ASP D 158 -8.68 40.37 24.31
CA ASP D 158 -9.12 41.00 25.55
C ASP D 158 -10.64 40.93 25.63
N GLN D 159 -11.23 41.58 26.64
CA GLN D 159 -12.65 41.45 26.94
C GLN D 159 -13.56 41.98 25.83
N HIS D 160 -13.07 42.90 24.98
CA HIS D 160 -13.96 43.57 24.03
C HIS D 160 -14.36 42.67 22.88
N ALA D 161 -13.49 41.72 22.50
CA ALA D 161 -13.79 40.65 21.56
C ALA D 161 -12.91 39.43 21.88
N ARG D 162 -13.36 38.57 22.81
CA ARG D 162 -12.56 37.47 23.28
C ARG D 162 -12.22 36.53 22.12
N GLY D 163 -13.23 36.22 21.31
CA GLY D 163 -13.04 35.41 20.10
C GLY D 163 -13.95 34.20 20.07
N ASN D 164 -13.76 33.34 19.06
CA ASN D 164 -14.38 32.04 18.93
C ASN D 164 -15.91 32.11 18.85
N TRP D 165 -16.45 33.20 18.27
CA TRP D 165 -17.89 33.34 18.05
C TRP D 165 -18.50 32.11 17.38
N GLY D 166 -17.83 31.61 16.32
CA GLY D 166 -18.28 30.44 15.60
C GLY D 166 -18.37 29.19 16.47
N PHE D 167 -17.43 29.01 17.41
CA PHE D 167 -17.48 27.85 18.29
C PHE D 167 -18.59 28.02 19.34
N LEU D 168 -18.81 29.24 19.84
CA LEU D 168 -19.90 29.54 20.76
C LEU D 168 -21.25 29.28 20.08
N ASP D 169 -21.36 29.56 18.76
CA ASP D 169 -22.57 29.26 18.00
C ASP D 169 -22.82 27.75 17.96
N GLN D 170 -21.75 26.96 17.78
CA GLN D 170 -21.89 25.51 17.78
C GLN D 170 -22.38 25.02 19.14
N VAL D 171 -21.87 25.61 20.24
CA VAL D 171 -22.35 25.31 21.58
C VAL D 171 -23.84 25.64 21.70
N ALA D 172 -24.27 26.82 21.20
CA ALA D 172 -25.67 27.22 21.26
C ALA D 172 -26.57 26.25 20.50
N ALA D 173 -26.11 25.77 19.34
CA ALA D 173 -26.87 24.79 18.57
C ALA D 173 -27.00 23.46 19.33
N LEU D 174 -25.92 23.03 20.00
CA LEU D 174 -25.97 21.81 20.81
C LEU D 174 -26.89 22.00 22.03
N ARG D 175 -26.89 23.19 22.64
CA ARG D 175 -27.80 23.47 23.75
C ARG D 175 -29.26 23.41 23.25
N TRP D 176 -29.50 23.97 22.07
CA TRP D 176 -30.81 23.91 21.44
C TRP D 176 -31.26 22.46 21.24
N ILE D 177 -30.35 21.61 20.76
CA ILE D 177 -30.62 20.21 20.51
C ILE D 177 -31.04 19.51 21.82
N GLN D 178 -30.31 19.76 22.92
CA GLN D 178 -30.68 19.24 24.23
C GLN D 178 -32.11 19.65 24.59
N GLN D 179 -32.47 20.92 24.36
CA GLN D 179 -33.76 21.43 24.77
C GLN D 179 -34.90 20.99 23.85
N ASN D 180 -34.62 20.68 22.58
CA ASN D 180 -35.71 20.57 21.60
C ASN D 180 -35.79 19.25 20.84
N ILE D 181 -34.69 18.47 20.75
CA ILE D 181 -34.66 17.39 19.78
C ILE D 181 -35.66 16.28 20.11
N ALA D 182 -36.08 16.19 21.39
CA ALA D 182 -37.07 15.18 21.78
C ALA D 182 -38.39 15.41 21.03
N HIS D 183 -38.69 16.67 20.70
CA HIS D 183 -39.91 17.02 20.01
C HIS D 183 -39.90 16.49 18.58
N PHE D 184 -38.72 16.14 18.05
CA PHE D 184 -38.55 15.61 16.71
C PHE D 184 -38.28 14.11 16.75
N GLY D 185 -38.24 13.50 17.93
CA GLY D 185 -38.05 12.06 18.04
C GLY D 185 -36.61 11.67 18.35
N GLY D 186 -35.74 12.66 18.66
CA GLY D 186 -34.38 12.37 19.08
C GLY D 186 -34.28 12.14 20.58
N LYS D 187 -33.26 11.36 20.99
CA LYS D 187 -32.92 11.17 22.39
C LYS D 187 -31.79 12.14 22.76
N PRO D 188 -32.05 13.16 23.62
CA PRO D 188 -31.01 14.13 24.00
C PRO D 188 -29.79 13.53 24.70
N ASP D 189 -29.95 12.33 25.31
CA ASP D 189 -28.83 11.61 25.94
C ASP D 189 -28.04 10.73 24.97
N ARG D 190 -28.35 10.77 23.66
CA ARG D 190 -27.64 9.99 22.66
C ARG D 190 -27.31 10.88 21.47
N VAL D 191 -26.57 11.97 21.75
CA VAL D 191 -26.14 12.87 20.70
C VAL D 191 -24.68 12.56 20.33
N THR D 192 -24.40 12.30 19.04
CA THR D 192 -23.03 12.24 18.56
C THR D 192 -22.78 13.42 17.62
N ILE D 193 -21.67 14.14 17.86
CA ILE D 193 -21.25 15.17 16.93
C ILE D 193 -20.27 14.56 15.92
N PHE D 194 -20.40 14.95 14.65
CA PHE D 194 -19.53 14.44 13.60
C PHE D 194 -19.26 15.55 12.60
N GLY D 195 -18.11 15.45 11.94
CA GLY D 195 -17.73 16.52 11.04
C GLY D 195 -16.41 16.20 10.35
N GLU D 196 -16.18 16.90 9.25
CA GLU D 196 -15.06 16.62 8.38
C GLU D 196 -14.21 17.87 8.24
N SER D 197 -12.88 17.66 8.22
CA SER D 197 -11.92 18.72 8.05
C SER D 197 -12.05 19.77 9.16
N ALA D 198 -12.30 21.06 8.86
CA ALA D 198 -12.55 22.04 9.91
C ALA D 198 -13.76 21.70 10.79
N GLY D 199 -14.70 20.91 10.24
CA GLY D 199 -15.78 20.31 11.01
C GLY D 199 -15.27 19.28 12.01
N GLY D 200 -14.23 18.52 11.62
CA GLY D 200 -13.54 17.59 12.52
C GLY D 200 -12.74 18.33 13.60
N THR D 201 -12.07 19.41 13.20
CA THR D 201 -11.42 20.31 14.13
C THR D 201 -12.44 20.82 15.16
N SER D 202 -13.63 21.20 14.67
CA SER D 202 -14.71 21.68 15.52
C SER D 202 -15.13 20.59 16.52
N VAL D 203 -15.39 19.37 16.02
CA VAL D 203 -15.77 18.25 16.88
C VAL D 203 -14.71 18.03 17.95
N SER D 204 -13.44 17.97 17.54
CA SER D 204 -12.30 17.74 18.41
C SER D 204 -12.18 18.86 19.46
N SER D 205 -12.54 20.08 19.08
CA SER D 205 -12.60 21.23 19.97
C SER D 205 -13.68 21.07 21.05
N HIS D 206 -14.88 20.60 20.67
CA HIS D 206 -15.92 20.31 21.64
C HIS D 206 -15.48 19.20 22.61
N VAL D 207 -14.77 18.20 22.11
CA VAL D 207 -14.31 17.08 22.92
C VAL D 207 -13.46 17.56 24.09
N VAL D 208 -12.69 18.64 23.94
CA VAL D 208 -11.76 19.11 24.97
C VAL D 208 -12.33 20.30 25.74
N SER D 209 -13.37 20.96 25.21
CA SER D 209 -13.89 22.19 25.81
C SER D 209 -14.76 21.89 27.03
N PRO D 210 -14.50 22.52 28.19
CA PRO D 210 -15.39 22.40 29.34
C PRO D 210 -16.80 22.96 29.12
N MET D 211 -16.95 23.94 28.23
CA MET D 211 -18.25 24.53 27.95
C MET D 211 -19.19 23.56 27.20
N SER D 212 -18.65 22.51 26.58
CA SER D 212 -19.48 21.61 25.78
C SER D 212 -19.84 20.33 26.53
N LYS D 213 -19.28 20.11 27.73
CA LYS D 213 -19.54 18.90 28.51
C LYS D 213 -21.04 18.73 28.73
N GLY D 214 -21.54 17.52 28.48
CA GLY D 214 -22.93 17.15 28.68
C GLY D 214 -23.78 17.43 27.44
N LEU D 215 -23.24 18.07 26.39
CA LEU D 215 -24.03 18.42 25.21
C LEU D 215 -23.95 17.33 24.13
N PHE D 216 -23.09 16.31 24.32
CA PHE D 216 -22.89 15.25 23.35
C PHE D 216 -22.22 14.08 24.07
N HIS D 217 -22.31 12.88 23.49
CA HIS D 217 -21.99 11.65 24.20
C HIS D 217 -21.02 10.80 23.40
N GLY D 218 -20.73 11.21 22.17
CA GLY D 218 -19.82 10.55 21.25
C GLY D 218 -19.39 11.56 20.18
N ALA D 219 -18.25 11.30 19.53
CA ALA D 219 -17.65 12.24 18.61
C ALA D 219 -17.01 11.47 17.45
N ILE D 220 -17.17 12.01 16.23
CA ILE D 220 -16.52 11.43 15.06
C ILE D 220 -15.74 12.54 14.36
N MET D 221 -14.43 12.33 14.19
CA MET D 221 -13.55 13.34 13.63
C MET D 221 -12.98 12.80 12.31
N GLU D 222 -13.51 13.27 11.18
CA GLU D 222 -13.11 12.79 9.86
C GLU D 222 -12.11 13.79 9.25
N SER D 223 -10.85 13.36 9.06
CA SER D 223 -9.84 14.18 8.38
C SER D 223 -9.70 15.56 9.02
N GLY D 224 -9.78 15.65 10.36
CA GLY D 224 -9.61 16.94 11.00
C GLY D 224 -9.70 16.82 12.52
N VAL D 225 -8.76 17.44 13.23
CA VAL D 225 -8.76 17.43 14.70
C VAL D 225 -8.30 18.80 15.21
N ALA D 226 -8.30 19.00 16.54
CA ALA D 226 -8.00 20.30 17.12
C ALA D 226 -6.53 20.69 16.90
N LEU D 227 -5.66 19.74 16.58
CA LEU D 227 -4.27 20.01 16.28
C LEU D 227 -4.02 20.30 14.78
N LEU D 228 -5.08 20.38 13.94
CA LEU D 228 -4.94 20.67 12.51
C LEU D 228 -4.19 21.98 12.33
N PRO D 229 -2.94 21.97 11.79
CA PRO D 229 -2.06 23.12 11.80
C PRO D 229 -2.71 24.47 11.49
N TYR D 230 -2.75 25.31 12.54
CA TYR D 230 -2.95 26.75 12.53
C TYR D 230 -4.42 27.16 12.43
N LEU D 231 -5.37 26.22 12.54
CA LEU D 231 -6.78 26.60 12.71
C LEU D 231 -7.00 27.16 14.12
N ILE D 232 -6.24 26.64 15.11
CA ILE D 232 -6.34 27.15 16.47
C ILE D 232 -4.95 27.57 16.94
N THR D 233 -4.86 28.79 17.47
CA THR D 233 -3.59 29.37 17.90
C THR D 233 -3.75 29.94 19.31
N ASP D 234 -2.64 30.44 19.89
CA ASP D 234 -2.67 31.07 21.20
C ASP D 234 -3.39 32.42 21.06
N THR D 235 -2.81 33.30 20.23
CA THR D 235 -3.30 34.65 19.98
C THR D 235 -3.24 34.94 18.48
N SER D 236 -3.95 36.00 18.06
CA SER D 236 -4.01 36.37 16.66
C SER D 236 -3.76 37.86 16.47
N GLU D 237 -2.65 38.32 17.07
CA GLU D 237 -2.30 39.73 17.11
C GLU D 237 -2.06 40.31 15.71
N MET D 238 -1.41 39.53 14.84
CA MET D 238 -1.13 39.95 13.47
C MET D 238 -2.42 40.14 12.67
N VAL D 239 -3.34 39.17 12.81
CA VAL D 239 -4.62 39.20 12.12
C VAL D 239 -5.50 40.32 12.64
N SER D 240 -5.51 40.53 13.97
CA SER D 240 -6.22 41.62 14.61
C SER D 240 -5.77 42.97 14.04
N THR D 241 -4.43 43.16 13.98
CA THR D 241 -3.81 44.36 13.44
C THR D 241 -4.21 44.56 11.99
N THR D 242 -4.18 43.46 11.20
CA THR D 242 -4.52 43.48 9.79
C THR D 242 -5.97 43.95 9.59
N VAL D 243 -6.91 43.37 10.35
CA VAL D 243 -8.32 43.73 10.26
C VAL D 243 -8.51 45.22 10.58
N ALA D 244 -7.81 45.69 11.63
CA ALA D 244 -7.89 47.08 12.07
C ALA D 244 -7.43 48.03 10.95
N LYS D 245 -6.32 47.69 10.28
CA LYS D 245 -5.75 48.48 9.18
C LYS D 245 -6.69 48.46 7.97
N LEU D 246 -7.15 47.28 7.56
CA LEU D 246 -7.98 47.11 6.37
C LEU D 246 -9.35 47.79 6.52
N SER D 247 -9.76 48.05 7.77
CA SER D 247 -11.09 48.55 8.07
C SER D 247 -11.10 50.08 8.16
N GLY D 248 -9.93 50.66 8.45
CA GLY D 248 -9.81 52.11 8.49
C GLY D 248 -10.18 52.65 9.87
N CYS D 249 -11.03 51.90 10.57
CA CYS D 249 -11.11 51.98 12.02
C CYS D 249 -9.74 52.35 12.57
N GLU D 250 -8.76 51.45 12.35
CA GLU D 250 -7.39 51.72 12.77
C GLU D 250 -7.36 52.50 14.09
N ALA D 251 -8.10 51.98 15.09
CA ALA D 251 -8.41 52.70 16.32
C ALA D 251 -7.45 52.28 17.43
N MET D 252 -7.46 53.02 18.54
CA MET D 252 -6.37 53.03 19.51
C MET D 252 -6.74 52.24 20.77
N ASP D 253 -8.02 51.95 20.98
CA ASP D 253 -8.46 51.06 22.05
C ASP D 253 -9.35 49.98 21.47
N SER D 254 -9.17 48.75 21.97
CA SER D 254 -10.00 47.61 21.59
C SER D 254 -11.48 47.97 21.55
N GLU D 255 -11.95 48.67 22.59
CA GLU D 255 -13.34 49.04 22.68
C GLU D 255 -13.76 49.80 21.42
N ALA D 256 -12.95 50.81 21.06
CA ALA D 256 -13.22 51.65 19.90
C ALA D 256 -13.18 50.84 18.60
N LEU D 257 -12.16 49.97 18.47
CA LEU D 257 -11.99 49.10 17.32
C LEU D 257 -13.26 48.28 17.10
N VAL D 258 -13.75 47.63 18.15
CA VAL D 258 -14.92 46.76 18.05
C VAL D 258 -16.17 47.58 17.73
N ARG D 259 -16.31 48.77 18.35
CA ARG D 259 -17.41 49.68 18.09
C ARG D 259 -17.46 50.05 16.62
N CYS D 260 -16.29 50.31 16.03
CA CYS D 260 -16.14 50.71 14.64
C CYS D 260 -16.48 49.53 13.70
N LEU D 261 -15.92 48.34 13.98
CA LEU D 261 -16.17 47.14 13.20
C LEU D 261 -17.65 46.77 13.19
N ARG D 262 -18.37 47.06 14.30
CA ARG D 262 -19.79 46.82 14.39
C ARG D 262 -20.59 47.76 13.48
N GLY D 263 -19.96 48.85 13.02
CA GLY D 263 -20.62 49.81 12.15
C GLY D 263 -20.58 49.42 10.67
N LYS D 264 -19.64 48.54 10.28
CA LYS D 264 -19.44 48.12 8.90
C LYS D 264 -20.64 47.30 8.38
N SER D 265 -20.99 47.53 7.11
CA SER D 265 -22.01 46.78 6.38
C SER D 265 -21.53 45.38 6.05
N GLU D 266 -22.45 44.47 5.68
CA GLU D 266 -22.10 43.12 5.21
C GLU D 266 -21.03 43.19 4.12
N ALA D 267 -21.19 44.15 3.19
CA ALA D 267 -20.30 44.31 2.04
C ALA D 267 -18.90 44.70 2.48
N GLU D 268 -18.80 45.63 3.45
CA GLU D 268 -17.51 46.03 3.99
C GLU D 268 -16.84 44.85 4.69
N ILE D 269 -17.63 44.04 5.40
CA ILE D 269 -17.08 42.88 6.09
C ILE D 269 -16.51 41.90 5.06
N LEU D 270 -17.27 41.60 3.99
CA LEU D 270 -16.83 40.71 2.93
C LEU D 270 -15.51 41.17 2.31
N ALA D 271 -15.38 42.49 2.08
CA ALA D 271 -14.16 43.05 1.50
C ALA D 271 -12.96 42.79 2.40
N ILE D 272 -13.13 42.99 3.72
CA ILE D 272 -12.09 42.73 4.71
C ILE D 272 -11.79 41.22 4.74
N ASN D 273 -12.83 40.40 4.72
CA ASN D 273 -12.74 38.96 4.87
C ASN D 273 -11.93 38.35 3.71
N LYS D 274 -12.10 38.90 2.49
CA LYS D 274 -11.42 38.45 1.30
C LYS D 274 -9.90 38.57 1.45
N LEU D 275 -9.43 39.64 2.10
CA LEU D 275 -8.01 39.91 2.22
C LEU D 275 -7.40 39.23 3.45
N VAL D 276 -8.23 38.60 4.30
CA VAL D 276 -7.76 38.01 5.56
C VAL D 276 -8.28 36.57 5.61
N GLN D 277 -7.91 35.77 4.61
CA GLN D 277 -8.53 34.46 4.41
C GLN D 277 -8.29 33.44 5.55
N MET D 278 -7.24 33.61 6.38
CA MET D 278 -6.88 32.59 7.36
C MET D 278 -6.94 33.12 8.80
N ILE D 279 -8.16 33.22 9.32
CA ILE D 279 -8.37 33.85 10.62
C ILE D 279 -8.68 32.79 11.68
N PRO D 280 -7.76 32.57 12.64
CA PRO D 280 -7.83 31.37 13.48
C PRO D 280 -8.71 31.54 14.71
N ALA D 281 -9.11 30.39 15.28
CA ALA D 281 -9.59 30.30 16.65
C ALA D 281 -8.45 30.58 17.61
N VAL D 282 -8.77 31.11 18.79
CA VAL D 282 -7.76 31.53 19.77
C VAL D 282 -8.03 30.88 21.11
N VAL D 283 -7.08 31.00 22.04
CA VAL D 283 -7.34 30.61 23.42
C VAL D 283 -8.08 31.77 24.08
N ASP D 284 -9.41 31.73 24.03
CA ASP D 284 -10.28 32.84 24.38
C ASP D 284 -10.57 32.87 25.90
N GLY D 285 -10.23 31.81 26.64
CA GLY D 285 -10.46 31.74 28.08
C GLY D 285 -11.75 30.99 28.45
N GLU D 286 -12.81 31.13 27.64
CA GLU D 286 -14.11 30.55 27.94
C GLU D 286 -14.25 29.18 27.27
N PHE D 287 -14.27 29.17 25.92
CA PHE D 287 -14.42 27.94 25.17
C PHE D 287 -13.15 27.10 25.26
N PHE D 288 -11.98 27.76 25.14
CA PHE D 288 -10.72 27.13 25.45
C PHE D 288 -10.05 27.87 26.62
N PRO D 289 -10.00 27.28 27.84
CA PRO D 289 -9.21 27.83 28.94
C PRO D 289 -7.71 27.80 28.71
N ARG D 290 -7.25 26.82 27.94
CA ARG D 290 -5.86 26.59 27.57
C ARG D 290 -5.87 26.13 26.11
N HIS D 291 -4.72 26.13 25.43
CA HIS D 291 -4.67 25.58 24.08
C HIS D 291 -5.08 24.10 24.10
N PRO D 292 -5.84 23.60 23.09
CA PRO D 292 -6.17 22.18 22.98
C PRO D 292 -5.03 21.21 23.28
N LYS D 293 -3.79 21.55 22.90
CA LYS D 293 -2.63 20.71 23.16
C LYS D 293 -2.46 20.42 24.65
N GLU D 294 -2.67 21.45 25.48
CA GLU D 294 -2.60 21.31 26.92
C GLU D 294 -3.82 20.58 27.47
N LEU D 295 -5.02 20.87 26.94
CA LEU D 295 -6.24 20.21 27.36
C LEU D 295 -6.17 18.70 27.11
N LEU D 296 -5.61 18.31 25.95
CA LEU D 296 -5.46 16.92 25.57
C LEU D 296 -4.50 16.17 26.50
N ALA D 297 -3.42 16.83 26.93
CA ALA D 297 -2.38 16.19 27.73
C ALA D 297 -2.72 16.16 29.22
N SER D 298 -3.77 16.86 29.64
CA SER D 298 -4.19 16.95 31.04
C SER D 298 -4.58 15.58 31.59
N GLU D 299 -4.36 15.38 32.90
CA GLU D 299 -4.82 14.18 33.60
C GLU D 299 -6.34 14.23 33.84
N ASP D 300 -6.90 15.44 33.90
CA ASP D 300 -8.33 15.65 34.12
C ASP D 300 -9.13 15.69 32.81
N PHE D 301 -8.52 15.24 31.70
CA PHE D 301 -9.24 15.17 30.43
C PHE D 301 -10.15 13.94 30.41
N HIS D 302 -11.46 14.12 30.15
CA HIS D 302 -12.42 13.01 30.15
C HIS D 302 -13.21 12.97 28.85
N PRO D 303 -12.61 12.58 27.71
CA PRO D 303 -13.30 12.59 26.42
C PRO D 303 -14.42 11.56 26.34
N VAL D 304 -15.43 11.88 25.54
CA VAL D 304 -16.43 10.89 25.13
C VAL D 304 -15.76 9.83 24.24
N PRO D 305 -16.39 8.65 24.06
CA PRO D 305 -15.92 7.73 23.02
C PRO D 305 -15.89 8.43 21.67
N SER D 306 -14.92 8.04 20.82
CA SER D 306 -14.64 8.74 19.59
C SER D 306 -14.29 7.78 18.46
N ILE D 307 -14.72 8.14 17.26
CA ILE D 307 -14.11 7.67 16.03
C ILE D 307 -13.19 8.77 15.51
N ILE D 308 -11.94 8.41 15.17
CA ILE D 308 -11.03 9.37 14.55
C ILE D 308 -10.48 8.72 13.28
N GLY D 309 -10.36 9.48 12.20
CA GLY D 309 -9.72 8.88 11.04
C GLY D 309 -9.28 9.88 9.97
N VAL D 310 -8.60 9.33 8.96
CA VAL D 310 -8.05 10.09 7.85
C VAL D 310 -8.23 9.27 6.58
N ASN D 311 -8.05 9.94 5.43
CA ASN D 311 -8.01 9.29 4.14
C ASN D 311 -6.56 8.99 3.77
N ASN D 312 -6.32 7.99 2.91
CA ASN D 312 -4.95 7.60 2.57
C ASN D 312 -4.25 8.57 1.62
N ASP D 313 -4.96 9.62 1.16
CA ASP D 313 -4.36 10.55 0.21
C ASP D 313 -4.88 11.98 0.40
N GLU D 314 -4.83 12.50 1.64
CA GLU D 314 -5.45 13.76 1.99
C GLU D 314 -4.96 14.94 1.16
N PHE D 315 -3.73 14.87 0.65
CA PHE D 315 -3.16 15.99 -0.09
C PHE D 315 -2.95 15.57 -1.54
N GLY D 316 -3.77 14.62 -2.01
CA GLY D 316 -3.60 14.05 -3.33
C GLY D 316 -3.99 15.00 -4.46
N TRP D 317 -5.01 15.83 -4.27
CA TRP D 317 -5.63 16.56 -5.37
C TRP D 317 -6.36 17.82 -4.90
N THR D 318 -7.52 17.67 -4.25
CA THR D 318 -8.40 18.78 -3.91
C THR D 318 -7.67 19.91 -3.19
N ILE D 319 -6.90 19.60 -2.13
CA ILE D 319 -6.27 20.64 -1.34
C ILE D 319 -5.23 21.41 -2.15
N PRO D 320 -4.20 20.78 -2.77
CA PRO D 320 -3.25 21.52 -3.60
C PRO D 320 -3.87 22.25 -4.78
N VAL D 321 -4.98 21.75 -5.34
CA VAL D 321 -5.71 22.49 -6.37
C VAL D 321 -6.32 23.78 -5.82
N VAL D 322 -7.04 23.69 -4.71
CA VAL D 322 -7.66 24.84 -4.09
C VAL D 322 -6.62 25.83 -3.56
N MET D 323 -5.56 25.36 -2.90
CA MET D 323 -4.49 26.23 -2.44
C MET D 323 -3.64 26.80 -3.58
N GLY D 324 -3.84 26.31 -4.81
CA GLY D 324 -3.07 26.76 -5.97
C GLY D 324 -1.65 26.20 -6.04
N SER D 325 -1.29 25.24 -5.18
CA SER D 325 0.05 24.68 -5.13
C SER D 325 0.22 23.42 -5.99
N ALA D 326 -0.83 22.97 -6.66
CA ALA D 326 -0.75 21.80 -7.53
C ALA D 326 0.32 21.97 -8.60
N GLN D 327 0.35 23.14 -9.26
CA GLN D 327 1.33 23.43 -10.29
C GLN D 327 2.75 23.37 -9.74
N THR D 328 2.99 24.07 -8.62
CA THR D 328 4.30 24.11 -8.00
C THR D 328 4.80 22.70 -7.70
N ILE D 329 3.90 21.81 -7.25
CA ILE D 329 4.27 20.44 -6.90
C ILE D 329 4.74 19.67 -8.13
N LYS D 330 4.05 19.80 -9.29
CA LYS D 330 4.44 19.11 -10.50
C LYS D 330 5.81 19.55 -11.01
N GLU D 331 6.33 20.68 -10.50
CA GLU D 331 7.63 21.21 -10.93
C GLU D 331 8.77 20.71 -10.06
N ILE D 332 8.49 19.94 -8.99
CA ILE D 332 9.55 19.46 -8.10
C ILE D 332 10.41 18.41 -8.81
N THR D 333 11.74 18.58 -8.69
CA THR D 333 12.76 17.66 -9.18
C THR D 333 13.85 17.56 -8.11
N ARG D 334 14.79 16.62 -8.27
CA ARG D 334 15.91 16.49 -7.34
C ARG D 334 16.74 17.78 -7.30
N GLU D 335 16.84 18.48 -8.44
CA GLU D 335 17.61 19.70 -8.55
C GLU D 335 17.05 20.83 -7.68
N ASN D 336 15.72 20.95 -7.59
CA ASN D 336 15.13 22.07 -6.88
C ASN D 336 14.57 21.65 -5.51
N LEU D 337 14.70 20.38 -5.13
CA LEU D 337 14.08 19.86 -3.91
C LEU D 337 14.51 20.64 -2.67
N GLN D 338 15.81 20.88 -2.47
CA GLN D 338 16.29 21.59 -1.31
C GLN D 338 15.63 22.98 -1.21
N ALA D 339 15.59 23.71 -2.32
CA ALA D 339 14.97 25.03 -2.37
C ALA D 339 13.47 24.97 -2.06
N VAL D 340 12.77 23.97 -2.60
CA VAL D 340 11.35 23.79 -2.36
C VAL D 340 11.10 23.46 -0.89
N LEU D 341 11.92 22.59 -0.30
CA LEU D 341 11.77 22.24 1.11
C LEU D 341 12.06 23.44 2.00
N LYS D 342 13.12 24.22 1.72
CA LYS D 342 13.40 25.44 2.47
C LYS D 342 12.16 26.34 2.45
N ASN D 343 11.58 26.55 1.26
CA ASN D 343 10.38 27.37 1.12
C ASN D 343 9.25 26.77 1.96
N THR D 344 9.15 25.48 1.67
CA THR D 344 8.05 24.80 2.49
C THR D 344 8.13 24.89 4.05
N THR D 345 9.31 24.60 4.60
CA THR D 345 9.62 24.67 6.03
C THR D 345 9.16 26.01 6.60
N ALA D 346 9.57 27.11 5.95
CA ALA D 346 9.10 28.45 6.27
C ALA D 346 7.57 28.52 6.30
N GLN D 347 6.89 28.05 5.25
CA GLN D 347 5.43 28.09 5.18
C GLN D 347 4.77 27.21 6.23
N LEU D 348 5.42 26.12 6.66
CA LEU D 348 4.97 25.28 7.76
C LEU D 348 5.29 25.88 9.13
N MET D 349 5.98 27.04 9.14
CA MET D 349 6.45 27.73 10.33
C MET D 349 7.36 26.83 11.18
N LEU D 350 8.28 26.13 10.49
CA LEU D 350 9.33 25.39 11.17
C LEU D 350 10.68 26.09 10.93
N PRO D 351 11.68 25.92 11.83
CA PRO D 351 13.02 26.45 11.58
C PRO D 351 13.62 25.93 10.28
N PRO D 352 14.29 26.78 9.48
CA PRO D 352 14.88 26.36 8.21
C PRO D 352 15.75 25.12 8.26
N GLU D 353 16.32 24.83 9.45
CA GLU D 353 17.22 23.71 9.66
C GLU D 353 16.47 22.37 9.59
N CYS D 354 15.14 22.39 9.75
CA CYS D 354 14.30 21.22 9.61
C CYS D 354 14.28 20.68 8.17
N SER D 355 14.63 21.52 7.19
CA SER D 355 14.48 21.18 5.79
C SER D 355 15.27 19.93 5.43
N ASP D 356 16.49 19.82 5.97
CA ASP D 356 17.35 18.71 5.65
C ASP D 356 16.85 17.42 6.31
N LEU D 357 16.24 17.53 7.49
CA LEU D 357 15.70 16.38 8.18
C LEU D 357 14.46 15.86 7.46
N LEU D 358 13.62 16.79 7.01
CA LEU D 358 12.43 16.46 6.23
C LEU D 358 12.82 15.76 4.93
N MET D 359 13.87 16.26 4.27
CA MET D 359 14.37 15.64 3.05
C MET D 359 14.85 14.21 3.30
N GLU D 360 15.68 14.01 4.33
CA GLU D 360 16.19 12.67 4.64
C GLU D 360 15.04 11.72 4.99
N GLU D 361 14.04 12.21 5.73
CA GLU D 361 12.95 11.36 6.18
C GLU D 361 12.04 11.00 5.01
N TYR D 362 11.59 11.99 4.23
CA TYR D 362 10.55 11.78 3.23
C TYR D 362 11.11 11.35 1.87
N MET D 363 12.30 11.83 1.48
CA MET D 363 12.79 11.59 0.13
C MET D 363 14.04 10.70 0.13
N GLY D 364 14.92 10.86 1.13
CA GLY D 364 16.16 10.12 1.14
C GLY D 364 16.94 10.40 -0.13
N ASP D 365 17.34 9.33 -0.83
CA ASP D 365 18.17 9.46 -2.03
C ASP D 365 17.37 9.41 -3.33
N THR D 366 16.02 9.49 -3.25
CA THR D 366 15.14 9.42 -4.41
C THR D 366 15.51 10.45 -5.45
N GLU D 367 15.56 10.06 -6.73
CA GLU D 367 15.90 10.95 -7.84
C GLU D 367 14.68 11.20 -8.74
N ASP D 368 13.77 10.22 -8.82
CA ASP D 368 12.63 10.26 -9.72
C ASP D 368 11.67 11.39 -9.33
N ALA D 369 11.42 12.29 -10.29
CA ALA D 369 10.60 13.47 -10.06
C ALA D 369 9.20 13.15 -9.52
N GLN D 370 8.48 12.21 -10.16
CA GLN D 370 7.13 11.89 -9.72
C GLN D 370 7.14 11.31 -8.31
N THR D 371 8.15 10.46 -7.98
CA THR D 371 8.25 9.89 -6.66
C THR D 371 8.46 10.99 -5.62
N LEU D 372 9.36 11.95 -5.90
CA LEU D 372 9.59 13.09 -5.04
C LEU D 372 8.29 13.84 -4.75
N GLN D 373 7.47 14.04 -5.79
CA GLN D 373 6.21 14.76 -5.62
C GLN D 373 5.25 13.99 -4.72
N ILE D 374 5.21 12.66 -4.85
CA ILE D 374 4.34 11.87 -3.99
C ILE D 374 4.86 11.90 -2.55
N GLN D 375 6.18 11.76 -2.36
CA GLN D 375 6.80 11.91 -1.04
C GLN D 375 6.47 13.28 -0.43
N PHE D 376 6.52 14.34 -1.23
CA PHE D 376 6.19 15.69 -0.80
C PHE D 376 4.76 15.76 -0.30
N THR D 377 3.82 15.18 -1.07
CA THR D 377 2.42 15.18 -0.65
C THR D 377 2.23 14.32 0.60
N GLU D 378 3.02 13.24 0.78
CA GLU D 378 2.95 12.44 1.99
C GLU D 378 3.35 13.28 3.20
N MET D 379 4.44 14.05 3.07
CA MET D 379 4.89 14.97 4.11
C MET D 379 3.78 15.93 4.52
N MET D 380 3.09 16.53 3.53
CA MET D 380 1.99 17.44 3.79
C MET D 380 0.79 16.74 4.44
N GLU D 381 0.42 15.53 3.99
CA GLU D 381 -0.68 14.79 4.58
C GLU D 381 -0.40 14.49 6.05
N ASP D 382 0.85 14.12 6.34
CA ASP D 382 1.29 13.78 7.68
C ASP D 382 1.22 15.00 8.59
N PHE D 383 1.76 16.11 8.13
CA PHE D 383 1.75 17.34 8.89
C PHE D 383 0.32 17.83 9.17
N MET D 384 -0.56 17.84 8.14
CA MET D 384 -1.87 18.43 8.29
C MET D 384 -2.89 17.51 8.94
N PHE D 385 -2.81 16.20 8.68
CA PHE D 385 -3.94 15.32 9.01
C PHE D 385 -3.52 14.12 9.85
N VAL D 386 -2.54 13.35 9.37
CA VAL D 386 -2.30 12.02 9.92
C VAL D 386 -1.64 12.14 11.28
N ILE D 387 -0.56 12.93 11.40
CA ILE D 387 0.12 13.05 12.68
C ILE D 387 -0.82 13.71 13.71
N PRO D 388 -1.48 14.86 13.41
CA PRO D 388 -2.50 15.39 14.31
C PRO D 388 -3.51 14.35 14.79
N ALA D 389 -4.08 13.55 13.87
CA ALA D 389 -5.07 12.56 14.22
C ALA D 389 -4.50 11.52 15.18
N LEU D 390 -3.31 11.01 14.90
CA LEU D 390 -2.66 10.00 15.73
C LEU D 390 -2.31 10.54 17.11
N GLN D 391 -1.92 11.82 17.20
CA GLN D 391 -1.66 12.46 18.47
C GLN D 391 -2.94 12.57 19.32
N VAL D 392 -4.02 13.06 18.71
CA VAL D 392 -5.27 13.20 19.42
C VAL D 392 -5.82 11.83 19.86
N ALA D 393 -5.66 10.82 19.01
CA ALA D 393 -6.04 9.45 19.31
C ALA D 393 -5.27 8.93 20.52
N TYR D 394 -3.94 9.16 20.56
CA TYR D 394 -3.07 8.75 21.65
C TYR D 394 -3.52 9.36 22.98
N PHE D 395 -3.86 10.65 22.98
CA PHE D 395 -4.28 11.35 24.19
C PHE D 395 -5.67 10.93 24.63
N GLN D 396 -6.56 10.59 23.70
CA GLN D 396 -7.93 10.24 24.08
C GLN D 396 -8.04 8.80 24.56
N ARG D 397 -7.28 7.87 23.95
CA ARG D 397 -7.56 6.45 24.02
C ARG D 397 -7.24 5.83 25.39
N SER D 398 -6.49 6.53 26.25
CA SER D 398 -6.26 6.03 27.61
C SER D 398 -7.43 6.36 28.54
N HIS D 399 -8.34 7.26 28.12
CA HIS D 399 -9.44 7.70 28.96
C HIS D 399 -10.78 7.15 28.47
N ALA D 400 -10.91 6.93 27.17
CA ALA D 400 -12.16 6.49 26.56
C ALA D 400 -11.84 5.72 25.28
N SER D 401 -12.83 4.98 24.78
CA SER D 401 -12.68 4.25 23.54
C SER D 401 -12.37 5.19 22.38
N VAL D 402 -11.31 4.85 21.63
CA VAL D 402 -11.06 5.44 20.33
C VAL D 402 -11.15 4.33 19.29
N TYR D 403 -11.91 4.57 18.22
CA TYR D 403 -11.91 3.70 17.06
C TYR D 403 -11.28 4.48 15.91
N PHE D 404 -10.17 3.97 15.37
CA PHE D 404 -9.42 4.72 14.39
C PHE D 404 -9.58 4.09 13.02
N TYR D 405 -9.69 4.92 11.96
CA TYR D 405 -9.79 4.42 10.60
C TYR D 405 -8.82 5.13 9.65
N GLU D 406 -8.37 4.38 8.64
CA GLU D 406 -7.85 4.97 7.42
C GLU D 406 -8.78 4.57 6.26
N PHE D 407 -9.38 5.57 5.61
CA PHE D 407 -10.24 5.32 4.47
C PHE D 407 -9.42 5.32 3.19
N GLN D 408 -9.61 4.28 2.37
CA GLN D 408 -8.63 3.96 1.33
C GLN D 408 -9.27 3.84 -0.05
N HIS D 409 -10.61 3.95 -0.12
CA HIS D 409 -11.35 3.66 -1.34
C HIS D 409 -11.07 4.68 -2.44
N GLN D 410 -10.69 4.17 -3.63
CA GLN D 410 -10.53 4.99 -4.81
C GLN D 410 -11.85 4.97 -5.59
N ILE D 411 -12.56 6.10 -5.65
CA ILE D 411 -13.87 6.20 -6.30
C ILE D 411 -13.73 5.91 -7.80
N ALA D 412 -14.56 4.97 -8.28
CA ALA D 412 -14.46 4.37 -9.60
C ALA D 412 -14.71 5.41 -10.69
N SER D 413 -15.81 6.17 -10.57
CA SER D 413 -16.22 7.08 -11.64
C SER D 413 -15.28 8.29 -11.79
N LEU D 414 -14.36 8.49 -10.84
CA LEU D 414 -13.42 9.60 -10.93
C LEU D 414 -12.11 9.21 -11.62
N LYS D 415 -11.95 7.93 -12.01
CA LYS D 415 -10.66 7.46 -12.50
C LYS D 415 -10.20 8.25 -13.73
N ASP D 416 -11.13 8.66 -14.60
CA ASP D 416 -10.79 9.42 -15.81
C ASP D 416 -11.00 10.93 -15.61
N VAL D 417 -11.30 11.34 -14.37
CA VAL D 417 -11.70 12.72 -14.06
C VAL D 417 -10.58 13.47 -13.32
N ARG D 418 -9.64 12.74 -12.70
CA ARG D 418 -8.51 13.31 -11.98
C ARG D 418 -7.29 12.40 -12.13
N PRO D 419 -6.07 12.83 -11.72
CA PRO D 419 -4.88 12.01 -11.86
C PRO D 419 -5.02 10.61 -11.29
N THR D 420 -4.46 9.64 -12.03
CA THR D 420 -4.41 8.21 -11.77
C THR D 420 -3.83 7.87 -10.41
N HIS D 421 -2.87 8.67 -9.92
CA HIS D 421 -2.14 8.32 -8.70
C HIS D 421 -2.97 8.63 -7.45
N VAL D 422 -4.04 9.42 -7.59
CA VAL D 422 -4.85 9.85 -6.46
C VAL D 422 -5.68 8.66 -5.98
N LYS D 423 -5.56 8.35 -4.68
CA LYS D 423 -6.33 7.32 -4.02
C LYS D 423 -7.56 7.97 -3.37
N ALA D 424 -7.73 7.82 -2.04
CA ALA D 424 -8.83 8.49 -1.36
C ALA D 424 -8.41 9.90 -1.00
N ASP D 425 -8.88 10.88 -1.79
CA ASP D 425 -8.59 12.28 -1.60
C ASP D 425 -9.30 12.80 -0.35
N HIS D 426 -8.89 13.98 0.12
CA HIS D 426 -9.64 14.72 1.12
C HIS D 426 -11.11 14.77 0.70
N ALA D 427 -12.00 14.58 1.70
CA ALA D 427 -13.45 14.59 1.58
C ALA D 427 -14.04 13.39 0.81
N ASP D 428 -13.24 12.43 0.32
CA ASP D 428 -13.80 11.35 -0.47
C ASP D 428 -14.66 10.38 0.34
N GLU D 429 -14.60 10.42 1.68
CA GLU D 429 -15.44 9.55 2.51
C GLU D 429 -16.84 10.13 2.74
N ILE D 430 -17.01 11.45 2.59
CA ILE D 430 -18.30 12.10 2.80
C ILE D 430 -19.41 11.48 1.96
N PRO D 431 -19.26 11.21 0.65
CA PRO D 431 -20.31 10.56 -0.12
C PRO D 431 -20.75 9.23 0.46
N PHE D 432 -19.86 8.50 1.13
CA PHE D 432 -20.18 7.19 1.67
C PHE D 432 -21.04 7.32 2.93
N VAL D 433 -20.75 8.35 3.72
CA VAL D 433 -21.50 8.66 4.94
C VAL D 433 -22.89 9.20 4.59
N PHE D 434 -22.98 10.13 3.62
CA PHE D 434 -24.22 10.80 3.28
C PHE D 434 -25.02 10.05 2.21
N GLY D 435 -24.36 9.24 1.38
CA GLY D 435 -25.01 8.38 0.40
C GLY D 435 -25.24 9.03 -0.98
N TYR D 436 -24.52 10.12 -1.30
CA TYR D 436 -24.61 10.76 -2.61
C TYR D 436 -23.34 11.56 -2.88
N PHE D 437 -23.09 11.90 -4.16
CA PHE D 437 -21.92 12.68 -4.53
C PHE D 437 -22.22 14.18 -4.51
N PHE D 438 -21.19 14.96 -4.17
CA PHE D 438 -21.30 16.40 -3.91
C PHE D 438 -20.91 17.21 -5.16
N TRP D 439 -20.22 16.59 -6.12
CA TRP D 439 -19.69 17.30 -7.28
C TRP D 439 -20.78 17.61 -8.29
N ASP D 440 -20.59 18.74 -9.00
CA ASP D 440 -21.46 19.14 -10.08
C ASP D 440 -21.10 18.38 -11.36
N MET D 441 -21.38 17.07 -11.35
CA MET D 441 -21.34 16.21 -12.52
C MET D 441 -22.06 14.90 -12.24
N LYS D 442 -22.53 14.22 -13.29
CA LYS D 442 -23.21 12.95 -13.13
C LYS D 442 -22.19 11.84 -12.89
N LEU D 443 -22.20 11.32 -11.67
CA LEU D 443 -21.38 10.21 -11.23
C LEU D 443 -22.26 9.18 -10.54
N ASP D 444 -21.93 7.89 -10.71
CA ASP D 444 -22.73 6.78 -10.17
C ASP D 444 -21.89 5.94 -9.20
N PHE D 445 -22.53 5.35 -8.19
CA PHE D 445 -21.88 4.36 -7.35
C PHE D 445 -21.80 3.00 -8.04
N THR D 446 -20.64 2.35 -7.98
CA THR D 446 -20.49 0.91 -8.21
C THR D 446 -21.32 0.14 -7.19
N GLU D 447 -21.60 -1.14 -7.49
CA GLU D 447 -22.29 -2.02 -6.54
C GLU D 447 -21.50 -2.14 -5.22
N GLY D 448 -20.18 -2.29 -5.35
CA GLY D 448 -19.23 -2.29 -4.25
C GLY D 448 -19.29 -1.01 -3.42
N GLU D 449 -19.53 0.12 -4.07
CA GLU D 449 -19.56 1.43 -3.42
C GLU D 449 -20.86 1.62 -2.65
N LYS D 450 -21.98 1.12 -3.19
CA LYS D 450 -23.24 1.10 -2.46
C LYS D 450 -23.08 0.31 -1.16
N LEU D 451 -22.45 -0.87 -1.25
CA LEU D 451 -22.17 -1.67 -0.08
C LEU D 451 -21.24 -0.93 0.89
N LEU D 452 -20.19 -0.28 0.38
CA LEU D 452 -19.28 0.47 1.22
C LEU D 452 -20.03 1.58 1.96
N SER D 453 -20.91 2.31 1.26
CA SER D 453 -21.71 3.36 1.86
C SER D 453 -22.62 2.79 2.95
N ARG D 454 -23.29 1.66 2.66
CA ARG D 454 -24.17 1.01 3.64
C ARG D 454 -23.38 0.58 4.87
N ARG D 455 -22.16 0.05 4.67
CA ARG D 455 -21.28 -0.37 5.77
C ARG D 455 -20.85 0.82 6.62
N MET D 456 -20.41 1.91 6.00
CA MET D 456 -19.99 3.08 6.74
C MET D 456 -21.15 3.73 7.46
N MET D 457 -22.32 3.83 6.81
CA MET D 457 -23.50 4.32 7.50
C MET D 457 -23.81 3.43 8.71
N LYS D 458 -23.67 2.10 8.60
CA LYS D 458 -23.92 1.21 9.72
C LYS D 458 -22.87 1.38 10.82
N TYR D 459 -21.57 1.47 10.50
CA TYR D 459 -20.56 1.75 11.50
C TYR D 459 -20.89 3.05 12.26
N TRP D 460 -21.20 4.12 11.53
CA TRP D 460 -21.48 5.42 12.10
C TRP D 460 -22.72 5.36 13.00
N ALA D 461 -23.77 4.69 12.53
CA ALA D 461 -25.02 4.60 13.26
C ALA D 461 -24.91 3.68 14.48
N ASN D 462 -24.18 2.55 14.36
CA ASN D 462 -23.87 1.71 15.49
C ASN D 462 -23.17 2.54 16.57
N PHE D 463 -22.21 3.37 16.13
CA PHE D 463 -21.47 4.23 17.04
C PHE D 463 -22.40 5.28 17.66
N ALA D 464 -23.32 5.83 16.87
CA ALA D 464 -24.35 6.73 17.39
C ALA D 464 -25.23 6.05 18.43
N ARG D 465 -25.50 4.75 18.27
CA ARG D 465 -26.37 3.97 19.17
C ARG D 465 -25.63 3.59 20.46
N HIS D 466 -24.37 3.13 20.35
CA HIS D 466 -23.75 2.37 21.43
C HIS D 466 -22.36 2.86 21.81
N GLY D 467 -21.81 3.89 21.14
CA GLY D 467 -20.43 4.30 21.41
C GLY D 467 -19.40 3.28 20.95
N ASN D 468 -19.82 2.41 20.03
CA ASN D 468 -19.04 1.28 19.53
C ASN D 468 -19.58 1.02 18.12
N PRO D 469 -18.73 1.06 17.06
CA PRO D 469 -19.19 0.88 15.69
C PRO D 469 -19.55 -0.55 15.30
N ASN D 470 -19.28 -1.54 16.15
CA ASN D 470 -19.36 -2.94 15.76
C ASN D 470 -20.80 -3.47 15.84
N SER D 471 -21.13 -4.40 14.95
CA SER D 471 -22.31 -5.22 14.98
C SER D 471 -22.00 -6.53 14.26
N GLU D 472 -22.61 -7.63 14.72
CA GLU D 472 -22.31 -8.93 14.15
C GLU D 472 -22.61 -8.91 12.66
N GLY D 473 -21.67 -9.37 11.83
CA GLY D 473 -21.90 -9.32 10.40
C GLY D 473 -21.19 -8.18 9.67
N LEU D 474 -20.84 -7.08 10.38
CA LEU D 474 -19.87 -6.14 9.84
C LEU D 474 -18.47 -6.61 10.23
N PRO D 475 -17.44 -6.39 9.39
CA PRO D 475 -16.07 -6.68 9.79
C PRO D 475 -15.69 -5.97 11.08
N TYR D 476 -15.01 -6.71 11.95
CA TYR D 476 -14.65 -6.25 13.28
C TYR D 476 -13.73 -5.03 13.18
N TRP D 477 -14.08 -4.01 13.93
CA TRP D 477 -13.30 -2.79 14.07
C TRP D 477 -12.81 -2.74 15.52
N PRO D 478 -11.54 -3.10 15.80
CA PRO D 478 -11.03 -3.10 17.17
C PRO D 478 -10.87 -1.69 17.72
N VAL D 479 -11.08 -1.56 19.03
CA VAL D 479 -10.72 -0.34 19.72
C VAL D 479 -9.20 -0.11 19.64
N MET D 480 -8.80 1.16 19.57
CA MET D 480 -7.40 1.52 19.55
C MET D 480 -6.88 1.52 21.00
N ASP D 481 -5.87 0.70 21.28
CA ASP D 481 -5.26 0.68 22.61
C ASP D 481 -3.74 0.63 22.44
N HIS D 482 -3.02 0.01 23.38
CA HIS D 482 -1.58 -0.17 23.25
C HIS D 482 -1.18 -0.95 21.99
N ASP D 483 -2.10 -1.74 21.40
CA ASP D 483 -1.84 -2.48 20.17
C ASP D 483 -1.92 -1.64 18.89
N GLU D 484 -2.46 -0.41 19.00
CA GLU D 484 -2.38 0.59 17.94
C GLU D 484 -3.19 0.17 16.70
N GLN D 485 -4.25 -0.64 16.88
CA GLN D 485 -5.00 -1.14 15.74
C GLN D 485 -5.96 -0.09 15.19
N TYR D 486 -6.21 -0.19 13.88
CA TYR D 486 -7.16 0.68 13.20
C TYR D 486 -7.85 -0.11 12.09
N LEU D 487 -8.97 0.41 11.58
CA LEU D 487 -9.67 -0.22 10.48
C LEU D 487 -9.28 0.44 9.17
N GLN D 488 -8.90 -0.37 8.18
CA GLN D 488 -8.73 0.09 6.81
C GLN D 488 -10.08 -0.02 6.11
N LEU D 489 -10.70 1.13 5.83
CA LEU D 489 -12.02 1.21 5.24
C LEU D 489 -11.91 1.21 3.72
N ASP D 490 -12.47 0.15 3.15
CA ASP D 490 -12.58 -0.01 1.72
C ASP D 490 -13.67 -1.06 1.50
N THR D 491 -13.85 -1.50 0.24
CA THR D 491 -14.88 -2.45 -0.13
C THR D 491 -14.77 -3.73 0.69
N GLN D 492 -13.55 -4.25 0.87
CA GLN D 492 -13.29 -5.27 1.90
C GLN D 492 -12.47 -4.67 3.05
N PRO D 493 -13.10 -4.30 4.19
CA PRO D 493 -12.37 -3.76 5.33
C PRO D 493 -11.37 -4.76 5.90
N ALA D 494 -10.29 -4.26 6.48
CA ALA D 494 -9.28 -5.09 7.13
C ALA D 494 -8.65 -4.31 8.29
N VAL D 495 -8.27 -5.00 9.36
CA VAL D 495 -7.55 -4.38 10.45
C VAL D 495 -6.10 -4.12 10.04
N GLY D 496 -5.58 -2.95 10.41
CA GLY D 496 -4.16 -2.69 10.37
C GLY D 496 -3.71 -2.24 11.75
N ARG D 497 -2.43 -1.90 11.86
CA ARG D 497 -1.85 -1.55 13.15
C ARG D 497 -0.72 -0.55 12.91
N ALA D 498 -0.56 0.36 13.89
CA ALA D 498 0.55 1.30 13.95
C ALA D 498 0.66 2.10 12.65
N LEU D 499 -0.44 2.77 12.29
CA LEU D 499 -0.48 3.63 11.11
C LEU D 499 0.70 4.60 11.13
N LYS D 500 1.52 4.61 10.06
CA LYS D 500 2.56 5.59 9.87
C LYS D 500 3.51 5.66 11.07
N SER D 501 3.85 4.50 11.64
CA SER D 501 4.67 4.41 12.84
C SER D 501 5.97 5.21 12.74
N ARG D 502 6.70 5.00 11.65
CA ARG D 502 7.95 5.70 11.38
C ARG D 502 7.75 7.22 11.32
N ARG D 503 6.71 7.69 10.61
CA ARG D 503 6.50 9.11 10.46
C ARG D 503 6.12 9.73 11.80
N LEU D 504 5.29 9.02 12.59
CA LEU D 504 4.87 9.48 13.89
C LEU D 504 6.08 9.71 14.82
N GLN D 505 7.01 8.75 14.84
CA GLN D 505 8.25 8.89 15.60
C GLN D 505 9.07 10.08 15.09
N PHE D 506 9.13 10.27 13.77
CA PHE D 506 9.92 11.35 13.21
C PHE D 506 9.38 12.71 13.69
N TRP D 507 8.08 12.93 13.56
CA TRP D 507 7.47 14.22 13.91
C TRP D 507 7.47 14.47 15.41
N THR D 508 7.29 13.43 16.23
CA THR D 508 7.13 13.62 17.68
C THR D 508 8.47 13.52 18.42
N LYS D 509 9.47 12.83 17.86
CA LYS D 509 10.75 12.68 18.53
C LYS D 509 11.80 13.49 17.81
N THR D 510 12.21 13.02 16.62
CA THR D 510 13.34 13.60 15.90
C THR D 510 13.17 15.11 15.71
N LEU D 511 12.00 15.48 15.20
CA LEU D 511 11.77 16.84 14.80
C LEU D 511 11.65 17.77 15.99
N SER D 512 10.89 17.43 17.05
CA SER D 512 10.86 18.24 18.27
C SER D 512 12.23 18.34 18.95
N GLN D 513 13.00 17.25 18.96
CA GLN D 513 14.35 17.28 19.48
C GLN D 513 15.18 18.33 18.74
N LYS D 514 15.05 18.37 17.40
CA LYS D 514 15.79 19.36 16.63
C LYS D 514 15.26 20.79 16.81
N ILE D 515 13.96 20.97 17.03
CA ILE D 515 13.39 22.27 17.33
C ILE D 515 13.93 22.77 18.68
N GLN D 516 13.94 21.90 19.68
CA GLN D 516 14.42 22.19 21.03
C GLN D 516 15.91 22.53 21.03
N GLU D 517 16.73 21.73 20.31
CA GLU D 517 18.17 21.92 20.14
C GLU D 517 18.45 23.28 19.49
N LEU D 518 17.37 24.03 19.16
CA LEU D 518 17.45 25.38 18.58
C LEU D 518 16.78 26.40 19.51
N ARG D 519 15.70 25.98 20.19
CA ARG D 519 14.86 26.79 21.07
C ARG D 519 15.52 27.01 22.45
N ALA D 520 16.23 26.00 22.97
CA ALA D 520 16.97 26.13 24.21
C ALA D 520 18.15 27.09 24.08
N SER D 521 18.56 27.43 22.84
CA SER D 521 19.82 28.13 22.59
C SER D 521 21.00 27.15 22.63
C1 NAG E . 24.15 -13.93 15.47
C2 NAG E . 22.76 -13.90 16.10
C3 NAG E . 22.36 -15.31 16.51
C4 NAG E . 22.42 -16.28 15.34
C5 NAG E . 23.73 -16.12 14.55
C6 NAG E . 23.77 -16.83 13.21
C7 NAG E . 21.92 -11.79 17.00
C8 NAG E . 21.91 -10.83 18.14
N2 NAG E . 22.59 -12.93 17.16
O3 NAG E . 21.06 -15.30 17.07
O4 NAG E . 22.33 -17.63 15.84
O5 NAG E . 24.04 -14.74 14.30
O6 NAG E . 23.15 -18.13 13.22
O7 NAG E . 21.35 -11.53 15.94
C1 FUC E . 21.87 -18.63 12.51
C2 FUC E . 22.01 -18.14 11.06
C3 FUC E . 20.75 -18.43 10.31
C4 FUC E . 19.55 -17.81 11.03
C5 FUC E . 19.52 -18.31 12.47
C6 FUC E . 18.42 -17.71 13.31
O2 FUC E . 23.16 -18.73 10.46
O3 FUC E . 20.84 -17.91 8.98
O4 FUC E . 19.67 -16.40 11.00
O5 FUC E . 20.77 -17.97 13.12
C1 NAG F . 25.60 -47.30 -73.10
C2 NAG F . 27.13 -47.35 -73.22
C3 NAG F . 27.59 -48.77 -72.95
C4 NAG F . 27.17 -49.19 -71.55
C5 NAG F . 25.67 -48.96 -71.38
C6 NAG F . 25.23 -49.15 -69.94
C7 NAG F . 28.25 -45.65 -74.54
C8 NAG F . 28.76 -45.10 -73.24
N2 NAG F . 27.60 -46.82 -74.47
O3 NAG F . 29.01 -48.85 -73.08
O4 NAG F . 27.46 -50.58 -71.38
O5 NAG F . 25.28 -47.61 -71.76
O6 NAG F . 25.85 -50.33 -69.47
O7 NAG F . 28.36 -45.05 -75.60
C1 FUC F . 25.68 -50.51 -67.92
C2 FUC F . 26.18 -51.92 -67.66
C3 FUC F . 27.67 -52.00 -67.87
C4 FUC F . 28.41 -50.92 -67.08
C5 FUC F . 27.81 -49.54 -67.34
C6 FUC F . 28.38 -48.46 -66.45
O2 FUC F . 25.51 -52.86 -68.50
O3 FUC F . 28.13 -53.30 -67.51
O4 FUC F . 28.32 -51.20 -65.69
O5 FUC F . 26.39 -49.57 -67.09
C1 NAG G . 12.02 30.61 -3.98
C2 NAG G . 11.15 29.68 -4.84
C3 NAG G . 10.12 30.49 -5.61
C4 NAG G . 9.27 31.31 -4.63
C5 NAG G . 10.19 32.15 -3.76
C6 NAG G . 9.43 32.90 -2.69
C7 NAG G . 11.89 27.45 -5.49
C8 NAG G . 11.03 26.96 -4.35
N2 NAG G . 11.90 28.76 -5.68
O3 NAG G . 9.30 29.64 -6.41
O4 NAG G . 8.40 32.16 -5.35
O5 NAG G . 11.19 31.35 -3.10
O6 NAG G . 10.30 33.78 -1.99
O7 NAG G . 12.52 26.68 -6.21
#